data_6OIS
#
_entry.id   6OIS
#
_cell.length_a   1.0
_cell.length_b   1.0
_cell.length_c   1.0
_cell.angle_alpha   90.00
_cell.angle_beta   90.00
_cell.angle_gamma   90.00
#
_symmetry.space_group_name_H-M   'P 1'
#
loop_
_entity.id
_entity.type
_entity.pdbx_description
1 polymer 'Protein RDM1'
2 polymer 'Protein DEFECTIVE IN MERISTEM SILENCING 3'
#
loop_
_entity_poly.entity_id
_entity_poly.type
_entity_poly.pdbx_seq_one_letter_code
_entity_poly.pdbx_strand_id
1 'polypeptide(L)'
;MGSSHHHHHHSQDPSSMTMELRPSGDSGSSDVDAEISDGFSPLDTSHRDVADEGSLLRRAEMYQDYMKQVPIPTNRGSLI
PFTSWVGLSISMKQLYGQPLHYLTNVLLQRWDQSRFGTDSEEQRLDSIIHPTKAEATIWLVEEIHRLTPSHLHMALLWRS
DPMYHSFIDPIFPEK
;
A,B
2 'polypeptide(L)'
;MADLYPTGQQISFQTTPLNVQDPTRMMNLDQSSPVARNETQNGGGIAHAEFAMFNSKRLESDLEAMGNKIKQHEDNLKFL
KSQKNKMDEAIVDLQVHMSKLNSSPTPRSENSDNSLQGEDINAQILRHENSAAGVLSLVETLHGAQASQLMLTKGVVGVV
AKLGKVNDENLSQILSNYLGTRSMLAVVCRNYESVTALEAYDNHGNIDINAGLHCLGSSIGREIGDSFDAICLENLRPYV
GQHIADDLQRRLDLLKPKLPNGECPPGFLGFAVNMIQIDPAYLLCVTSYGYGLRETLFYNLFSRLQVYKTRADMISALPC
ISDGAVSLDGGIIRKTGIFNLGNRDEVNVRFAKPTASRTMDNYSEAEKKMKELKWKKEKTLEDIKREQVLREHAVFNFGK
KKEEFVRCLAQSSCTNQPMNTPRGTLESGKETAAAKFERQHMDSSTSAA
;
C,D,E,F
#
# COMPACT_ATOMS: atom_id res chain seq x y z
N ALA A 51 26.98 13.82 -8.11
CA ALA A 51 26.21 14.56 -9.11
C ALA A 51 24.80 14.00 -9.23
N ASP A 52 24.68 12.68 -9.13
CA ASP A 52 23.37 12.05 -9.20
C ASP A 52 22.58 12.25 -7.93
N GLU A 53 23.25 12.35 -6.78
CA GLU A 53 22.59 12.40 -5.49
C GLU A 53 21.79 13.69 -5.32
N GLY A 54 22.44 14.83 -5.54
CA GLY A 54 21.74 16.10 -5.44
C GLY A 54 20.69 16.30 -6.50
N SER A 55 20.93 15.75 -7.70
CA SER A 55 19.96 15.86 -8.78
C SER A 55 18.69 15.09 -8.45
N LEU A 56 18.83 13.84 -8.01
CA LEU A 56 17.67 13.04 -7.64
C LEU A 56 16.97 13.61 -6.41
N LEU A 57 17.71 14.22 -5.50
CA LEU A 57 17.07 14.83 -4.34
C LEU A 57 16.27 16.06 -4.74
N ARG A 58 16.79 16.83 -5.70
CA ARG A 58 16.07 18.01 -6.16
C ARG A 58 14.82 17.62 -6.95
N ARG A 59 14.93 16.59 -7.80
CA ARG A 59 13.78 16.10 -8.55
C ARG A 59 12.69 15.58 -7.62
N ALA A 60 13.09 14.87 -6.57
CA ALA A 60 12.12 14.36 -5.61
C ALA A 60 11.42 15.48 -4.88
N GLU A 61 12.16 16.54 -4.52
CA GLU A 61 11.55 17.66 -3.83
C GLU A 61 10.57 18.41 -4.73
N MET A 62 10.92 18.60 -6.00
CA MET A 62 10.04 19.31 -6.92
C MET A 62 8.77 18.52 -7.21
N TYR A 63 8.91 17.21 -7.45
CA TYR A 63 7.74 16.39 -7.74
C TYR A 63 6.84 16.27 -6.52
N GLN A 64 7.42 16.22 -5.32
CA GLN A 64 6.59 16.14 -4.14
C GLN A 64 5.88 17.46 -3.87
N ASP A 65 6.53 18.58 -4.24
CA ASP A 65 5.85 19.87 -4.14
C ASP A 65 4.66 19.95 -5.09
N TYR A 66 4.81 19.44 -6.31
CA TYR A 66 3.69 19.48 -7.25
C TYR A 66 2.56 18.56 -6.83
N MET A 67 2.88 17.33 -6.43
CA MET A 67 1.80 16.44 -6.02
C MET A 67 1.22 16.83 -4.68
N LYS A 68 1.92 17.65 -3.90
CA LYS A 68 1.29 18.30 -2.76
C LYS A 68 0.32 19.38 -3.22
N GLN A 69 0.64 20.04 -4.35
CA GLN A 69 -0.20 21.14 -4.82
C GLN A 69 -1.54 20.67 -5.37
N VAL A 70 -1.60 19.47 -5.94
CA VAL A 70 -2.79 19.03 -6.69
C VAL A 70 -3.93 18.70 -5.71
N PRO A 71 -5.14 19.18 -5.95
CA PRO A 71 -6.26 18.86 -5.06
C PRO A 71 -6.99 17.59 -5.47
N ILE A 72 -7.45 16.88 -4.46
CA ILE A 72 -8.29 15.70 -4.65
C ILE A 72 -9.66 16.16 -5.16
N PRO A 73 -10.33 15.44 -6.06
CA PRO A 73 -11.53 16.02 -6.69
C PRO A 73 -12.76 15.95 -5.82
N THR A 74 -13.74 16.75 -6.23
CA THR A 74 -14.92 17.00 -5.40
C THR A 74 -15.91 15.85 -5.47
N ASN A 75 -16.30 15.46 -6.67
CA ASN A 75 -17.30 14.41 -6.87
C ASN A 75 -16.61 13.07 -7.09
N ARG A 76 -17.08 12.05 -6.39
CA ARG A 76 -16.51 10.72 -6.51
C ARG A 76 -17.56 9.66 -6.79
N GLY A 77 -18.77 10.04 -7.16
CA GLY A 77 -19.78 9.04 -7.40
C GLY A 77 -19.63 8.46 -8.78
N SER A 78 -18.99 7.31 -8.87
CA SER A 78 -18.75 6.64 -10.14
C SER A 78 -18.58 5.16 -9.85
N LEU A 79 -18.59 4.37 -10.92
CA LEU A 79 -18.54 2.91 -10.80
C LEU A 79 -17.92 2.38 -12.09
N ILE A 80 -16.62 2.14 -12.07
CA ILE A 80 -15.89 1.68 -13.24
C ILE A 80 -15.77 0.17 -13.17
N PRO A 81 -16.30 -0.59 -14.12
CA PRO A 81 -15.96 -2.01 -14.19
C PRO A 81 -14.53 -2.18 -14.67
N PHE A 82 -13.81 -3.11 -14.04
CA PHE A 82 -12.37 -3.18 -14.19
C PHE A 82 -11.89 -4.60 -14.02
N THR A 83 -10.78 -4.92 -14.68
CA THR A 83 -10.22 -6.26 -14.66
C THR A 83 -9.06 -6.37 -13.68
N SER A 84 -8.17 -5.37 -13.69
CA SER A 84 -7.00 -5.34 -12.84
C SER A 84 -6.94 -4.00 -12.15
N TRP A 85 -5.99 -3.84 -11.22
CA TRP A 85 -5.85 -2.56 -10.53
C TRP A 85 -5.35 -1.47 -11.45
N VAL A 86 -4.36 -1.79 -12.30
CA VAL A 86 -3.81 -0.81 -13.21
C VAL A 86 -4.84 -0.44 -14.28
N GLY A 87 -5.76 -1.35 -14.58
CA GLY A 87 -6.87 -1.00 -15.45
C GLY A 87 -7.79 0.05 -14.84
N LEU A 88 -8.07 -0.09 -13.54
CA LEU A 88 -8.90 0.91 -12.87
C LEU A 88 -8.16 2.23 -12.76
N SER A 89 -6.86 2.20 -12.53
CA SER A 89 -6.12 3.46 -12.43
C SER A 89 -6.05 4.16 -13.77
N ILE A 90 -5.84 3.41 -14.87
CA ILE A 90 -5.77 4.02 -16.19
C ILE A 90 -7.13 4.56 -16.61
N SER A 91 -8.21 3.88 -16.20
CA SER A 91 -9.53 4.44 -16.45
C SER A 91 -9.79 5.69 -15.60
N MET A 92 -9.32 5.69 -14.37
CA MET A 92 -9.67 6.76 -13.46
C MET A 92 -8.76 7.98 -13.64
N LYS A 93 -7.66 7.83 -14.36
CA LYS A 93 -6.90 8.97 -14.85
C LYS A 93 -7.53 9.60 -16.08
N GLN A 94 -8.58 9.00 -16.62
CA GLN A 94 -9.24 9.53 -17.80
C GLN A 94 -10.62 10.09 -17.49
N LEU A 95 -11.36 9.48 -16.55
CA LEU A 95 -12.60 10.14 -16.14
C LEU A 95 -12.33 11.39 -15.33
N TYR A 96 -11.22 11.43 -14.62
CA TYR A 96 -10.79 12.58 -13.85
C TYR A 96 -9.52 13.10 -14.50
N GLY A 97 -9.39 14.40 -14.60
CA GLY A 97 -8.16 14.90 -15.19
C GLY A 97 -7.06 15.08 -14.16
N GLN A 98 -6.62 14.01 -13.50
CA GLN A 98 -5.64 14.14 -12.44
C GLN A 98 -4.64 13.00 -12.48
N PRO A 99 -3.35 13.28 -12.34
CA PRO A 99 -2.37 12.20 -12.22
C PRO A 99 -2.46 11.55 -10.86
N LEU A 100 -1.84 10.38 -10.76
CA LEU A 100 -1.67 9.69 -9.49
C LEU A 100 -0.22 9.84 -9.04
N HIS A 101 0.04 9.52 -7.78
CA HIS A 101 1.40 9.68 -7.26
C HIS A 101 2.27 8.54 -7.77
N TYR A 102 3.59 8.71 -7.63
CA TYR A 102 4.53 7.65 -7.95
C TYR A 102 4.32 6.44 -7.07
N LEU A 103 4.16 6.69 -5.77
CA LEU A 103 3.97 5.62 -4.80
C LEU A 103 2.66 4.89 -5.03
N THR A 104 1.65 5.59 -5.54
CA THR A 104 0.38 4.94 -5.82
C THR A 104 0.48 4.01 -7.03
N ASN A 105 1.17 4.45 -8.09
CA ASN A 105 1.34 3.59 -9.26
C ASN A 105 2.18 2.37 -8.92
N VAL A 106 3.23 2.55 -8.10
CA VAL A 106 4.08 1.43 -7.73
C VAL A 106 3.30 0.45 -6.85
N LEU A 107 2.48 0.96 -5.93
CA LEU A 107 1.67 0.09 -5.08
C LEU A 107 0.62 -0.66 -5.88
N LEU A 108 0.05 -0.02 -6.91
CA LEU A 108 -0.97 -0.72 -7.67
C LEU A 108 -0.37 -1.79 -8.56
N GLN A 109 0.83 -1.54 -9.09
CA GLN A 109 1.52 -2.60 -9.83
C GLN A 109 1.90 -3.76 -8.92
N ARG A 110 2.26 -3.48 -7.67
CA ARG A 110 2.58 -4.58 -6.77
C ARG A 110 1.34 -5.32 -6.31
N TRP A 111 0.21 -4.63 -6.14
CA TRP A 111 -1.04 -5.32 -5.85
C TRP A 111 -1.49 -6.17 -7.03
N ASP A 112 -1.18 -5.74 -8.24
CA ASP A 112 -1.54 -6.54 -9.40
C ASP A 112 -0.65 -7.77 -9.52
N GLN A 113 0.64 -7.63 -9.21
CA GLN A 113 1.53 -8.79 -9.26
C GLN A 113 1.32 -9.72 -8.09
N SER A 114 0.68 -9.25 -7.02
CA SER A 114 0.44 -10.09 -5.86
C SER A 114 -0.68 -11.10 -6.09
N ARG A 115 -1.37 -11.04 -7.22
CA ARG A 115 -2.48 -11.96 -7.47
C ARG A 115 -2.06 -13.09 -8.39
N PHE A 116 -0.91 -12.99 -9.04
CA PHE A 116 -0.46 -14.01 -9.98
C PHE A 116 -0.13 -15.30 -9.24
N GLY A 117 -0.12 -16.39 -9.99
CA GLY A 117 0.13 -17.68 -9.37
C GLY A 117 -1.11 -18.54 -9.30
N THR A 118 -1.72 -18.57 -8.11
CA THR A 118 -2.91 -19.37 -7.87
C THR A 118 -4.05 -18.92 -8.76
N ASP A 119 -4.84 -19.88 -9.25
CA ASP A 119 -5.86 -19.62 -10.24
C ASP A 119 -7.06 -18.84 -9.69
N SER A 120 -6.81 -17.59 -9.30
CA SER A 120 -7.83 -16.58 -9.12
C SER A 120 -7.63 -15.45 -10.12
N GLU A 121 -6.65 -15.58 -11.02
CA GLU A 121 -6.54 -14.67 -12.15
C GLU A 121 -7.76 -14.77 -13.06
N GLU A 122 -8.25 -15.98 -13.27
CA GLU A 122 -9.46 -16.22 -14.03
C GLU A 122 -10.72 -15.80 -13.28
N GLN A 123 -10.63 -15.64 -11.97
CA GLN A 123 -11.69 -14.98 -11.19
C GLN A 123 -11.61 -13.49 -11.48
N ARG A 124 -12.70 -12.93 -12.01
CA ARG A 124 -12.70 -11.52 -12.37
C ARG A 124 -12.72 -10.67 -11.12
N LEU A 125 -11.94 -9.60 -11.12
CA LEU A 125 -11.57 -8.95 -9.87
C LEU A 125 -12.74 -8.16 -9.29
N ASP A 126 -13.58 -7.57 -10.14
CA ASP A 126 -14.65 -6.75 -9.63
C ASP A 126 -15.77 -7.59 -9.03
N SER A 127 -15.73 -8.91 -9.22
CA SER A 127 -16.59 -9.79 -8.46
C SER A 127 -16.13 -9.88 -7.01
N ILE A 128 -14.82 -9.81 -6.79
CA ILE A 128 -14.29 -9.87 -5.43
C ILE A 128 -14.48 -8.53 -4.73
N ILE A 129 -14.20 -7.44 -5.44
CA ILE A 129 -14.17 -6.10 -4.87
C ILE A 129 -15.15 -5.23 -5.66
N HIS A 130 -16.15 -4.71 -4.98
CA HIS A 130 -17.09 -3.77 -5.57
C HIS A 130 -16.33 -2.52 -6.00
N PRO A 131 -16.52 -2.03 -7.23
CA PRO A 131 -15.65 -0.93 -7.71
C PRO A 131 -15.80 0.41 -7.00
N THR A 132 -16.89 0.63 -6.26
CA THR A 132 -16.93 1.78 -5.37
C THR A 132 -15.88 1.66 -4.28
N LYS A 133 -15.71 0.46 -3.73
CA LYS A 133 -14.68 0.23 -2.73
C LYS A 133 -13.29 0.41 -3.31
N ALA A 134 -13.09 -0.06 -4.55
CA ALA A 134 -11.75 0.03 -5.13
C ALA A 134 -11.39 1.48 -5.46
N GLU A 135 -12.36 2.27 -5.94
CA GLU A 135 -12.07 3.69 -6.11
C GLU A 135 -11.86 4.40 -4.79
N ALA A 136 -12.58 4.00 -3.76
CA ALA A 136 -12.38 4.61 -2.44
C ALA A 136 -10.97 4.33 -1.93
N THR A 137 -10.47 3.11 -2.13
CA THR A 137 -9.10 2.79 -1.74
C THR A 137 -8.09 3.59 -2.53
N ILE A 138 -8.31 3.76 -3.83
CA ILE A 138 -7.26 4.44 -4.58
C ILE A 138 -7.28 5.94 -4.30
N TRP A 139 -8.44 6.53 -4.04
CA TRP A 139 -8.41 7.96 -3.68
C TRP A 139 -7.84 8.18 -2.29
N LEU A 140 -8.15 7.31 -1.33
CA LEU A 140 -7.63 7.53 0.02
C LEU A 140 -6.14 7.25 0.08
N VAL A 141 -5.67 6.21 -0.62
CA VAL A 141 -4.24 5.93 -0.66
C VAL A 141 -3.50 7.02 -1.43
N GLU A 142 -4.13 7.64 -2.43
CA GLU A 142 -3.47 8.73 -3.12
C GLU A 142 -3.41 9.98 -2.26
N GLU A 143 -4.43 10.24 -1.44
CA GLU A 143 -4.37 11.36 -0.52
C GLU A 143 -3.26 11.17 0.50
N ILE A 144 -3.08 9.94 0.99
CA ILE A 144 -1.97 9.64 1.89
C ILE A 144 -0.64 9.86 1.20
N HIS A 145 -0.51 9.40 -0.04
CA HIS A 145 0.78 9.59 -0.70
C HIS A 145 0.99 11.03 -1.17
N ARG A 146 -0.05 11.84 -1.23
CA ARG A 146 0.18 13.23 -1.60
C ARG A 146 0.61 14.06 -0.40
N LEU A 147 -0.11 13.94 0.71
CA LEU A 147 0.13 14.83 1.83
C LEU A 147 1.39 14.45 2.60
N THR A 148 1.44 13.25 3.15
CA THR A 148 2.44 12.91 4.15
C THR A 148 3.91 12.74 3.73
N PRO A 149 4.29 11.99 2.68
CA PRO A 149 5.66 11.48 2.61
C PRO A 149 6.72 12.54 2.39
N SER A 150 7.95 12.16 2.67
CA SER A 150 9.10 13.03 2.52
C SER A 150 9.71 12.83 1.15
N HIS A 151 10.61 13.73 0.78
CA HIS A 151 11.32 13.55 -0.47
C HIS A 151 12.61 12.76 -0.30
N LEU A 152 13.04 12.50 0.92
CA LEU A 152 14.27 11.72 1.13
C LEU A 152 14.02 10.25 0.84
N HIS A 153 12.92 9.71 1.36
CA HIS A 153 12.52 8.33 1.08
C HIS A 153 12.29 8.11 -0.40
N MET A 154 11.67 9.08 -1.05
CA MET A 154 11.36 8.95 -2.46
C MET A 154 12.61 9.11 -3.30
N ALA A 155 13.56 9.92 -2.85
CA ALA A 155 14.82 10.03 -3.54
C ALA A 155 15.62 8.74 -3.44
N LEU A 156 15.52 8.06 -2.29
CA LEU A 156 16.14 6.74 -2.15
C LEU A 156 15.51 5.73 -3.11
N LEU A 157 14.17 5.74 -3.21
CA LEU A 157 13.47 4.83 -4.11
C LEU A 157 13.81 5.11 -5.57
N TRP A 158 13.98 6.38 -5.93
CA TRP A 158 14.38 6.68 -7.30
C TRP A 158 15.84 6.33 -7.54
N ARG A 159 16.66 6.38 -6.50
CA ARG A 159 18.05 5.97 -6.64
C ARG A 159 18.15 4.46 -6.86
N SER A 160 17.15 3.71 -6.38
CA SER A 160 17.12 2.27 -6.61
C SER A 160 17.02 1.93 -8.09
N ASP A 161 16.04 2.49 -8.79
CA ASP A 161 15.85 2.14 -10.19
C ASP A 161 15.90 3.35 -11.11
N PRO A 162 16.64 3.30 -12.21
CA PRO A 162 16.43 4.26 -13.28
C PRO A 162 15.18 3.86 -14.06
N MET A 163 14.83 4.71 -15.02
CA MET A 163 13.61 4.59 -15.82
C MET A 163 12.40 4.53 -14.88
N TYR A 164 12.35 5.49 -13.97
CA TYR A 164 11.30 5.61 -12.97
C TYR A 164 10.16 6.47 -13.44
N HIS A 165 10.23 6.98 -14.67
CA HIS A 165 9.19 7.81 -15.25
C HIS A 165 7.99 7.01 -15.72
N SER A 166 8.06 5.69 -15.65
CA SER A 166 6.93 4.84 -16.03
C SER A 166 5.79 4.91 -15.04
N PHE A 167 5.99 5.59 -13.91
CA PHE A 167 4.95 5.74 -12.91
C PHE A 167 4.53 7.19 -12.73
N ILE A 168 5.29 8.13 -13.26
CA ILE A 168 4.91 9.53 -13.28
C ILE A 168 3.99 9.78 -14.46
N ASP A 169 2.83 10.37 -14.20
CA ASP A 169 1.89 10.55 -15.30
C ASP A 169 2.20 11.84 -16.06
N PRO A 170 1.96 11.85 -17.38
CA PRO A 170 2.12 13.08 -18.15
C PRO A 170 0.98 14.04 -17.98
N ILE A 171 -0.18 13.59 -17.52
CA ILE A 171 -1.36 14.44 -17.48
C ILE A 171 -1.24 15.43 -16.35
N PHE A 172 -1.84 16.61 -16.54
CA PHE A 172 -1.89 17.62 -15.50
C PHE A 172 -3.10 18.51 -15.74
N PRO A 173 -3.83 18.91 -14.69
CA PRO A 173 -5.03 19.73 -14.79
C PRO A 173 -4.80 21.11 -15.40
N ALA B 51 13.82 -28.59 1.06
CA ALA B 51 13.26 -28.79 2.39
C ALA B 51 12.77 -27.46 2.95
N ASP B 52 13.42 -26.38 2.53
CA ASP B 52 13.03 -25.04 2.98
C ASP B 52 11.79 -24.56 2.26
N GLU B 53 11.80 -24.64 0.93
CA GLU B 53 10.77 -24.00 0.12
C GLU B 53 9.43 -24.70 0.22
N GLY B 54 9.41 -26.02 0.44
CA GLY B 54 8.15 -26.70 0.64
C GLY B 54 7.50 -26.32 1.96
N SER B 55 8.31 -26.19 3.01
CA SER B 55 7.80 -25.73 4.29
C SER B 55 7.28 -24.30 4.20
N LEU B 56 8.00 -23.44 3.47
CA LEU B 56 7.54 -22.06 3.29
C LEU B 56 6.23 -21.99 2.53
N LEU B 57 6.11 -22.76 1.45
CA LEU B 57 4.89 -22.74 0.65
C LEU B 57 3.70 -23.29 1.42
N ARG B 58 3.90 -24.35 2.20
CA ARG B 58 2.76 -24.91 2.91
C ARG B 58 2.34 -24.02 4.08
N ARG B 59 3.32 -23.37 4.73
CA ARG B 59 2.98 -22.40 5.77
C ARG B 59 2.25 -21.19 5.20
N ALA B 60 2.69 -20.70 4.03
CA ALA B 60 2.04 -19.54 3.43
C ALA B 60 0.63 -19.87 2.99
N GLU B 61 0.41 -21.09 2.48
CA GLU B 61 -0.93 -21.50 2.10
C GLU B 61 -1.86 -21.59 3.30
N MET B 62 -1.36 -22.15 4.40
CA MET B 62 -2.16 -22.23 5.62
C MET B 62 -2.49 -20.86 6.19
N TYR B 63 -1.51 -19.96 6.19
CA TYR B 63 -1.73 -18.62 6.72
C TYR B 63 -2.69 -17.83 5.86
N GLN B 64 -2.58 -17.96 4.53
CA GLN B 64 -3.47 -17.25 3.63
C GLN B 64 -4.89 -17.75 3.76
N ASP B 65 -5.07 -19.05 3.95
CA ASP B 65 -6.40 -19.59 4.18
C ASP B 65 -7.00 -19.08 5.48
N TYR B 66 -6.16 -18.97 6.51
CA TYR B 66 -6.68 -18.46 7.78
C TYR B 66 -7.05 -16.99 7.69
N MET B 67 -6.27 -16.20 6.96
CA MET B 67 -6.62 -14.79 6.85
C MET B 67 -7.81 -14.56 5.93
N LYS B 68 -8.01 -15.40 4.92
CA LYS B 68 -9.21 -15.28 4.10
C LYS B 68 -10.44 -15.69 4.89
N GLN B 69 -10.27 -16.56 5.89
CA GLN B 69 -11.38 -16.94 6.75
C GLN B 69 -11.91 -15.79 7.60
N VAL B 70 -11.07 -14.80 7.91
CA VAL B 70 -11.40 -13.82 8.94
C VAL B 70 -12.36 -12.79 8.35
N PRO B 71 -13.46 -12.47 9.02
CA PRO B 71 -14.35 -11.40 8.55
C PRO B 71 -13.83 -10.03 8.96
N ILE B 72 -14.33 -9.02 8.25
CA ILE B 72 -14.00 -7.62 8.53
C ILE B 72 -15.22 -7.09 9.31
N PRO B 73 -15.03 -6.28 10.35
CA PRO B 73 -16.15 -6.03 11.27
C PRO B 73 -17.18 -5.07 10.72
N THR B 74 -18.37 -5.14 11.32
CA THR B 74 -19.51 -4.36 10.83
C THR B 74 -19.40 -2.91 11.26
N ASN B 75 -19.33 -2.66 12.55
CA ASN B 75 -19.30 -1.30 13.07
C ASN B 75 -17.88 -0.78 13.04
N ARG B 76 -17.64 0.24 12.22
CA ARG B 76 -16.29 0.79 12.10
C ARG B 76 -16.28 2.29 12.37
N GLY B 77 -17.25 2.78 13.15
CA GLY B 77 -17.30 4.18 13.50
C GLY B 77 -16.60 4.49 14.80
N SER B 78 -15.37 4.96 14.72
CA SER B 78 -14.57 5.29 15.89
C SER B 78 -13.55 6.33 15.48
N LEU B 79 -13.02 7.05 16.47
CA LEU B 79 -12.03 8.08 16.22
C LEU B 79 -10.85 7.79 17.13
N ILE B 80 -9.72 7.45 16.53
CA ILE B 80 -8.51 7.07 17.25
C ILE B 80 -7.47 8.15 17.01
N PRO B 81 -7.25 9.07 17.96
CA PRO B 81 -6.15 10.04 17.81
C PRO B 81 -4.82 9.31 17.87
N PHE B 82 -3.98 9.58 16.90
CA PHE B 82 -2.82 8.74 16.67
C PHE B 82 -1.66 9.59 16.24
N THR B 83 -0.46 9.04 16.37
CA THR B 83 0.76 9.77 16.05
C THR B 83 1.47 9.21 14.84
N SER B 84 1.61 7.89 14.75
CA SER B 84 2.20 7.23 13.61
C SER B 84 1.22 6.19 13.10
N TRP B 85 1.54 5.58 11.95
CA TRP B 85 0.66 4.57 11.39
C TRP B 85 0.63 3.32 12.25
N VAL B 86 1.78 2.94 12.79
CA VAL B 86 1.87 1.73 13.59
C VAL B 86 1.12 1.90 14.90
N GLY B 87 1.09 3.13 15.43
CA GLY B 87 0.29 3.39 16.61
C GLY B 87 -1.20 3.23 16.35
N LEU B 88 -1.65 3.63 15.17
CA LEU B 88 -3.04 3.40 14.80
C LEU B 88 -3.32 1.92 14.66
N SER B 89 -2.39 1.19 14.04
CA SER B 89 -2.60 -0.24 13.84
C SER B 89 -2.65 -0.98 15.16
N ILE B 90 -1.79 -0.60 16.11
CA ILE B 90 -1.78 -1.24 17.42
C ILE B 90 -3.05 -0.92 18.19
N SER B 91 -3.47 0.36 18.19
CA SER B 91 -4.70 0.72 18.89
C SER B 91 -5.94 0.10 18.25
N MET B 92 -5.87 -0.16 16.95
CA MET B 92 -7.02 -0.70 16.26
C MET B 92 -7.07 -2.22 16.37
N LYS B 93 -5.92 -2.87 16.52
CA LYS B 93 -5.89 -4.26 16.97
C LYS B 93 -6.36 -4.42 18.39
N GLN B 94 -6.15 -3.41 19.23
CA GLN B 94 -6.60 -3.57 20.61
C GLN B 94 -8.10 -3.31 20.75
N LEU B 95 -8.66 -2.34 20.02
CA LEU B 95 -10.11 -2.16 20.09
C LEU B 95 -10.86 -3.28 19.40
N TYR B 96 -10.48 -3.59 18.17
CA TYR B 96 -11.07 -4.67 17.40
C TYR B 96 -10.19 -5.88 17.57
N GLY B 97 -10.68 -6.90 18.25
CA GLY B 97 -9.84 -8.06 18.51
C GLY B 97 -9.60 -8.91 17.29
N GLN B 98 -8.85 -8.38 16.33
CA GLN B 98 -8.58 -9.03 15.06
C GLN B 98 -7.15 -8.75 14.67
N PRO B 99 -6.49 -9.69 14.01
CA PRO B 99 -5.16 -9.42 13.48
C PRO B 99 -5.24 -8.56 12.24
N LEU B 100 -4.09 -8.09 11.81
CA LEU B 100 -3.95 -7.55 10.47
C LEU B 100 -3.15 -8.54 9.64
N HIS B 101 -3.08 -8.31 8.33
CA HIS B 101 -2.34 -9.22 7.49
C HIS B 101 -0.84 -9.00 7.67
N TYR B 102 -0.06 -9.87 7.06
CA TYR B 102 1.38 -9.63 6.97
C TYR B 102 1.66 -8.43 6.06
N LEU B 103 1.02 -8.42 4.89
CA LEU B 103 1.28 -7.38 3.91
C LEU B 103 0.79 -6.02 4.38
N THR B 104 -0.29 -6.00 5.17
CA THR B 104 -0.76 -4.75 5.75
C THR B 104 0.25 -4.17 6.71
N ASN B 105 0.85 -5.01 7.55
CA ASN B 105 1.82 -4.51 8.53
C ASN B 105 3.11 -4.07 7.86
N VAL B 106 3.52 -4.77 6.79
CA VAL B 106 4.66 -4.32 6.00
C VAL B 106 4.37 -2.95 5.38
N LEU B 107 3.17 -2.78 4.84
CA LEU B 107 2.80 -1.52 4.20
C LEU B 107 2.70 -0.38 5.19
N LEU B 108 2.20 -0.64 6.38
CA LEU B 108 2.08 0.43 7.38
C LEU B 108 3.45 0.83 7.91
N GLN B 109 4.35 -0.14 8.09
CA GLN B 109 5.72 0.21 8.47
C GLN B 109 6.42 1.00 7.37
N ARG B 110 6.17 0.67 6.10
CA ARG B 110 6.85 1.42 5.06
C ARG B 110 6.26 2.82 4.90
N TRP B 111 4.96 2.98 5.13
CA TRP B 111 4.38 4.32 5.23
C TRP B 111 4.99 5.11 6.37
N ASP B 112 5.22 4.45 7.50
CA ASP B 112 5.72 5.13 8.66
C ASP B 112 7.20 5.49 8.50
N GLN B 113 7.94 4.71 7.73
CA GLN B 113 9.33 5.05 7.43
C GLN B 113 9.43 6.08 6.34
N SER B 114 8.41 6.20 5.50
CA SER B 114 8.43 7.18 4.44
C SER B 114 8.33 8.60 4.95
N ARG B 115 7.86 8.79 6.17
CA ARG B 115 7.67 10.12 6.73
C ARG B 115 8.95 10.64 7.39
N PHE B 116 9.93 9.77 7.65
CA PHE B 116 11.20 10.20 8.19
C PHE B 116 11.96 11.04 7.16
N GLY B 117 12.86 11.87 7.65
CA GLY B 117 13.56 12.72 6.70
C GLY B 117 13.19 14.18 6.85
N THR B 118 12.35 14.66 5.94
CA THR B 118 11.80 16.02 5.98
C THR B 118 11.14 16.27 7.32
N ASP B 119 11.30 17.50 7.84
CA ASP B 119 10.80 17.85 9.17
C ASP B 119 9.26 17.91 9.20
N SER B 120 8.65 16.74 9.00
CA SER B 120 7.22 16.55 9.07
C SER B 120 6.85 15.70 10.27
N GLU B 121 7.84 15.11 10.96
CA GLU B 121 7.58 14.43 12.22
C GLU B 121 7.11 15.40 13.28
N GLU B 122 7.58 16.65 13.21
CA GLU B 122 7.12 17.69 14.12
C GLU B 122 5.65 18.04 13.88
N GLN B 123 5.15 17.82 12.65
CA GLN B 123 3.71 17.86 12.44
C GLN B 123 3.10 16.57 12.94
N ARG B 124 2.16 16.69 13.87
CA ARG B 124 1.40 15.55 14.35
C ARG B 124 0.53 15.00 13.22
N LEU B 125 0.57 13.69 13.00
CA LEU B 125 -0.09 13.12 11.82
C LEU B 125 -1.60 13.13 12.00
N ASP B 126 -2.06 13.24 13.23
CA ASP B 126 -3.46 13.50 13.52
C ASP B 126 -3.94 14.78 12.84
N SER B 127 -3.09 15.79 12.76
CA SER B 127 -3.50 17.06 12.17
C SER B 127 -3.47 17.00 10.65
N ILE B 128 -2.63 16.14 10.06
CA ILE B 128 -2.53 16.10 8.61
C ILE B 128 -3.69 15.32 8.02
N ILE B 129 -3.97 14.15 8.58
CA ILE B 129 -5.03 13.27 8.09
C ILE B 129 -6.01 13.02 9.23
N HIS B 130 -7.29 13.27 8.98
CA HIS B 130 -8.33 13.00 9.96
C HIS B 130 -8.37 11.50 10.25
N PRO B 131 -8.45 11.09 11.52
CA PRO B 131 -8.31 9.67 11.84
C PRO B 131 -9.41 8.75 11.33
N THR B 132 -10.64 9.27 11.13
CA THR B 132 -11.68 8.44 10.52
C THR B 132 -11.32 8.07 9.10
N LYS B 133 -10.69 9.01 8.38
CA LYS B 133 -10.21 8.75 7.04
C LYS B 133 -9.15 7.66 7.02
N ALA B 134 -8.14 7.78 7.89
CA ALA B 134 -7.03 6.83 7.85
C ALA B 134 -7.46 5.46 8.36
N GLU B 135 -8.38 5.42 9.32
CA GLU B 135 -8.92 4.15 9.77
C GLU B 135 -9.69 3.46 8.66
N ALA B 136 -10.43 4.22 7.86
CA ALA B 136 -11.08 3.66 6.68
C ALA B 136 -10.07 3.15 5.65
N THR B 137 -8.94 3.86 5.49
CA THR B 137 -7.90 3.39 4.58
C THR B 137 -7.35 2.04 5.02
N ILE B 138 -7.08 1.91 6.31
CA ILE B 138 -6.46 0.67 6.78
C ILE B 138 -7.44 -0.49 6.72
N TRP B 139 -8.74 -0.23 6.98
CA TRP B 139 -9.71 -1.32 6.84
C TRP B 139 -9.86 -1.77 5.40
N LEU B 140 -9.92 -0.83 4.47
CA LEU B 140 -10.11 -1.24 3.08
C LEU B 140 -8.85 -1.89 2.50
N VAL B 141 -7.66 -1.43 2.89
CA VAL B 141 -6.44 -2.08 2.43
C VAL B 141 -6.29 -3.45 3.06
N GLU B 142 -6.79 -3.64 4.29
CA GLU B 142 -6.79 -4.97 4.88
C GLU B 142 -7.72 -5.90 4.13
N GLU B 143 -8.88 -5.40 3.69
CA GLU B 143 -9.79 -6.25 2.93
C GLU B 143 -9.18 -6.65 1.58
N ILE B 144 -8.42 -5.73 0.98
CA ILE B 144 -7.69 -6.05 -0.25
C ILE B 144 -6.66 -7.14 -0.01
N HIS B 145 -5.86 -7.01 1.05
CA HIS B 145 -4.84 -8.00 1.31
C HIS B 145 -5.39 -9.31 1.84
N ARG B 146 -6.62 -9.33 2.34
CA ARG B 146 -7.19 -10.60 2.77
C ARG B 146 -7.77 -11.37 1.59
N LEU B 147 -8.68 -10.77 0.83
CA LEU B 147 -9.31 -11.54 -0.28
C LEU B 147 -8.43 -11.84 -1.51
N THR B 148 -7.72 -10.83 -2.06
CA THR B 148 -7.00 -10.93 -3.37
C THR B 148 -5.74 -11.81 -3.48
N PRO B 149 -4.77 -11.81 -2.55
CA PRO B 149 -3.46 -12.47 -2.77
C PRO B 149 -3.26 -13.99 -2.94
N SER B 150 -2.25 -14.40 -3.72
CA SER B 150 -1.89 -15.80 -3.82
C SER B 150 -0.71 -16.08 -2.91
N HIS B 151 -0.70 -17.29 -2.35
CA HIS B 151 0.30 -17.63 -1.35
C HIS B 151 1.70 -17.83 -1.93
N LEU B 152 1.83 -17.95 -3.24
CA LEU B 152 3.15 -18.16 -3.83
C LEU B 152 4.01 -16.91 -3.72
N HIS B 153 3.43 -15.76 -4.04
CA HIS B 153 4.13 -14.48 -3.91
C HIS B 153 4.48 -14.16 -2.48
N MET B 154 3.57 -14.50 -1.56
CA MET B 154 3.80 -14.24 -0.16
C MET B 154 4.87 -15.15 0.41
N ALA B 155 4.94 -16.39 -0.09
CA ALA B 155 6.02 -17.29 0.30
C ALA B 155 7.36 -16.83 -0.27
N LEU B 156 7.34 -16.22 -1.45
CA LEU B 156 8.56 -15.61 -1.99
C LEU B 156 9.05 -14.48 -1.08
N LEU B 157 8.11 -13.65 -0.60
CA LEU B 157 8.50 -12.57 0.30
C LEU B 157 8.97 -13.09 1.65
N TRP B 158 8.39 -14.19 2.13
CA TRP B 158 8.87 -14.77 3.38
C TRP B 158 10.24 -15.39 3.21
N ARG B 159 10.54 -15.94 2.02
CA ARG B 159 11.86 -16.47 1.77
C ARG B 159 12.91 -15.37 1.69
N SER B 160 12.50 -14.18 1.25
CA SER B 160 13.49 -13.10 1.08
C SER B 160 14.04 -12.58 2.41
N ASP B 161 13.31 -12.73 3.52
CA ASP B 161 13.87 -12.33 4.81
C ASP B 161 13.40 -13.26 5.93
N PRO B 162 14.30 -13.69 6.81
CA PRO B 162 13.89 -14.49 7.96
C PRO B 162 13.21 -13.60 8.99
N MET B 163 12.74 -14.25 10.06
CA MET B 163 12.07 -13.61 11.19
C MET B 163 10.85 -12.82 10.71
N TYR B 164 10.00 -13.52 9.96
CA TYR B 164 8.81 -12.93 9.40
C TYR B 164 7.65 -12.96 10.36
N HIS B 165 7.85 -13.48 11.56
CA HIS B 165 6.82 -13.50 12.57
C HIS B 165 6.72 -12.20 13.33
N SER B 166 7.61 -11.23 13.04
CA SER B 166 7.50 -9.92 13.65
C SER B 166 6.25 -9.19 13.21
N PHE B 167 5.72 -9.55 12.04
CA PHE B 167 4.59 -8.85 11.45
C PHE B 167 3.29 -9.62 11.59
N ILE B 168 3.37 -10.93 11.78
CA ILE B 168 2.19 -11.77 11.95
C ILE B 168 1.68 -11.64 13.38
N ASP B 169 0.41 -11.33 13.53
CA ASP B 169 -0.16 -10.99 14.82
C ASP B 169 -0.63 -12.26 15.54
N PRO B 170 -0.32 -12.39 16.83
CA PRO B 170 -0.88 -13.47 17.63
C PRO B 170 -2.30 -13.23 18.12
N ILE B 171 -3.00 -12.25 17.60
CA ILE B 171 -4.34 -11.96 18.07
C ILE B 171 -5.34 -12.84 17.35
N PHE B 172 -6.13 -13.58 18.11
CA PHE B 172 -7.11 -14.49 17.54
C PHE B 172 -8.50 -13.91 17.69
N PRO B 173 -9.29 -13.88 16.61
CA PRO B 173 -10.66 -13.34 16.71
C PRO B 173 -11.60 -14.18 17.53
N GLU B 174 -11.24 -15.44 17.81
CA GLU B 174 -12.06 -16.29 18.64
C GLU B 174 -12.10 -15.75 20.06
N LYS B 175 -13.28 -15.81 20.68
CA LYS B 175 -13.58 -15.34 22.03
C LYS B 175 -13.22 -13.86 22.22
N ASN C 55 -0.64 39.64 13.22
CA ASN C 55 0.61 40.36 13.46
C ASN C 55 1.21 40.83 12.14
N SER C 56 1.73 42.06 12.12
CA SER C 56 2.38 42.56 10.92
C SER C 56 3.76 41.95 10.74
N LYS C 57 4.45 41.65 11.84
CA LYS C 57 5.80 41.12 11.74
C LYS C 57 5.80 39.68 11.21
N ARG C 58 4.79 38.89 11.62
CA ARG C 58 4.65 37.54 11.08
C ARG C 58 4.39 37.56 9.59
N LEU C 59 3.53 38.46 9.13
CA LEU C 59 3.23 38.55 7.71
C LEU C 59 4.43 39.06 6.92
N GLU C 60 5.24 39.93 7.52
CA GLU C 60 6.42 40.40 6.80
C GLU C 60 7.47 39.30 6.69
N SER C 61 7.66 38.53 7.75
CA SER C 61 8.57 37.39 7.70
C SER C 61 8.08 36.34 6.70
N ASP C 62 6.75 36.13 6.65
CA ASP C 62 6.18 35.18 5.70
C ASP C 62 6.33 35.66 4.25
N LEU C 63 6.24 36.97 4.03
CA LEU C 63 6.44 37.50 2.68
C LEU C 63 7.89 37.35 2.24
N GLU C 64 8.83 37.52 3.17
CA GLU C 64 10.24 37.27 2.83
C GLU C 64 10.49 35.78 2.57
N ALA C 65 9.78 34.91 3.28
CA ALA C 65 9.86 33.47 3.02
C ALA C 65 9.31 33.12 1.64
N MET C 66 8.20 33.76 1.24
CA MET C 66 7.66 33.54 -0.10
C MET C 66 8.59 34.07 -1.17
N GLY C 67 9.34 35.14 -0.88
CA GLY C 67 10.36 35.59 -1.81
C GLY C 67 11.47 34.58 -1.98
N ASN C 68 11.91 33.97 -0.89
CA ASN C 68 12.91 32.91 -0.98
C ASN C 68 12.37 31.70 -1.76
N LYS C 69 11.09 31.40 -1.57
CA LYS C 69 10.45 30.29 -2.29
C LYS C 69 10.40 30.56 -3.78
N ILE C 70 10.02 31.77 -4.18
CA ILE C 70 9.94 32.04 -5.62
C ILE C 70 11.33 32.07 -6.25
N LYS C 71 12.36 32.54 -5.51
CA LYS C 71 13.71 32.50 -6.04
C LYS C 71 14.21 31.07 -6.21
N GLN C 72 13.87 30.17 -5.28
CA GLN C 72 14.32 28.79 -5.48
C GLN C 72 13.53 28.10 -6.59
N HIS C 73 12.29 28.55 -6.86
CA HIS C 73 11.59 28.06 -8.03
C HIS C 73 12.28 28.46 -9.33
N GLU C 74 12.71 29.72 -9.45
CA GLU C 74 13.39 30.11 -10.69
C GLU C 74 14.76 29.44 -10.82
N ASP C 75 15.41 29.17 -9.68
CA ASP C 75 16.66 28.40 -9.74
C ASP C 75 16.42 26.96 -10.23
N ASN C 76 15.30 26.36 -9.80
CA ASN C 76 14.95 25.03 -10.29
C ASN C 76 14.65 25.04 -11.78
N LEU C 77 14.00 26.12 -12.25
CA LEU C 77 13.81 26.28 -13.69
C LEU C 77 15.14 26.31 -14.43
N LYS C 78 16.11 27.08 -13.93
CA LYS C 78 17.41 27.16 -14.61
C LYS C 78 18.13 25.81 -14.60
N PHE C 79 17.98 25.07 -13.50
CA PHE C 79 18.52 23.72 -13.38
C PHE C 79 17.97 22.80 -14.45
N LEU C 80 16.64 22.80 -14.62
CA LEU C 80 16.02 21.91 -15.60
C LEU C 80 16.31 22.35 -17.03
N LYS C 81 16.38 23.66 -17.28
CA LYS C 81 16.73 24.13 -18.62
C LYS C 81 18.15 23.71 -19.00
N SER C 82 19.06 23.73 -18.02
CA SER C 82 20.42 23.27 -18.28
C SER C 82 20.44 21.79 -18.59
N GLN C 83 19.67 20.99 -17.84
CA GLN C 83 19.67 19.55 -18.11
C GLN C 83 18.98 19.22 -19.44
N LYS C 84 17.99 20.01 -19.84
CA LYS C 84 17.38 19.82 -21.15
C LYS C 84 18.36 20.16 -22.26
N ASN C 85 19.18 21.20 -22.07
CA ASN C 85 20.21 21.51 -23.04
C ASN C 85 21.25 20.40 -23.14
N LYS C 86 21.56 19.77 -22.01
CA LYS C 86 22.43 18.59 -22.03
C LYS C 86 21.83 17.45 -22.83
N MET C 87 20.52 17.21 -22.66
CA MET C 87 19.83 16.18 -23.42
C MET C 87 19.85 16.49 -24.92
N ASP C 88 19.71 17.77 -25.27
CA ASP C 88 19.77 18.17 -26.66
C ASP C 88 21.16 17.95 -27.26
N GLU C 89 22.21 18.26 -26.48
CA GLU C 89 23.57 18.00 -26.93
C GLU C 89 23.80 16.51 -27.19
N ALA C 90 23.34 15.66 -26.27
CA ALA C 90 23.55 14.23 -26.41
C ALA C 90 22.77 13.65 -27.58
N ILE C 91 21.54 14.13 -27.81
CA ILE C 91 20.76 13.57 -28.91
C ILE C 91 21.26 14.07 -30.26
N VAL C 92 21.83 15.27 -30.33
CA VAL C 92 22.39 15.71 -31.61
C VAL C 92 23.71 14.99 -31.89
N ASP C 93 24.49 14.70 -30.84
CA ASP C 93 25.68 13.88 -31.00
C ASP C 93 25.33 12.48 -31.50
N LEU C 94 24.24 11.91 -30.98
CA LEU C 94 23.86 10.59 -31.44
C LEU C 94 23.26 10.63 -32.84
N GLN C 95 22.62 11.75 -33.22
CA GLN C 95 22.16 11.93 -34.59
C GLN C 95 23.31 11.95 -35.58
N VAL C 96 24.38 12.69 -35.27
CA VAL C 96 25.47 12.77 -36.23
C VAL C 96 26.27 11.47 -36.25
N HIS C 97 26.36 10.76 -35.12
CA HIS C 97 27.01 9.45 -35.14
C HIS C 97 26.19 8.44 -35.94
N MET C 98 24.87 8.48 -35.78
CA MET C 98 23.99 7.57 -36.53
C MET C 98 24.01 7.89 -38.02
N SER C 99 24.15 9.17 -38.37
CA SER C 99 24.29 9.54 -39.76
C SER C 99 25.64 9.10 -40.32
N LYS C 100 26.66 9.04 -39.48
CA LYS C 100 27.94 8.49 -39.93
C LYS C 100 27.84 6.97 -40.14
N LEU C 101 27.10 6.29 -39.27
CA LEU C 101 27.01 4.83 -39.32
C LEU C 101 26.15 4.30 -40.46
N ASN C 102 25.42 5.16 -41.16
CA ASN C 102 24.64 4.73 -42.30
C ASN C 102 25.56 4.38 -43.46
N ASP C 120 8.87 -12.82 -49.45
CA ASP C 120 8.88 -11.41 -49.08
C ASP C 120 7.50 -10.95 -48.65
N ILE C 121 7.44 -10.11 -47.62
CA ILE C 121 6.15 -9.78 -47.04
C ILE C 121 5.40 -8.72 -47.85
N ASN C 122 6.11 -7.90 -48.62
CA ASN C 122 5.47 -6.79 -49.33
C ASN C 122 4.53 -7.30 -50.42
N ALA C 123 4.92 -8.39 -51.09
CA ALA C 123 4.04 -9.00 -52.07
C ALA C 123 2.80 -9.59 -51.41
N GLN C 124 2.96 -10.22 -50.25
CA GLN C 124 1.84 -10.80 -49.54
C GLN C 124 0.89 -9.74 -49.03
N ILE C 125 1.42 -8.57 -48.68
CA ILE C 125 0.56 -7.45 -48.33
C ILE C 125 -0.19 -6.95 -49.55
N LEU C 126 0.51 -6.83 -50.69
CA LEU C 126 -0.11 -6.29 -51.89
C LEU C 126 -1.10 -7.24 -52.55
N ARG C 127 -1.09 -8.52 -52.20
CA ARG C 127 -2.13 -9.43 -52.71
C ARG C 127 -3.50 -9.05 -52.16
N HIS C 128 -3.55 -8.62 -50.91
CA HIS C 128 -4.79 -8.14 -50.32
C HIS C 128 -5.00 -6.71 -50.80
N GLU C 129 -5.55 -6.60 -52.02
CA GLU C 129 -5.65 -5.30 -52.67
C GLU C 129 -6.71 -4.43 -52.02
N ASN C 130 -7.80 -5.03 -51.56
CA ASN C 130 -8.90 -4.26 -50.99
C ASN C 130 -8.59 -3.73 -49.60
N SER C 131 -7.62 -4.32 -48.89
CA SER C 131 -7.39 -3.92 -47.51
C SER C 131 -6.40 -2.76 -47.42
N ALA C 132 -6.45 -2.07 -46.28
CA ALA C 132 -5.71 -0.83 -46.09
C ALA C 132 -4.22 -1.02 -45.90
N ALA C 133 -3.80 -2.23 -45.50
CA ALA C 133 -2.37 -2.50 -45.37
C ALA C 133 -1.69 -2.47 -46.73
N GLY C 134 -2.39 -2.95 -47.77
CA GLY C 134 -1.87 -2.82 -49.11
C GLY C 134 -1.80 -1.40 -49.58
N VAL C 135 -2.73 -0.56 -49.13
CA VAL C 135 -2.70 0.87 -49.44
C VAL C 135 -1.45 1.50 -48.86
N LEU C 136 -1.18 1.24 -47.57
CA LEU C 136 -0.02 1.84 -46.92
C LEU C 136 1.29 1.30 -47.49
N SER C 137 1.32 0.02 -47.87
CA SER C 137 2.54 -0.51 -48.47
C SER C 137 2.77 0.05 -49.86
N LEU C 138 1.69 0.30 -50.61
CA LEU C 138 1.85 0.93 -51.92
C LEU C 138 2.31 2.37 -51.80
N VAL C 139 1.91 3.06 -50.74
CA VAL C 139 2.43 4.40 -50.50
C VAL C 139 3.89 4.35 -50.07
N GLU C 140 4.27 3.31 -49.33
CA GLU C 140 5.68 3.12 -49.00
C GLU C 140 6.51 2.79 -50.24
N THR C 141 5.90 2.22 -51.27
CA THR C 141 6.63 2.07 -52.54
C THR C 141 6.76 3.41 -53.26
N LEU C 142 5.74 4.26 -53.16
CA LEU C 142 5.78 5.56 -53.83
C LEU C 142 6.36 6.64 -52.92
N LEU C 150 1.55 11.69 -45.69
CA LEU C 150 1.30 12.96 -45.02
C LEU C 150 1.43 12.79 -43.52
N MET C 151 0.52 13.40 -42.75
CA MET C 151 0.52 13.23 -41.31
C MET C 151 -0.02 11.88 -40.88
N LEU C 152 -0.71 11.19 -41.79
CA LEU C 152 -1.17 9.83 -41.51
C LEU C 152 0.01 8.88 -41.38
N THR C 153 0.96 8.98 -42.30
CA THR C 153 2.19 8.19 -42.19
C THR C 153 3.07 8.65 -41.04
N LYS C 154 2.85 9.86 -40.51
CA LYS C 154 3.52 10.25 -39.28
C LYS C 154 2.88 9.56 -38.07
N GLY C 155 1.55 9.48 -38.05
CA GLY C 155 0.88 8.91 -36.90
C GLY C 155 0.95 7.39 -36.83
N VAL C 156 0.92 6.72 -37.97
CA VAL C 156 0.82 5.26 -38.01
C VAL C 156 2.20 4.66 -37.79
N VAL C 157 2.31 3.79 -36.77
CA VAL C 157 3.56 3.08 -36.53
C VAL C 157 3.83 2.08 -37.64
N GLY C 158 2.87 1.20 -37.93
CA GLY C 158 3.07 0.22 -38.98
C GLY C 158 1.93 -0.76 -39.07
N VAL C 159 2.24 -1.95 -39.57
CA VAL C 159 1.28 -3.05 -39.70
C VAL C 159 1.82 -4.19 -38.83
N VAL C 160 0.91 -4.97 -38.27
CA VAL C 160 1.25 -6.06 -37.35
C VAL C 160 2.14 -7.10 -38.01
N ALA C 161 1.92 -7.37 -39.30
CA ALA C 161 2.77 -8.32 -39.98
C ALA C 161 4.19 -7.81 -40.19
N LYS C 162 4.36 -6.48 -40.25
CA LYS C 162 5.70 -5.93 -40.43
C LYS C 162 6.50 -5.97 -39.15
N LEU C 163 5.84 -5.88 -37.99
CA LEU C 163 6.56 -5.67 -36.75
C LEU C 163 7.10 -6.95 -36.16
N GLY C 164 6.53 -8.10 -36.51
CA GLY C 164 6.92 -9.36 -35.94
C GLY C 164 7.79 -10.20 -36.86
N LYS C 165 8.69 -10.97 -36.27
CA LYS C 165 9.60 -11.84 -37.01
C LYS C 165 9.73 -13.15 -36.25
N VAL C 166 9.50 -14.27 -36.93
CA VAL C 166 9.52 -15.59 -36.32
C VAL C 166 10.51 -16.46 -37.10
N ASN C 167 11.32 -17.24 -36.37
CA ASN C 167 12.48 -17.92 -36.93
C ASN C 167 12.10 -19.00 -37.94
N ASP C 168 11.20 -19.90 -37.59
CA ASP C 168 10.87 -21.01 -38.47
C ASP C 168 9.59 -20.75 -39.26
N GLU C 169 9.50 -21.39 -40.42
CA GLU C 169 8.40 -21.15 -41.35
C GLU C 169 7.08 -21.71 -40.81
N ASN C 170 7.15 -22.87 -40.17
CA ASN C 170 5.95 -23.55 -39.71
C ASN C 170 5.26 -22.78 -38.59
N LEU C 171 6.01 -22.35 -37.59
CA LEU C 171 5.40 -21.70 -36.44
C LEU C 171 4.93 -20.30 -36.80
N SER C 172 5.57 -19.67 -37.79
CA SER C 172 5.08 -18.40 -38.33
C SER C 172 3.72 -18.59 -38.99
N GLN C 173 3.56 -19.65 -39.79
CA GLN C 173 2.28 -19.90 -40.43
C GLN C 173 1.20 -20.24 -39.40
N ILE C 174 1.56 -20.91 -38.33
CA ILE C 174 0.54 -21.28 -37.35
C ILE C 174 0.12 -20.07 -36.52
N LEU C 175 1.04 -19.16 -36.23
CA LEU C 175 0.65 -17.92 -35.54
C LEU C 175 -0.20 -17.03 -36.45
N SER C 176 0.10 -17.00 -37.74
CA SER C 176 -0.76 -16.26 -38.67
C SER C 176 -2.15 -16.87 -38.74
N ASN C 177 -2.24 -18.21 -38.72
CA ASN C 177 -3.55 -18.86 -38.70
C ASN C 177 -4.28 -18.58 -37.40
N TYR C 178 -3.57 -18.41 -36.30
CA TYR C 178 -4.24 -18.05 -35.05
C TYR C 178 -4.78 -16.64 -35.09
N LEU C 179 -4.00 -15.69 -35.60
CA LEU C 179 -4.46 -14.30 -35.57
C LEU C 179 -5.57 -14.06 -36.57
N GLY C 180 -5.44 -14.56 -37.79
CA GLY C 180 -6.41 -14.25 -38.81
C GLY C 180 -6.01 -13.02 -39.60
N THR C 181 -6.63 -12.89 -40.77
CA THR C 181 -6.22 -11.86 -41.71
C THR C 181 -6.74 -10.48 -41.35
N ARG C 182 -7.52 -10.33 -40.29
CA ARG C 182 -7.90 -8.99 -39.90
C ARG C 182 -6.94 -8.43 -38.87
N SER C 183 -6.71 -9.16 -37.78
CA SER C 183 -5.74 -8.75 -36.77
C SER C 183 -4.31 -8.81 -37.30
N MET C 184 -4.05 -9.61 -38.33
CA MET C 184 -2.73 -9.61 -38.93
C MET C 184 -2.49 -8.36 -39.76
N LEU C 185 -3.53 -7.90 -40.46
CA LEU C 185 -3.39 -6.73 -41.32
C LEU C 185 -3.77 -5.44 -40.61
N ALA C 186 -3.80 -5.44 -39.28
CA ALA C 186 -4.21 -4.26 -38.55
C ALA C 186 -3.16 -3.17 -38.67
N VAL C 187 -3.61 -1.93 -38.66
CA VAL C 187 -2.68 -0.81 -38.62
C VAL C 187 -2.51 -0.41 -37.16
N VAL C 188 -1.28 -0.06 -36.80
CA VAL C 188 -0.96 0.34 -35.45
C VAL C 188 -0.36 1.74 -35.48
N CYS C 189 -0.87 2.59 -34.60
CA CYS C 189 -0.53 4.00 -34.52
C CYS C 189 -0.37 4.38 -33.05
N ARG C 190 0.21 5.55 -32.82
CA ARG C 190 0.63 5.90 -31.46
C ARG C 190 -0.54 6.33 -30.60
N ASN C 191 -1.19 7.42 -30.96
CA ASN C 191 -2.17 8.06 -30.11
C ASN C 191 -3.56 7.89 -30.71
N TYR C 192 -4.60 8.17 -29.92
CA TYR C 192 -5.96 8.03 -30.40
C TYR C 192 -6.33 9.10 -31.43
N GLU C 193 -5.69 10.27 -31.37
CA GLU C 193 -5.95 11.26 -32.41
C GLU C 193 -5.42 10.80 -33.77
N SER C 194 -4.41 9.93 -33.77
CA SER C 194 -4.01 9.30 -35.01
C SER C 194 -5.04 8.28 -35.49
N VAL C 195 -5.85 7.72 -34.58
CA VAL C 195 -6.96 6.87 -35.02
C VAL C 195 -8.03 7.72 -35.68
N THR C 196 -8.39 8.84 -35.05
CA THR C 196 -9.41 9.70 -35.64
C THR C 196 -8.93 10.43 -36.89
N ALA C 197 -7.63 10.49 -37.14
CA ALA C 197 -7.13 11.06 -38.38
C ALA C 197 -7.36 10.16 -39.58
N LEU C 198 -7.57 8.85 -39.38
CA LEU C 198 -7.70 7.96 -40.51
C LEU C 198 -9.11 8.00 -41.11
N GLU C 199 -10.11 8.31 -40.29
CA GLU C 199 -11.50 8.22 -40.70
C GLU C 199 -12.25 9.52 -40.45
N ALA C 200 -13.25 9.77 -41.29
CA ALA C 200 -14.14 10.91 -41.15
C ALA C 200 -15.58 10.42 -41.32
N TYR C 201 -16.44 10.83 -40.40
CA TYR C 201 -17.82 10.36 -40.36
C TYR C 201 -18.75 11.54 -40.57
N ASP C 202 -19.92 11.27 -41.15
CA ASP C 202 -20.90 12.31 -41.39
C ASP C 202 -21.86 12.43 -40.22
N ASN C 203 -22.91 13.22 -40.45
CA ASN C 203 -24.02 13.31 -39.50
C ASN C 203 -24.79 11.99 -39.41
N HIS C 204 -24.94 11.30 -40.56
CA HIS C 204 -25.60 10.01 -40.54
C HIS C 204 -24.71 8.93 -39.96
N GLY C 205 -23.39 9.14 -39.99
CA GLY C 205 -22.45 8.19 -39.47
C GLY C 205 -21.73 7.37 -40.52
N ASN C 206 -22.13 7.48 -41.78
CA ASN C 206 -21.49 6.71 -42.83
C ASN C 206 -20.13 7.30 -43.21
N ILE C 207 -19.27 6.45 -43.76
CA ILE C 207 -17.94 6.88 -44.13
C ILE C 207 -18.02 7.80 -45.34
N ASP C 208 -17.55 9.03 -45.15
CA ASP C 208 -17.42 9.94 -46.27
C ASP C 208 -15.98 9.97 -46.76
N ILE C 209 -15.79 9.99 -48.09
CA ILE C 209 -14.51 9.78 -48.77
C ILE C 209 -13.45 10.80 -48.35
N ASN C 210 -13.89 11.93 -47.81
CA ASN C 210 -13.04 12.98 -47.23
C ASN C 210 -12.09 12.52 -46.12
N ALA C 211 -12.26 11.32 -45.58
CA ALA C 211 -11.29 10.69 -44.70
C ALA C 211 -9.94 10.54 -45.38
N GLY C 212 -8.89 10.40 -44.56
CA GLY C 212 -7.53 10.51 -45.06
C GLY C 212 -7.10 9.32 -45.91
N LEU C 213 -7.28 8.10 -45.39
CA LEU C 213 -6.89 6.91 -46.15
C LEU C 213 -7.77 6.74 -47.38
N HIS C 214 -9.05 7.09 -47.28
CA HIS C 214 -9.95 6.96 -48.43
C HIS C 214 -9.58 7.94 -49.53
N CYS C 215 -9.36 9.21 -49.18
CA CYS C 215 -8.85 10.20 -50.12
C CYS C 215 -7.55 9.76 -50.76
N LEU C 216 -6.62 9.25 -49.95
CA LEU C 216 -5.29 8.96 -50.48
C LEU C 216 -5.28 7.69 -51.32
N GLY C 217 -6.07 6.68 -50.93
CA GLY C 217 -6.19 5.49 -51.75
C GLY C 217 -6.91 5.75 -53.06
N SER C 218 -7.96 6.57 -53.01
CA SER C 218 -8.63 6.95 -54.25
C SER C 218 -7.75 7.87 -55.11
N SER C 219 -6.84 8.60 -54.47
CA SER C 219 -5.90 9.42 -55.23
C SER C 219 -4.87 8.56 -55.95
N ILE C 220 -4.45 7.46 -55.33
CA ILE C 220 -3.42 6.63 -55.93
C ILE C 220 -4.00 5.46 -56.72
N GLY C 221 -5.12 4.90 -56.31
CA GLY C 221 -5.53 3.64 -56.90
C GLY C 221 -6.72 2.99 -56.23
N ARG C 222 -6.52 1.75 -55.77
CA ARG C 222 -7.55 0.92 -55.16
C ARG C 222 -8.24 1.60 -53.98
N GLU C 223 -9.45 1.14 -53.69
CA GLU C 223 -10.26 1.68 -52.62
C GLU C 223 -10.44 0.63 -51.53
N ILE C 224 -10.83 1.09 -50.36
CA ILE C 224 -10.80 0.26 -49.16
C ILE C 224 -12.24 -0.17 -48.90
N GLY C 225 -12.56 -1.39 -49.33
CA GLY C 225 -13.86 -1.93 -49.06
C GLY C 225 -13.85 -2.83 -47.84
N ASP C 226 -12.70 -3.41 -47.55
CA ASP C 226 -12.57 -4.30 -46.40
C ASP C 226 -12.50 -3.51 -45.11
N SER C 227 -13.23 -3.99 -44.10
CA SER C 227 -13.12 -3.39 -42.78
C SER C 227 -11.77 -3.77 -42.19
N PHE C 228 -10.92 -2.78 -41.96
CA PHE C 228 -9.58 -3.01 -41.47
C PHE C 228 -9.52 -2.53 -40.03
N ASP C 229 -8.42 -2.87 -39.37
CA ASP C 229 -8.35 -2.74 -37.92
C ASP C 229 -7.28 -1.74 -37.52
N ALA C 230 -7.58 -0.96 -36.49
CA ALA C 230 -6.70 0.11 -36.05
C ALA C 230 -6.42 -0.06 -34.56
N ILE C 231 -5.14 -0.08 -34.21
CA ILE C 231 -4.68 -0.28 -32.84
C ILE C 231 -3.93 0.96 -32.42
N CYS C 232 -4.32 1.55 -31.30
CA CYS C 232 -3.56 2.66 -30.73
C CYS C 232 -2.82 2.15 -29.51
N LEU C 233 -1.51 2.43 -29.45
CA LEU C 233 -0.70 1.83 -28.41
C LEU C 233 -0.89 2.45 -27.04
N GLU C 234 -1.43 3.66 -26.97
CA GLU C 234 -1.56 4.30 -25.67
C GLU C 234 -2.71 3.72 -24.86
N ASN C 235 -3.78 3.32 -25.52
CA ASN C 235 -4.95 2.85 -24.80
C ASN C 235 -4.88 1.38 -24.43
N LEU C 236 -3.88 0.66 -24.90
CA LEU C 236 -3.77 -0.77 -24.64
C LEU C 236 -3.41 -1.03 -23.19
N ARG C 237 -4.04 -2.03 -22.59
CA ARG C 237 -3.72 -2.39 -21.22
C ARG C 237 -2.37 -3.09 -21.17
N PRO C 238 -1.39 -2.47 -20.48
CA PRO C 238 -0.02 -2.97 -20.46
C PRO C 238 0.05 -4.26 -19.64
N TYR C 239 1.08 -5.06 -19.86
CA TYR C 239 1.19 -6.31 -19.08
C TYR C 239 1.64 -5.91 -17.67
N VAL C 240 0.74 -6.09 -16.70
CA VAL C 240 1.00 -5.76 -15.27
C VAL C 240 1.68 -6.97 -14.65
N GLY C 241 2.93 -7.21 -15.01
CA GLY C 241 3.68 -8.39 -14.54
C GLY C 241 5.17 -8.14 -14.63
N GLN C 242 5.95 -9.08 -14.10
CA GLN C 242 7.41 -8.99 -14.09
C GLN C 242 8.05 -9.34 -15.43
N HIS C 243 9.37 -9.22 -15.49
CA HIS C 243 10.15 -9.52 -16.69
C HIS C 243 11.32 -10.44 -16.35
N ILE C 244 11.94 -10.97 -17.41
CA ILE C 244 13.17 -11.74 -17.29
C ILE C 244 14.35 -10.77 -17.37
N ALA C 245 15.22 -10.82 -16.37
CA ALA C 245 16.18 -9.74 -16.17
C ALA C 245 17.43 -9.89 -17.05
N ASP C 246 17.96 -11.09 -17.14
CA ASP C 246 19.32 -11.25 -17.64
C ASP C 246 19.46 -11.13 -19.14
N ASP C 247 18.37 -11.07 -19.90
CA ASP C 247 18.48 -11.23 -21.35
C ASP C 247 18.11 -9.99 -22.12
N LEU C 248 18.51 -9.99 -23.39
CA LEU C 248 17.95 -9.15 -24.42
C LEU C 248 16.57 -9.70 -24.80
N GLN C 249 15.84 -8.93 -25.62
CA GLN C 249 14.50 -9.17 -26.17
C GLN C 249 13.41 -9.07 -25.13
N ARG C 250 13.74 -8.91 -23.84
CA ARG C 250 12.83 -8.47 -22.78
C ARG C 250 11.65 -9.41 -22.61
N ARG C 251 11.86 -10.69 -22.90
CA ARG C 251 10.76 -11.63 -22.99
C ARG C 251 10.13 -11.87 -21.63
N LEU C 252 8.87 -12.25 -21.68
CA LEU C 252 7.96 -12.15 -20.56
C LEU C 252 7.95 -13.46 -19.80
N ASP C 253 8.28 -13.43 -18.52
CA ASP C 253 8.20 -14.62 -17.68
C ASP C 253 6.79 -14.74 -17.13
N LEU C 254 6.17 -15.88 -17.38
CA LEU C 254 4.90 -16.16 -16.76
C LEU C 254 5.01 -17.51 -16.10
N LEU C 255 4.18 -17.75 -15.09
CA LEU C 255 4.22 -19.03 -14.41
C LEU C 255 3.70 -20.11 -15.35
N LYS C 256 4.59 -21.07 -15.64
CA LYS C 256 4.34 -22.12 -16.60
C LYS C 256 3.20 -23.00 -16.10
N PRO C 257 2.44 -23.63 -17.00
CA PRO C 257 1.30 -24.44 -16.56
C PRO C 257 1.75 -25.66 -15.79
N LYS C 258 0.87 -26.10 -14.89
CA LYS C 258 1.17 -27.18 -13.97
C LYS C 258 0.02 -28.14 -13.90
N LEU C 259 0.36 -29.43 -13.79
CA LEU C 259 -0.61 -30.47 -13.50
C LEU C 259 -1.15 -30.28 -12.09
N PRO C 260 -2.35 -30.80 -11.80
CA PRO C 260 -2.89 -30.70 -10.43
C PRO C 260 -2.01 -31.35 -9.37
N ASN C 261 -1.27 -32.40 -9.72
CA ASN C 261 -0.21 -32.85 -8.82
C ASN C 261 1.18 -32.82 -9.45
N GLY C 262 1.35 -33.48 -10.60
CA GLY C 262 2.67 -33.98 -10.95
C GLY C 262 3.78 -33.01 -11.34
N GLU C 263 3.70 -32.43 -12.53
CA GLU C 263 4.79 -31.64 -13.11
C GLU C 263 4.20 -30.61 -14.05
N CYS C 264 5.03 -30.05 -14.92
CA CYS C 264 4.55 -29.32 -16.06
C CYS C 264 4.05 -30.31 -17.11
N PRO C 265 3.12 -29.89 -17.98
CA PRO C 265 2.68 -30.75 -19.07
C PRO C 265 3.81 -31.02 -20.05
N PRO C 266 3.82 -32.20 -20.67
CA PRO C 266 5.05 -32.66 -21.35
C PRO C 266 5.29 -32.03 -22.70
N GLY C 267 4.24 -31.78 -23.49
CA GLY C 267 4.44 -31.24 -24.82
C GLY C 267 4.69 -29.75 -24.87
N PHE C 268 4.88 -29.11 -23.71
CA PHE C 268 5.00 -27.67 -23.62
C PHE C 268 6.25 -27.17 -24.29
N LEU C 269 6.07 -26.21 -25.20
CA LEU C 269 7.14 -25.70 -26.02
C LEU C 269 7.41 -24.23 -25.72
N GLY C 270 6.58 -23.60 -24.89
CA GLY C 270 6.73 -22.20 -24.57
C GLY C 270 5.48 -21.40 -24.83
N PHE C 271 5.43 -20.20 -24.25
CA PHE C 271 4.38 -19.26 -24.59
C PHE C 271 4.64 -18.70 -25.98
N ALA C 272 3.58 -18.19 -26.60
CA ALA C 272 3.72 -17.70 -27.97
C ALA C 272 4.11 -16.25 -28.04
N VAL C 273 3.83 -15.48 -26.99
CA VAL C 273 4.23 -14.07 -26.98
C VAL C 273 5.75 -13.94 -26.90
N ASN C 274 6.44 -14.93 -26.35
CA ASN C 274 7.90 -14.91 -26.33
C ASN C 274 8.50 -15.39 -27.64
N MET C 275 7.71 -15.96 -28.54
CA MET C 275 8.28 -16.50 -29.77
C MET C 275 8.60 -15.39 -30.75
N ILE C 276 7.87 -14.28 -30.70
CA ILE C 276 8.08 -13.24 -31.71
C ILE C 276 9.34 -12.47 -31.40
N GLN C 277 10.28 -12.50 -32.32
CA GLN C 277 11.51 -11.72 -32.21
C GLN C 277 11.19 -10.30 -32.63
N ILE C 278 11.25 -9.38 -31.68
CA ILE C 278 10.97 -7.98 -31.96
C ILE C 278 12.21 -7.32 -32.55
N ASP C 279 11.97 -6.45 -33.52
CA ASP C 279 12.94 -5.46 -33.98
C ASP C 279 13.53 -4.72 -32.78
N PRO C 280 14.86 -4.65 -32.67
CA PRO C 280 15.45 -3.97 -31.51
C PRO C 280 15.29 -2.46 -31.50
N ALA C 281 14.75 -1.87 -32.56
CA ALA C 281 14.36 -0.47 -32.49
C ALA C 281 13.14 -0.28 -31.60
N TYR C 282 12.27 -1.28 -31.53
CA TYR C 282 11.00 -1.17 -30.84
C TYR C 282 10.99 -1.88 -29.50
N LEU C 283 12.15 -2.17 -28.91
CA LEU C 283 12.15 -2.89 -27.64
C LEU C 283 11.86 -1.98 -26.47
N LEU C 284 12.25 -0.72 -26.56
CA LEU C 284 12.05 0.23 -25.47
C LEU C 284 11.57 1.56 -25.99
N CYS C 285 10.78 2.23 -25.14
CA CYS C 285 10.43 3.64 -25.27
C CYS C 285 9.64 3.92 -26.53
N VAL C 286 8.64 3.09 -26.81
CA VAL C 286 7.72 3.37 -27.89
C VAL C 286 6.50 4.13 -27.39
N THR C 287 5.82 3.58 -26.40
CA THR C 287 4.75 4.27 -25.70
C THR C 287 5.36 5.41 -24.87
N SER C 288 4.55 6.43 -24.58
CA SER C 288 5.03 7.57 -23.80
C SER C 288 5.39 7.18 -22.38
N TYR C 289 4.78 6.12 -21.83
CA TYR C 289 5.23 5.61 -20.55
C TYR C 289 6.58 4.92 -20.62
N GLY C 290 7.05 4.59 -21.81
CA GLY C 290 8.31 3.89 -21.96
C GLY C 290 8.20 2.42 -22.22
N TYR C 291 6.97 1.90 -22.33
CA TYR C 291 6.74 0.48 -22.55
C TYR C 291 7.29 0.03 -23.89
N GLY C 292 7.64 -1.25 -23.97
CA GLY C 292 8.10 -1.83 -25.20
C GLY C 292 6.94 -2.19 -26.08
N LEU C 293 7.24 -2.89 -27.16
CA LEU C 293 6.19 -3.29 -28.07
C LEU C 293 5.66 -4.68 -27.76
N ARG C 294 6.50 -5.55 -27.19
CA ARG C 294 6.03 -6.85 -26.74
C ARG C 294 5.10 -6.73 -25.55
N GLU C 295 5.32 -5.73 -24.70
CA GLU C 295 4.52 -5.58 -23.50
C GLU C 295 3.12 -5.08 -23.83
N THR C 296 2.95 -4.43 -24.98
CA THR C 296 1.71 -3.74 -25.32
C THR C 296 0.97 -4.40 -26.49
N LEU C 297 1.62 -4.52 -27.64
CA LEU C 297 0.92 -4.99 -28.82
C LEU C 297 0.77 -6.51 -28.79
N PHE C 298 1.89 -7.21 -28.81
CA PHE C 298 1.82 -8.66 -28.96
C PHE C 298 1.38 -9.37 -27.69
N TYR C 299 1.43 -8.72 -26.54
CA TYR C 299 0.77 -9.30 -25.38
C TYR C 299 -0.73 -9.25 -25.52
N ASN C 300 -1.26 -8.21 -26.15
CA ASN C 300 -2.71 -8.11 -26.33
C ASN C 300 -3.20 -8.96 -27.47
N LEU C 301 -2.38 -9.19 -28.49
CA LEU C 301 -2.79 -10.11 -29.52
C LEU C 301 -2.61 -11.56 -29.10
N PHE C 302 -1.53 -11.88 -28.39
CA PHE C 302 -1.23 -13.23 -27.96
C PHE C 302 -1.26 -13.28 -26.44
N SER C 303 -2.45 -13.39 -25.88
CA SER C 303 -2.60 -13.28 -24.43
C SER C 303 -2.44 -14.67 -23.82
N ARG C 304 -1.23 -14.96 -23.35
CA ARG C 304 -0.92 -16.12 -22.49
C ARG C 304 -1.20 -17.46 -23.13
N LEU C 305 -1.18 -17.57 -24.44
CA LEU C 305 -1.48 -18.86 -25.06
C LEU C 305 -0.22 -19.71 -25.12
N GLN C 306 -0.39 -21.00 -24.92
CA GLN C 306 0.70 -21.95 -24.94
C GLN C 306 0.85 -22.55 -26.34
N VAL C 307 2.08 -22.91 -26.67
CA VAL C 307 2.38 -23.66 -27.88
C VAL C 307 2.77 -25.07 -27.48
N TYR C 308 2.11 -26.06 -28.08
CA TYR C 308 2.31 -27.47 -27.80
C TYR C 308 2.76 -28.15 -29.07
N LYS C 309 3.53 -29.22 -28.92
CA LYS C 309 4.21 -29.79 -30.09
C LYS C 309 3.28 -30.65 -30.93
N THR C 310 2.47 -31.50 -30.30
CA THR C 310 1.54 -32.35 -31.02
C THR C 310 0.12 -32.11 -30.52
N ARG C 311 -0.84 -32.60 -31.31
CA ARG C 311 -2.25 -32.40 -31.01
C ARG C 311 -2.66 -33.16 -29.76
N ALA C 312 -2.24 -34.43 -29.66
CA ALA C 312 -2.62 -35.26 -28.52
C ALA C 312 -2.01 -34.76 -27.22
N ASP C 313 -0.83 -34.14 -27.29
CA ASP C 313 -0.28 -33.46 -26.13
C ASP C 313 -1.13 -32.25 -25.75
N MET C 314 -1.75 -31.61 -26.74
CA MET C 314 -2.54 -30.43 -26.44
C MET C 314 -3.84 -30.79 -25.75
N ILE C 315 -4.54 -31.82 -26.25
CA ILE C 315 -5.75 -32.27 -25.56
C ILE C 315 -5.38 -32.92 -24.22
N SER C 316 -4.20 -33.53 -24.13
CA SER C 316 -3.72 -34.10 -22.87
C SER C 316 -3.49 -33.02 -21.81
N ALA C 317 -3.23 -31.77 -22.22
CA ALA C 317 -3.02 -30.67 -21.29
C ALA C 317 -4.23 -29.75 -21.21
N LEU C 318 -5.43 -30.31 -21.28
CA LEU C 318 -6.64 -29.50 -21.27
C LEU C 318 -6.92 -28.73 -19.97
N PRO C 319 -6.78 -29.28 -18.75
CA PRO C 319 -7.05 -28.43 -17.58
C PRO C 319 -5.94 -27.43 -17.29
N CYS C 320 -4.78 -27.56 -17.93
CA CYS C 320 -3.64 -26.73 -17.55
C CYS C 320 -3.60 -25.42 -18.30
N ILE C 321 -4.27 -25.33 -19.43
CA ILE C 321 -4.11 -24.17 -20.31
C ILE C 321 -4.97 -23.02 -19.81
N SER C 322 -4.46 -21.81 -20.02
CA SER C 322 -5.18 -20.56 -19.91
C SER C 322 -5.86 -20.29 -21.25
N ASP C 323 -6.18 -19.02 -21.53
CA ASP C 323 -7.04 -18.53 -22.60
C ASP C 323 -6.91 -19.26 -23.94
N GLY C 324 -5.73 -19.24 -24.55
CA GLY C 324 -5.51 -19.89 -25.80
C GLY C 324 -4.61 -21.11 -25.66
N ALA C 325 -4.52 -21.88 -26.73
CA ALA C 325 -3.58 -22.98 -26.87
C ALA C 325 -3.45 -23.30 -28.35
N VAL C 326 -2.27 -23.74 -28.75
CA VAL C 326 -1.95 -24.01 -30.15
C VAL C 326 -1.18 -25.31 -30.22
N SER C 327 -1.54 -26.17 -31.18
CA SER C 327 -0.70 -27.31 -31.53
C SER C 327 0.26 -26.93 -32.65
N LEU C 328 1.48 -27.43 -32.57
CA LEU C 328 2.47 -27.12 -33.60
C LEU C 328 2.27 -27.97 -34.85
N ASP C 329 1.52 -29.07 -34.75
CA ASP C 329 1.18 -29.83 -35.95
C ASP C 329 -0.05 -29.22 -36.61
N GLY C 330 -1.18 -29.28 -35.93
CA GLY C 330 -2.45 -28.95 -36.55
C GLY C 330 -3.26 -27.87 -35.87
N GLY C 331 -4.29 -28.31 -35.16
CA GLY C 331 -5.38 -27.44 -34.80
C GLY C 331 -5.07 -26.52 -33.64
N ILE C 332 -5.76 -25.39 -33.64
CA ILE C 332 -5.60 -24.31 -32.69
C ILE C 332 -6.91 -24.15 -31.96
N ILE C 333 -6.85 -23.72 -30.70
CA ILE C 333 -8.10 -23.46 -30.00
C ILE C 333 -8.08 -22.04 -29.47
N ARG C 334 -9.26 -21.44 -29.38
CA ARG C 334 -9.35 -20.02 -29.03
C ARG C 334 -9.59 -19.81 -27.54
N LYS C 335 -10.55 -20.51 -26.97
CA LYS C 335 -10.88 -20.35 -25.56
C LYS C 335 -10.79 -21.72 -24.89
N THR C 336 -11.29 -21.78 -23.65
CA THR C 336 -11.10 -22.99 -22.85
C THR C 336 -11.98 -24.13 -23.32
N GLY C 337 -13.19 -23.81 -23.78
CA GLY C 337 -14.08 -24.86 -24.23
C GLY C 337 -14.13 -24.97 -25.74
N ILE C 338 -13.82 -23.88 -26.42
CA ILE C 338 -13.95 -23.83 -27.88
C ILE C 338 -12.82 -24.62 -28.51
N PHE C 339 -13.17 -25.51 -29.44
CA PHE C 339 -12.21 -26.26 -30.23
C PHE C 339 -12.41 -25.93 -31.71
N ASN C 340 -11.34 -26.05 -32.47
CA ASN C 340 -11.42 -25.93 -33.92
C ASN C 340 -11.10 -27.28 -34.55
N LEU C 341 -11.76 -27.54 -35.68
CA LEU C 341 -11.62 -28.77 -36.43
C LEU C 341 -12.20 -28.54 -37.81
N GLY C 342 -11.80 -29.38 -38.75
CA GLY C 342 -12.11 -29.18 -40.15
C GLY C 342 -10.89 -28.75 -40.94
N ASN C 343 -11.09 -28.66 -42.25
CA ASN C 343 -9.99 -28.34 -43.17
C ASN C 343 -9.49 -26.93 -42.91
N ARG C 344 -8.19 -26.82 -42.61
CA ARG C 344 -7.63 -25.63 -42.01
C ARG C 344 -7.51 -24.51 -43.03
N ASP C 345 -8.22 -23.41 -42.79
CA ASP C 345 -8.18 -22.25 -43.66
C ASP C 345 -6.87 -21.50 -43.45
N GLU C 346 -6.05 -21.44 -44.47
CA GLU C 346 -4.76 -20.77 -44.35
C GLU C 346 -4.91 -19.27 -44.54
N VAL C 347 -3.91 -18.53 -44.10
CA VAL C 347 -3.85 -17.08 -44.25
C VAL C 347 -2.62 -16.75 -45.08
N ASN C 348 -2.79 -15.87 -46.05
CA ASN C 348 -1.74 -15.64 -47.04
C ASN C 348 -0.56 -14.89 -46.44
N VAL C 349 -0.82 -13.90 -45.61
CA VAL C 349 0.24 -13.11 -45.02
C VAL C 349 0.86 -13.87 -43.84
N ARG C 350 2.16 -13.66 -43.66
CA ARG C 350 2.94 -14.45 -42.71
C ARG C 350 3.91 -13.53 -41.98
N PHE C 351 4.30 -13.93 -40.78
CA PHE C 351 5.42 -13.28 -40.14
C PHE C 351 6.71 -13.66 -40.86
N ALA C 352 7.57 -12.69 -41.08
CA ALA C 352 8.80 -12.94 -41.81
C ALA C 352 9.81 -13.69 -40.95
N LYS C 353 10.80 -14.22 -41.62
CA LYS C 353 11.92 -14.83 -40.91
C LYS C 353 12.99 -13.79 -40.65
N PRO C 354 13.47 -13.65 -39.41
CA PRO C 354 14.42 -12.58 -39.11
C PRO C 354 15.80 -12.89 -39.66
N THR C 355 16.45 -11.86 -40.19
CA THR C 355 17.78 -11.97 -40.77
C THR C 355 18.76 -11.33 -39.82
N ALA C 356 19.61 -12.15 -39.20
CA ALA C 356 20.53 -11.68 -38.16
C ALA C 356 21.82 -11.24 -38.82
N SER C 357 21.94 -9.94 -39.07
CA SER C 357 23.17 -9.34 -39.57
C SER C 357 23.71 -8.39 -38.50
N ARG C 358 25.02 -8.49 -38.25
CA ARG C 358 25.61 -7.81 -37.10
C ARG C 358 25.72 -6.30 -37.30
N THR C 359 25.90 -5.85 -38.54
CA THR C 359 26.04 -4.43 -38.82
C THR C 359 24.72 -3.70 -38.64
N MET C 360 23.63 -4.26 -39.19
CA MET C 360 22.31 -3.70 -38.97
C MET C 360 21.87 -3.87 -37.52
N ASP C 361 22.38 -4.90 -36.83
CA ASP C 361 22.16 -5.04 -35.40
C ASP C 361 22.78 -3.88 -34.63
N ASN C 362 24.00 -3.48 -35.01
CA ASN C 362 24.66 -2.36 -34.35
C ASN C 362 23.95 -1.04 -34.65
N TYR C 363 23.51 -0.87 -35.90
CA TYR C 363 22.77 0.33 -36.28
C TYR C 363 21.43 0.42 -35.54
N SER C 364 20.74 -0.70 -35.39
CA SER C 364 19.48 -0.68 -34.66
C SER C 364 19.71 -0.54 -33.16
N GLU C 365 20.87 -0.96 -32.67
CA GLU C 365 21.26 -0.67 -31.29
C GLU C 365 21.40 0.84 -31.07
N ALA C 366 22.01 1.51 -32.05
CA ALA C 366 22.10 2.97 -32.00
C ALA C 366 20.72 3.61 -32.09
N GLU C 367 19.83 3.00 -32.86
CA GLU C 367 18.46 3.50 -32.96
C GLU C 367 17.71 3.35 -31.64
N LYS C 368 17.94 2.24 -30.95
CA LYS C 368 17.37 2.02 -29.62
C LYS C 368 17.87 3.07 -28.64
N LYS C 369 19.17 3.37 -28.70
CA LYS C 369 19.76 4.40 -27.85
C LYS C 369 19.16 5.76 -28.13
N MET C 370 18.92 6.05 -29.42
CA MET C 370 18.25 7.28 -29.85
C MET C 370 16.86 7.39 -29.25
N LYS C 371 16.08 6.31 -29.32
CA LYS C 371 14.69 6.37 -28.88
C LYS C 371 14.62 6.51 -27.36
N GLU C 372 15.55 5.90 -26.65
CA GLU C 372 15.60 6.01 -25.20
C GLU C 372 15.99 7.41 -24.76
N LEU C 373 16.97 8.02 -25.45
CA LEU C 373 17.36 9.40 -25.16
C LEU C 373 16.21 10.36 -25.41
N LYS C 374 15.47 10.17 -26.51
CA LYS C 374 14.37 11.07 -26.82
C LYS C 374 13.24 10.93 -25.80
N TRP C 375 13.02 9.72 -25.30
CA TRP C 375 12.01 9.52 -24.26
C TRP C 375 12.37 10.24 -22.98
N LYS C 376 13.65 10.16 -22.56
CA LYS C 376 14.03 10.88 -21.35
C LYS C 376 13.99 12.39 -21.54
N LYS C 377 14.27 12.88 -22.74
CA LYS C 377 14.13 14.31 -23.01
C LYS C 377 12.68 14.77 -22.91
N GLU C 378 11.76 13.94 -23.40
CA GLU C 378 10.34 14.28 -23.27
C GLU C 378 9.88 14.30 -21.82
N LYS C 379 10.42 13.39 -21.00
CA LYS C 379 10.02 13.39 -19.60
C LYS C 379 10.57 14.60 -18.85
N THR C 380 11.81 15.01 -19.15
CA THR C 380 12.33 16.24 -18.55
C THR C 380 11.53 17.45 -18.97
N LEU C 381 11.05 17.46 -20.23
CA LEU C 381 10.24 18.58 -20.70
C LEU C 381 8.90 18.63 -20.00
N GLU C 382 8.34 17.46 -19.66
CA GLU C 382 7.10 17.44 -18.88
C GLU C 382 7.32 17.95 -17.47
N ASP C 383 8.48 17.64 -16.88
CA ASP C 383 8.75 18.18 -15.55
C ASP C 383 8.99 19.69 -15.60
N ILE C 384 9.51 20.20 -16.73
CA ILE C 384 9.65 21.65 -16.90
C ILE C 384 8.28 22.31 -16.94
N LYS C 385 7.32 21.71 -17.65
CA LYS C 385 5.95 22.24 -17.66
C LYS C 385 5.35 22.24 -16.26
N ARG C 386 5.63 21.18 -15.51
CA ARG C 386 5.14 21.06 -14.14
C ARG C 386 5.69 22.18 -13.24
N GLU C 387 6.99 22.44 -13.35
CA GLU C 387 7.58 23.46 -12.50
C GLU C 387 7.18 24.87 -12.93
N GLN C 388 6.91 25.07 -14.23
CA GLN C 388 6.36 26.35 -14.67
C GLN C 388 4.99 26.61 -14.05
N VAL C 389 4.18 25.56 -13.94
CA VAL C 389 2.88 25.67 -13.28
C VAL C 389 3.05 26.10 -11.83
N LEU C 390 3.99 25.46 -11.12
CA LEU C 390 4.24 25.83 -9.73
C LEU C 390 4.73 27.26 -9.58
N ARG C 391 5.60 27.71 -10.49
CA ARG C 391 6.14 29.06 -10.41
C ARG C 391 5.06 30.10 -10.64
N GLU C 392 4.13 29.84 -11.57
CA GLU C 392 3.05 30.80 -11.80
C GLU C 392 2.07 30.86 -10.64
N HIS C 393 1.81 29.72 -9.99
CA HIS C 393 1.01 29.77 -8.76
C HIS C 393 1.70 30.57 -7.67
N ALA C 394 3.02 30.45 -7.57
CA ALA C 394 3.76 31.20 -6.55
C ALA C 394 3.77 32.69 -6.86
N VAL C 395 3.86 33.06 -8.14
CA VAL C 395 3.79 34.46 -8.56
C VAL C 395 2.47 35.07 -8.15
N PHE C 396 1.37 34.37 -8.46
CA PHE C 396 0.04 34.90 -8.15
C PHE C 396 -0.19 35.02 -6.66
N ASN C 397 0.28 34.03 -5.88
CA ASN C 397 0.07 34.09 -4.44
C ASN C 397 0.92 35.19 -3.79
N PHE C 398 2.16 35.34 -4.24
CA PHE C 398 3.04 36.38 -3.70
C PHE C 398 2.49 37.77 -4.01
N GLY C 399 2.01 37.98 -5.23
CA GLY C 399 1.44 39.27 -5.59
C GLY C 399 0.19 39.60 -4.82
N LYS C 400 -0.69 38.60 -4.64
CA LYS C 400 -1.92 38.82 -3.88
C LYS C 400 -1.62 39.10 -2.40
N LYS C 401 -0.66 38.37 -1.83
CA LYS C 401 -0.34 38.57 -0.42
C LYS C 401 0.34 39.90 -0.18
N LYS C 402 1.21 40.32 -1.11
CA LYS C 402 1.86 41.62 -0.96
C LYS C 402 0.88 42.76 -1.15
N GLU C 403 -0.11 42.60 -2.04
CA GLU C 403 -1.15 43.60 -2.17
C GLU C 403 -2.02 43.69 -0.93
N GLU C 404 -2.36 42.54 -0.34
CA GLU C 404 -3.12 42.54 0.91
C GLU C 404 -2.31 43.14 2.06
N PHE C 405 -0.99 42.96 2.04
CA PHE C 405 -0.15 43.53 3.09
C PHE C 405 -0.01 45.04 2.95
N VAL C 406 0.16 45.53 1.71
CA VAL C 406 0.21 46.97 1.47
C VAL C 406 -1.14 47.61 1.81
N ARG C 407 -2.23 46.93 1.48
CA ARG C 407 -3.56 47.43 1.85
C ARG C 407 -3.79 47.36 3.35
N CYS C 408 -3.07 46.51 4.06
CA CYS C 408 -3.14 46.49 5.52
C CYS C 408 -2.16 47.50 6.12
N ASP D 120 -35.96 -16.28 -44.41
CA ASP D 120 -35.84 -17.52 -43.66
C ASP D 120 -34.38 -17.79 -43.31
N ILE D 121 -34.15 -18.26 -42.08
CA ILE D 121 -32.79 -18.39 -41.59
C ILE D 121 -32.10 -19.63 -42.13
N ASN D 122 -32.85 -20.68 -42.46
CA ASN D 122 -32.22 -21.91 -42.98
C ASN D 122 -31.64 -21.70 -44.37
N ALA D 123 -32.25 -20.82 -45.17
CA ALA D 123 -31.66 -20.44 -46.44
C ALA D 123 -30.34 -19.71 -46.24
N GLN D 124 -30.30 -18.82 -45.23
CA GLN D 124 -29.06 -18.11 -44.89
C GLN D 124 -27.98 -19.04 -44.39
N ILE D 125 -28.36 -20.12 -43.70
CA ILE D 125 -27.38 -21.14 -43.32
C ILE D 125 -26.90 -21.89 -44.56
N LEU D 126 -27.82 -22.23 -45.47
CA LEU D 126 -27.48 -23.01 -46.65
C LEU D 126 -26.76 -22.23 -47.73
N ARG D 127 -26.69 -20.90 -47.64
CA ARG D 127 -25.90 -20.12 -48.60
C ARG D 127 -24.41 -20.45 -48.48
N HIS D 128 -23.93 -20.63 -47.26
CA HIS D 128 -22.52 -20.91 -47.02
C HIS D 128 -22.30 -22.40 -47.21
N GLU D 129 -22.11 -22.79 -48.48
CA GLU D 129 -22.06 -24.21 -48.83
C GLU D 129 -20.80 -24.88 -48.35
N ASN D 130 -19.74 -24.12 -48.10
CA ASN D 130 -18.51 -24.76 -47.66
C ASN D 130 -18.50 -25.02 -46.16
N SER D 131 -19.55 -24.61 -45.45
CA SER D 131 -19.65 -24.79 -44.01
C SER D 131 -20.07 -26.20 -43.64
N ALA D 132 -20.09 -26.45 -42.33
CA ALA D 132 -20.72 -27.64 -41.77
C ALA D 132 -22.13 -27.38 -41.24
N ALA D 133 -22.45 -26.11 -40.95
CA ALA D 133 -23.80 -25.77 -40.51
C ALA D 133 -24.81 -25.97 -41.63
N GLY D 134 -24.42 -25.69 -42.88
CA GLY D 134 -25.27 -26.03 -44.00
C GLY D 134 -25.43 -27.53 -44.19
N VAL D 135 -24.40 -28.30 -43.83
CA VAL D 135 -24.49 -29.75 -43.89
C VAL D 135 -25.48 -30.27 -42.86
N LEU D 136 -25.43 -29.75 -41.63
CA LEU D 136 -26.40 -30.16 -40.63
C LEU D 136 -27.80 -29.64 -40.95
N SER D 137 -27.91 -28.49 -41.59
CA SER D 137 -29.22 -28.01 -42.03
C SER D 137 -29.79 -28.89 -43.14
N LEU D 138 -28.93 -29.38 -44.03
CA LEU D 138 -29.37 -30.31 -45.07
C LEU D 138 -29.78 -31.66 -44.48
N VAL D 139 -29.14 -32.06 -43.38
CA VAL D 139 -29.61 -33.25 -42.65
C VAL D 139 -30.97 -32.99 -42.02
N GLU D 140 -31.15 -31.81 -41.42
CA GLU D 140 -32.40 -31.50 -40.74
C GLU D 140 -33.56 -31.32 -41.71
N THR D 141 -33.29 -30.94 -42.97
CA THR D 141 -34.36 -30.89 -43.96
C THR D 141 -34.73 -32.29 -44.45
N LEU D 142 -33.74 -33.12 -44.73
CA LEU D 142 -33.99 -34.49 -45.21
C LEU D 142 -34.48 -35.37 -44.07
N LEU D 150 -26.89 -39.92 -37.32
CA LEU D 150 -26.28 -40.81 -36.35
C LEU D 150 -26.23 -40.16 -34.98
N MET D 151 -25.21 -40.54 -34.18
CA MET D 151 -25.02 -39.92 -32.88
C MET D 151 -24.44 -38.51 -32.98
N LEU D 152 -23.99 -38.11 -34.19
CA LEU D 152 -23.53 -36.74 -34.41
C LEU D 152 -24.67 -35.76 -34.15
N THR D 153 -25.80 -35.93 -34.84
CA THR D 153 -26.95 -35.08 -34.58
C THR D 153 -27.67 -35.41 -33.28
N LYS D 154 -27.24 -36.44 -32.56
CA LYS D 154 -27.79 -36.68 -31.23
C LYS D 154 -27.02 -35.91 -30.16
N GLY D 155 -25.68 -35.84 -30.27
CA GLY D 155 -24.91 -35.07 -29.32
C GLY D 155 -24.95 -33.57 -29.55
N VAL D 156 -25.05 -33.15 -30.81
CA VAL D 156 -25.00 -31.74 -31.16
C VAL D 156 -26.29 -31.05 -30.72
N VAL D 157 -26.16 -29.99 -29.93
CA VAL D 157 -27.31 -29.18 -29.58
C VAL D 157 -27.76 -28.36 -30.78
N GLY D 158 -26.83 -27.75 -31.49
CA GLY D 158 -27.21 -27.13 -32.75
C GLY D 158 -26.32 -25.96 -33.10
N VAL D 159 -26.79 -25.17 -34.04
CA VAL D 159 -26.03 -24.05 -34.60
C VAL D 159 -26.36 -22.79 -33.80
N VAL D 160 -25.36 -21.91 -33.66
CA VAL D 160 -25.48 -20.72 -32.81
C VAL D 160 -26.55 -19.78 -33.34
N ALA D 161 -26.61 -19.60 -34.66
CA ALA D 161 -27.60 -18.71 -35.26
C ALA D 161 -29.02 -19.26 -35.12
N LYS D 162 -29.17 -20.56 -34.89
CA LYS D 162 -30.49 -21.11 -34.63
C LYS D 162 -30.89 -20.90 -33.18
N LEU D 163 -29.93 -20.79 -32.27
CA LEU D 163 -30.24 -20.79 -30.84
C LEU D 163 -30.60 -19.40 -30.31
N GLY D 164 -30.22 -18.34 -31.00
CA GLY D 164 -30.44 -16.99 -30.52
C GLY D 164 -31.44 -16.25 -31.40
N LYS D 165 -32.30 -15.47 -30.75
CA LYS D 165 -33.28 -14.66 -31.46
C LYS D 165 -33.16 -13.23 -30.96
N VAL D 166 -33.26 -12.28 -31.88
CA VAL D 166 -33.12 -10.86 -31.59
C VAL D 166 -34.37 -10.15 -32.09
N ASN D 167 -34.90 -9.23 -31.28
CA ASN D 167 -36.19 -8.60 -31.57
C ASN D 167 -36.15 -7.77 -32.84
N ASP D 168 -35.16 -6.89 -32.98
CA ASP D 168 -35.08 -6.05 -34.16
C ASP D 168 -34.05 -6.57 -35.15
N GLU D 169 -33.86 -5.81 -36.22
CA GLU D 169 -33.02 -6.24 -37.33
C GLU D 169 -31.61 -5.65 -37.26
N ASN D 170 -31.51 -4.37 -36.93
CA ASN D 170 -30.21 -3.70 -36.94
C ASN D 170 -29.30 -4.24 -35.86
N LEU D 171 -29.85 -4.45 -34.66
CA LEU D 171 -29.06 -4.96 -33.54
C LEU D 171 -28.60 -6.39 -33.80
N SER D 172 -29.46 -7.18 -34.46
CA SER D 172 -29.07 -8.53 -34.86
C SER D 172 -27.95 -8.48 -35.88
N GLN D 173 -28.03 -7.55 -36.83
CA GLN D 173 -26.98 -7.42 -37.85
C GLN D 173 -25.66 -7.03 -37.23
N ILE D 174 -25.68 -6.13 -36.24
CA ILE D 174 -24.40 -5.68 -35.70
C ILE D 174 -23.82 -6.71 -34.73
N LEU D 175 -24.65 -7.46 -34.00
CA LEU D 175 -24.11 -8.56 -33.21
C LEU D 175 -23.56 -9.67 -34.09
N SER D 176 -24.18 -9.89 -35.26
CA SER D 176 -23.62 -10.86 -36.18
C SER D 176 -22.30 -10.38 -36.78
N ASN D 177 -22.19 -9.09 -37.06
CA ASN D 177 -20.91 -8.53 -37.51
C ASN D 177 -19.86 -8.58 -36.42
N TYR D 178 -20.28 -8.51 -35.16
CA TYR D 178 -19.35 -8.64 -34.06
C TYR D 178 -18.80 -10.06 -33.96
N LEU D 179 -19.68 -11.05 -34.03
CA LEU D 179 -19.19 -12.43 -33.86
C LEU D 179 -18.49 -12.96 -35.09
N GLY D 180 -18.87 -12.51 -36.29
CA GLY D 180 -18.26 -13.02 -37.49
C GLY D 180 -18.91 -14.29 -37.98
N THR D 181 -18.71 -14.56 -39.27
CA THR D 181 -19.34 -15.70 -39.92
C THR D 181 -18.74 -17.05 -39.53
N ARG D 182 -17.68 -17.05 -38.75
CA ARG D 182 -17.09 -18.31 -38.32
C ARG D 182 -17.63 -18.75 -36.98
N SER D 183 -17.77 -17.82 -36.04
CA SER D 183 -18.40 -18.15 -34.77
C SER D 183 -19.92 -18.08 -34.86
N MET D 184 -20.46 -17.51 -35.92
CA MET D 184 -21.91 -17.51 -36.06
C MET D 184 -22.41 -18.86 -36.57
N LEU D 185 -21.61 -19.53 -37.39
CA LEU D 185 -21.94 -20.84 -37.91
C LEU D 185 -21.32 -21.97 -37.10
N ALA D 186 -21.14 -21.78 -35.80
CA ALA D 186 -20.48 -22.78 -34.99
C ALA D 186 -21.46 -23.87 -34.58
N VAL D 187 -21.02 -25.10 -34.68
CA VAL D 187 -21.81 -26.21 -34.13
C VAL D 187 -21.58 -26.26 -32.63
N VAL D 188 -22.63 -26.63 -31.89
CA VAL D 188 -22.61 -26.62 -30.44
C VAL D 188 -23.02 -28.01 -29.98
N CYS D 189 -22.12 -28.68 -29.29
CA CYS D 189 -22.36 -30.01 -28.75
C CYS D 189 -22.14 -29.97 -27.25
N ARG D 190 -22.53 -31.05 -26.58
CA ARG D 190 -22.54 -31.03 -25.12
C ARG D 190 -21.18 -31.37 -24.54
N ASN D 191 -20.71 -32.59 -24.77
CA ASN D 191 -19.48 -33.06 -24.15
C ASN D 191 -18.36 -33.17 -25.18
N TYR D 192 -17.14 -33.38 -24.68
CA TYR D 192 -16.00 -33.52 -25.56
C TYR D 192 -16.01 -34.84 -26.31
N GLU D 193 -16.75 -35.84 -25.80
CA GLU D 193 -16.91 -37.09 -26.53
C GLU D 193 -17.64 -36.86 -27.85
N SER D 194 -18.55 -35.90 -27.88
CA SER D 194 -19.19 -35.53 -29.15
C SER D 194 -18.19 -34.88 -30.11
N VAL D 195 -17.23 -34.11 -29.57
CA VAL D 195 -16.19 -33.52 -30.39
C VAL D 195 -15.32 -34.60 -31.01
N THR D 196 -14.97 -35.62 -30.21
CA THR D 196 -14.25 -36.76 -30.76
C THR D 196 -15.10 -37.56 -31.74
N ALA D 197 -16.42 -37.49 -31.58
CA ALA D 197 -17.30 -38.14 -32.55
C ALA D 197 -17.33 -37.40 -33.88
N LEU D 198 -17.16 -36.07 -33.85
CA LEU D 198 -17.29 -35.31 -35.10
C LEU D 198 -16.09 -35.53 -36.01
N GLU D 199 -14.90 -35.71 -35.45
CA GLU D 199 -13.68 -35.80 -36.26
C GLU D 199 -12.83 -36.99 -35.86
N ALA D 200 -12.09 -37.52 -36.83
CA ALA D 200 -11.21 -38.66 -36.63
C ALA D 200 -9.85 -38.35 -37.23
N TYR D 201 -8.79 -38.64 -36.47
CA TYR D 201 -7.42 -38.36 -36.87
C TYR D 201 -6.65 -39.68 -36.98
N ASP D 202 -5.87 -39.82 -38.04
CA ASP D 202 -5.00 -40.98 -38.18
C ASP D 202 -3.61 -40.67 -37.65
N ASN D 203 -2.68 -41.58 -37.90
CA ASN D 203 -1.30 -41.38 -37.47
C ASN D 203 -0.59 -40.32 -38.31
N HIS D 204 -1.11 -40.05 -39.51
CA HIS D 204 -0.54 -39.02 -40.37
C HIS D 204 -0.80 -37.62 -39.83
N GLY D 205 -1.82 -37.47 -39.00
CA GLY D 205 -2.21 -36.17 -38.50
C GLY D 205 -3.16 -35.42 -39.40
N ASN D 206 -3.52 -35.98 -40.55
CA ASN D 206 -4.40 -35.32 -41.50
C ASN D 206 -5.84 -35.66 -41.20
N ILE D 207 -6.73 -34.73 -41.54
CA ILE D 207 -8.18 -34.96 -41.46
C ILE D 207 -8.59 -35.67 -42.73
N ASP D 208 -8.74 -37.00 -42.65
CA ASP D 208 -9.16 -37.77 -43.81
C ASP D 208 -10.68 -37.77 -43.93
N ILE D 209 -11.16 -38.49 -44.95
CA ILE D 209 -12.59 -38.57 -45.22
C ILE D 209 -13.31 -39.32 -44.11
N ASN D 210 -12.60 -40.24 -43.46
CA ASN D 210 -13.16 -41.17 -42.47
C ASN D 210 -13.69 -40.54 -41.19
N ALA D 211 -13.60 -39.21 -41.05
CA ALA D 211 -14.21 -38.51 -39.93
C ALA D 211 -15.74 -38.52 -40.07
N GLY D 212 -16.40 -38.06 -39.01
CA GLY D 212 -17.86 -38.08 -38.93
C GLY D 212 -18.57 -37.23 -39.97
N LEU D 213 -18.45 -35.91 -39.85
CA LEU D 213 -19.12 -35.03 -40.80
C LEU D 213 -18.51 -35.09 -42.19
N HIS D 214 -17.27 -35.55 -42.33
CA HIS D 214 -16.70 -35.69 -43.67
C HIS D 214 -17.30 -36.88 -44.40
N CYS D 215 -17.45 -38.04 -43.73
CA CYS D 215 -18.21 -39.14 -44.30
C CYS D 215 -19.67 -38.76 -44.52
N LEU D 216 -20.26 -37.98 -43.61
CA LEU D 216 -21.66 -37.61 -43.74
C LEU D 216 -21.88 -36.67 -44.92
N GLY D 217 -20.99 -35.71 -45.12
CA GLY D 217 -21.11 -34.81 -46.27
C GLY D 217 -20.76 -35.51 -47.58
N SER D 218 -19.80 -36.44 -47.55
CA SER D 218 -19.48 -37.18 -48.76
C SER D 218 -20.60 -38.14 -49.15
N SER D 219 -21.35 -38.65 -48.17
CA SER D 219 -22.48 -39.50 -48.48
C SER D 219 -23.68 -38.69 -48.96
N ILE D 220 -23.91 -37.52 -48.37
CA ILE D 220 -25.12 -36.77 -48.67
C ILE D 220 -24.94 -35.80 -49.83
N GLY D 221 -23.79 -35.13 -49.92
CA GLY D 221 -23.72 -33.97 -50.78
C GLY D 221 -22.45 -33.15 -50.71
N ARG D 222 -22.62 -31.85 -50.43
CA ARG D 222 -21.52 -30.90 -50.32
C ARG D 222 -20.48 -31.33 -49.28
N GLU D 223 -19.24 -30.91 -49.50
CA GLU D 223 -18.14 -31.21 -48.59
C GLU D 223 -17.83 -29.99 -47.71
N ILE D 224 -16.87 -30.19 -46.81
CA ILE D 224 -16.50 -29.17 -45.82
C ILE D 224 -15.02 -28.86 -46.07
N GLY D 225 -14.77 -27.71 -46.68
CA GLY D 225 -13.41 -27.29 -46.97
C GLY D 225 -12.95 -26.16 -46.08
N ASP D 226 -13.88 -25.57 -45.35
CA ASP D 226 -13.55 -24.53 -44.38
C ASP D 226 -13.46 -25.12 -42.98
N SER D 227 -12.55 -24.56 -42.18
CA SER D 227 -12.55 -24.85 -40.76
C SER D 227 -13.78 -24.24 -40.11
N PHE D 228 -14.38 -25.00 -39.20
CA PHE D 228 -15.57 -24.52 -38.53
C PHE D 228 -15.41 -24.76 -37.04
N ASP D 229 -16.23 -24.09 -36.26
CA ASP D 229 -16.01 -24.01 -34.84
C ASP D 229 -16.91 -24.99 -34.12
N ALA D 230 -16.33 -25.73 -33.18
CA ALA D 230 -17.04 -26.75 -32.42
C ALA D 230 -16.97 -26.41 -30.94
N ILE D 231 -18.08 -25.94 -30.40
CA ILE D 231 -18.16 -25.50 -29.02
C ILE D 231 -18.68 -26.67 -28.19
N CYS D 232 -18.01 -26.98 -27.09
CA CYS D 232 -18.53 -27.94 -26.14
C CYS D 232 -18.96 -27.22 -24.88
N LEU D 233 -20.17 -27.51 -24.41
CA LEU D 233 -20.72 -26.76 -23.30
C LEU D 233 -20.23 -27.24 -21.95
N GLU D 234 -19.58 -28.40 -21.87
CA GLU D 234 -19.08 -28.86 -20.58
C GLU D 234 -17.81 -28.13 -20.18
N ASN D 235 -16.89 -27.91 -21.11
CA ASN D 235 -15.62 -27.31 -20.78
C ASN D 235 -15.64 -25.79 -20.78
N LEU D 236 -16.77 -25.17 -21.07
CA LEU D 236 -16.82 -23.72 -21.07
C LEU D 236 -16.85 -23.17 -19.64
N ARG D 237 -16.55 -21.89 -19.53
CA ARG D 237 -16.51 -21.23 -18.24
C ARG D 237 -17.87 -20.61 -17.94
N PRO D 238 -18.58 -21.14 -16.93
CA PRO D 238 -19.90 -20.65 -16.57
C PRO D 238 -19.75 -19.30 -15.86
N TYR D 239 -20.75 -18.42 -16.01
CA TYR D 239 -20.67 -17.12 -15.30
C TYR D 239 -21.31 -17.33 -13.93
N VAL D 240 -20.47 -17.47 -12.90
CA VAL D 240 -20.95 -17.71 -11.51
C VAL D 240 -21.23 -16.34 -10.86
N GLY D 241 -22.29 -15.68 -11.31
CA GLY D 241 -22.68 -14.36 -10.78
C GLY D 241 -24.17 -14.31 -10.55
N GLN D 242 -24.63 -13.40 -9.69
CA GLN D 242 -26.08 -13.32 -9.37
C GLN D 242 -26.89 -12.93 -10.60
N HIS D 243 -28.03 -13.61 -10.77
CA HIS D 243 -29.04 -13.36 -11.80
C HIS D 243 -30.06 -12.35 -11.33
N ILE D 244 -30.81 -11.80 -12.27
CA ILE D 244 -31.99 -11.02 -11.92
C ILE D 244 -33.07 -11.99 -11.46
N ALA D 245 -33.76 -11.64 -10.37
CA ALA D 245 -34.65 -12.60 -9.73
C ALA D 245 -35.96 -12.77 -10.49
N ASP D 246 -36.61 -11.66 -10.85
CA ASP D 246 -37.98 -11.73 -11.35
C ASP D 246 -38.10 -11.86 -12.85
N ASP D 247 -37.07 -11.46 -13.61
CA ASP D 247 -37.21 -11.42 -15.06
C ASP D 247 -37.13 -12.81 -15.66
N LEU D 248 -37.89 -13.02 -16.73
CA LEU D 248 -37.79 -14.23 -17.52
C LEU D 248 -36.49 -14.22 -18.30
N GLN D 249 -36.17 -15.38 -18.87
CA GLN D 249 -34.95 -15.73 -19.62
C GLN D 249 -33.70 -15.74 -18.77
N ARG D 250 -33.80 -15.50 -17.45
CA ARG D 250 -32.69 -15.47 -16.51
C ARG D 250 -31.60 -14.50 -16.96
N ARG D 251 -31.98 -13.23 -17.06
CA ARG D 251 -31.04 -12.19 -17.44
C ARG D 251 -29.97 -12.00 -16.37
N LEU D 252 -28.79 -11.59 -16.80
CA LEU D 252 -27.65 -11.55 -15.91
C LEU D 252 -27.68 -10.27 -15.08
N ASP D 253 -27.34 -10.41 -13.79
CA ASP D 253 -27.23 -9.27 -12.90
C ASP D 253 -25.80 -8.75 -13.01
N LEU D 254 -25.58 -7.85 -13.95
CA LEU D 254 -24.25 -7.34 -14.24
C LEU D 254 -24.20 -5.86 -13.89
N LEU D 255 -23.00 -5.42 -13.53
CA LEU D 255 -22.83 -4.06 -13.04
C LEU D 255 -22.80 -3.08 -14.21
N LYS D 256 -23.61 -2.03 -14.11
CA LYS D 256 -23.69 -0.99 -15.11
C LYS D 256 -22.76 0.17 -14.76
N PRO D 257 -22.04 0.71 -15.73
CA PRO D 257 -21.10 1.79 -15.43
C PRO D 257 -21.81 3.10 -15.17
N LYS D 258 -21.11 4.00 -14.48
CA LYS D 258 -21.60 5.33 -14.18
C LYS D 258 -20.48 6.34 -14.32
N LEU D 259 -20.81 7.50 -14.86
CA LEU D 259 -19.89 8.62 -14.98
C LEU D 259 -19.64 9.24 -13.61
N PRO D 260 -18.59 10.07 -13.46
CA PRO D 260 -18.35 10.71 -12.15
C PRO D 260 -19.45 11.62 -11.67
N ASN D 261 -20.26 12.18 -12.55
CA ASN D 261 -21.30 13.09 -12.08
C ASN D 261 -22.49 12.33 -11.50
N GLY D 262 -23.12 11.49 -12.30
CA GLY D 262 -24.40 10.94 -11.91
C GLY D 262 -24.60 9.51 -12.33
N GLU D 263 -25.65 9.32 -13.12
CA GLU D 263 -26.07 8.02 -13.62
C GLU D 263 -25.23 7.58 -14.80
N CYS D 264 -25.73 6.56 -15.52
CA CYS D 264 -25.15 5.84 -16.65
C CYS D 264 -24.60 6.74 -17.75
N PRO D 265 -23.70 6.24 -18.61
CA PRO D 265 -23.26 7.04 -19.76
C PRO D 265 -24.42 7.35 -20.68
N PRO D 266 -24.33 8.45 -21.45
CA PRO D 266 -25.52 8.95 -22.15
C PRO D 266 -26.06 8.05 -23.24
N GLY D 267 -25.22 7.28 -23.91
CA GLY D 267 -25.68 6.40 -24.94
C GLY D 267 -25.94 4.96 -24.52
N PHE D 268 -26.08 4.69 -23.23
CA PHE D 268 -26.04 3.32 -22.74
C PHE D 268 -27.37 2.62 -22.98
N LEU D 269 -27.37 1.69 -23.94
CA LEU D 269 -28.56 0.88 -24.19
C LEU D 269 -28.51 -0.42 -23.41
N GLY D 270 -27.33 -0.99 -23.17
CA GLY D 270 -27.24 -2.09 -22.24
C GLY D 270 -26.33 -3.19 -22.72
N PHE D 271 -26.34 -4.29 -21.96
CA PHE D 271 -25.39 -5.37 -22.23
C PHE D 271 -25.92 -6.29 -23.31
N ALA D 272 -25.01 -6.75 -24.16
CA ALA D 272 -25.40 -7.51 -25.33
C ALA D 272 -25.70 -8.96 -25.02
N VAL D 273 -25.22 -9.49 -23.89
CA VAL D 273 -25.55 -10.85 -23.53
C VAL D 273 -27.00 -10.94 -23.03
N ASN D 274 -27.55 -9.84 -22.53
CA ASN D 274 -28.95 -9.81 -22.15
C ASN D 274 -29.86 -9.38 -23.27
N MET D 275 -29.32 -9.03 -24.44
CA MET D 275 -30.17 -8.69 -25.58
C MET D 275 -30.76 -9.95 -26.22
N ILE D 276 -30.07 -11.08 -26.08
CA ILE D 276 -30.46 -12.30 -26.80
C ILE D 276 -31.74 -12.88 -26.22
N GLN D 277 -32.73 -13.05 -27.07
CA GLN D 277 -34.00 -13.67 -26.72
C GLN D 277 -33.87 -15.16 -27.06
N ILE D 278 -34.09 -16.02 -26.07
CA ILE D 278 -33.67 -17.41 -26.20
C ILE D 278 -34.90 -18.32 -26.20
N ASP D 279 -34.70 -19.56 -26.67
CA ASP D 279 -35.73 -20.57 -26.63
C ASP D 279 -35.93 -21.02 -25.17
N PRO D 280 -37.16 -21.00 -24.66
CA PRO D 280 -37.39 -21.39 -23.26
C PRO D 280 -37.16 -22.85 -22.94
N ALA D 281 -36.91 -23.70 -23.92
CA ALA D 281 -36.53 -25.07 -23.63
C ALA D 281 -35.11 -25.14 -23.08
N TYR D 282 -34.27 -24.17 -23.41
CA TYR D 282 -32.85 -24.23 -23.10
C TYR D 282 -32.46 -23.38 -21.90
N LEU D 283 -33.40 -22.99 -21.05
CA LEU D 283 -33.06 -22.10 -19.94
C LEU D 283 -32.44 -22.84 -18.78
N LEU D 284 -32.71 -24.13 -18.62
CA LEU D 284 -32.27 -24.86 -17.45
C LEU D 284 -31.71 -26.23 -17.85
N CYS D 285 -30.77 -26.70 -17.04
CA CYS D 285 -30.22 -28.09 -17.09
C CYS D 285 -29.78 -28.48 -18.50
N VAL D 286 -29.17 -27.56 -19.25
CA VAL D 286 -28.65 -27.93 -20.56
C VAL D 286 -27.34 -28.68 -20.41
N THR D 287 -26.43 -28.16 -19.58
CA THR D 287 -25.24 -28.89 -19.23
C THR D 287 -25.53 -29.79 -18.02
N SER D 288 -24.52 -30.56 -17.62
CA SER D 288 -24.72 -31.57 -16.58
C SER D 288 -24.86 -30.94 -15.20
N TYR D 289 -24.30 -29.75 -15.00
CA TYR D 289 -24.37 -29.14 -13.68
C TYR D 289 -25.64 -28.34 -13.47
N GLY D 290 -26.51 -28.25 -14.47
CA GLY D 290 -27.74 -27.51 -14.32
C GLY D 290 -27.65 -26.06 -14.71
N TYR D 291 -26.54 -25.62 -15.29
CA TYR D 291 -26.42 -24.27 -15.78
C TYR D 291 -27.25 -24.11 -17.05
N GLY D 292 -27.66 -22.88 -17.31
CA GLY D 292 -28.45 -22.59 -18.49
C GLY D 292 -27.61 -22.59 -19.75
N LEU D 293 -28.15 -21.91 -20.75
CA LEU D 293 -27.38 -21.72 -21.97
C LEU D 293 -26.90 -20.29 -22.10
N ARG D 294 -27.58 -19.34 -21.47
CA ARG D 294 -27.07 -17.97 -21.42
C ARG D 294 -25.83 -17.89 -20.54
N GLU D 295 -25.78 -18.68 -19.47
CA GLU D 295 -24.62 -18.67 -18.59
C GLU D 295 -23.39 -19.25 -19.26
N THR D 296 -23.56 -20.15 -20.21
CA THR D 296 -22.42 -20.86 -20.78
C THR D 296 -22.08 -20.43 -22.20
N LEU D 297 -23.04 -20.49 -23.11
CA LEU D 297 -22.72 -20.19 -24.50
C LEU D 297 -22.64 -18.69 -24.72
N PHE D 298 -23.73 -17.97 -24.48
CA PHE D 298 -23.77 -16.56 -24.82
C PHE D 298 -22.96 -15.70 -23.89
N TYR D 299 -22.65 -16.18 -22.68
CA TYR D 299 -21.66 -15.47 -21.88
C TYR D 299 -20.28 -15.60 -22.48
N ASN D 300 -19.94 -16.76 -23.02
CA ASN D 300 -18.63 -16.95 -23.59
C ASN D 300 -18.52 -16.45 -25.01
N LEU D 301 -19.63 -16.06 -25.62
CA LEU D 301 -19.53 -15.34 -26.88
C LEU D 301 -19.64 -13.84 -26.70
N PHE D 302 -20.55 -13.40 -25.83
CA PHE D 302 -20.75 -11.98 -25.55
C PHE D 302 -20.36 -11.74 -24.10
N SER D 303 -19.08 -11.56 -23.85
CA SER D 303 -18.58 -11.51 -22.48
C SER D 303 -18.53 -10.06 -22.02
N ARG D 304 -19.67 -9.56 -21.53
CA ARG D 304 -19.80 -8.23 -20.92
C ARG D 304 -19.37 -7.11 -21.87
N LEU D 305 -20.11 -6.93 -22.95
CA LEU D 305 -19.82 -5.83 -23.86
C LEU D 305 -21.02 -4.91 -23.93
N GLN D 306 -20.75 -3.60 -23.88
CA GLN D 306 -21.82 -2.63 -23.88
C GLN D 306 -22.37 -2.42 -25.28
N VAL D 307 -23.62 -2.02 -25.35
CA VAL D 307 -24.28 -1.62 -26.59
C VAL D 307 -24.71 -0.17 -26.45
N TYR D 308 -24.20 0.67 -27.34
CA TYR D 308 -24.37 2.11 -27.32
C TYR D 308 -25.07 2.58 -28.58
N LYS D 309 -25.83 3.67 -28.46
CA LYS D 309 -26.67 4.13 -29.57
C LYS D 309 -25.85 4.83 -30.64
N THR D 310 -24.85 5.62 -30.23
CA THR D 310 -24.15 6.50 -31.15
C THR D 310 -22.66 6.20 -31.06
N ARG D 311 -21.98 6.33 -32.20
CA ARG D 311 -20.52 6.20 -32.26
C ARG D 311 -19.84 7.23 -31.35
N ALA D 312 -20.36 8.46 -31.35
CA ALA D 312 -19.80 9.48 -30.47
C ALA D 312 -20.11 9.19 -29.01
N ASP D 313 -21.26 8.60 -28.72
CA ASP D 313 -21.54 8.18 -27.35
C ASP D 313 -20.73 6.96 -26.96
N MET D 314 -20.24 6.19 -27.92
CA MET D 314 -19.35 5.10 -27.58
C MET D 314 -17.94 5.61 -27.30
N ILE D 315 -17.46 6.58 -28.07
CA ILE D 315 -16.14 7.13 -27.83
C ILE D 315 -16.12 7.97 -26.56
N SER D 316 -17.20 8.68 -26.27
CA SER D 316 -17.22 9.55 -25.09
C SER D 316 -17.33 8.76 -23.78
N ALA D 317 -17.71 7.49 -23.84
CA ALA D 317 -17.76 6.63 -22.66
C ALA D 317 -16.70 5.55 -22.72
N LEU D 318 -15.62 5.81 -23.44
CA LEU D 318 -14.53 4.85 -23.56
C LEU D 318 -13.83 4.46 -22.24
N PRO D 319 -13.66 5.31 -21.22
CA PRO D 319 -13.05 4.79 -19.99
C PRO D 319 -13.91 3.81 -19.22
N CYS D 320 -15.22 3.81 -19.40
CA CYS D 320 -16.06 2.95 -18.59
C CYS D 320 -16.23 1.56 -19.20
N ILE D 321 -15.99 1.40 -20.50
CA ILE D 321 -16.21 0.09 -21.12
C ILE D 321 -15.06 -0.85 -20.77
N SER D 322 -15.42 -2.02 -20.26
CA SER D 322 -14.42 -2.97 -19.81
C SER D 322 -13.94 -3.82 -20.97
N ASP D 323 -14.79 -4.67 -21.55
CA ASP D 323 -14.31 -5.62 -22.55
C ASP D 323 -14.48 -5.10 -23.96
N GLY D 324 -15.71 -4.80 -24.35
CA GLY D 324 -15.98 -4.36 -25.70
C GLY D 324 -17.19 -3.45 -25.74
N ALA D 325 -17.39 -2.84 -26.89
CA ALA D 325 -18.53 -1.96 -27.06
C ALA D 325 -18.97 -2.02 -28.51
N VAL D 326 -20.29 -1.92 -28.71
CA VAL D 326 -20.92 -2.05 -30.01
C VAL D 326 -21.83 -0.84 -30.21
N SER D 327 -21.57 -0.07 -31.25
CA SER D 327 -22.36 1.11 -31.53
C SER D 327 -23.50 0.73 -32.48
N LEU D 328 -24.70 1.19 -32.14
CA LEU D 328 -25.92 0.73 -32.80
C LEU D 328 -26.07 1.28 -34.21
N ASP D 329 -25.22 2.22 -34.64
CA ASP D 329 -25.24 2.65 -36.03
C ASP D 329 -24.08 2.11 -36.85
N GLY D 330 -22.88 2.09 -36.29
CA GLY D 330 -21.72 1.76 -37.08
C GLY D 330 -20.72 0.82 -36.43
N GLY D 331 -19.48 1.29 -36.33
CA GLY D 331 -18.37 0.45 -35.95
C GLY D 331 -18.36 0.02 -34.50
N ILE D 332 -17.50 -0.97 -34.23
CA ILE D 332 -17.41 -1.64 -32.94
C ILE D 332 -15.94 -1.75 -32.57
N ILE D 333 -15.70 -2.13 -31.32
CA ILE D 333 -14.36 -2.39 -30.82
C ILE D 333 -14.36 -3.72 -30.07
N ARG D 334 -13.36 -4.56 -30.37
CA ARG D 334 -13.29 -5.85 -29.69
C ARG D 334 -12.61 -5.76 -28.34
N LYS D 335 -11.50 -5.03 -28.27
CA LYS D 335 -10.77 -4.83 -27.02
C LYS D 335 -10.64 -3.34 -26.76
N THR D 336 -9.79 -2.99 -25.80
CA THR D 336 -9.71 -1.60 -25.36
C THR D 336 -9.02 -0.73 -26.40
N GLY D 337 -7.84 -1.14 -26.86
CA GLY D 337 -7.10 -0.29 -27.77
C GLY D 337 -7.43 -0.52 -29.22
N ILE D 338 -8.10 -1.63 -29.51
CA ILE D 338 -8.33 -2.06 -30.88
C ILE D 338 -9.60 -1.41 -31.41
N PHE D 339 -9.47 -0.59 -32.44
CA PHE D 339 -10.58 0.12 -33.05
C PHE D 339 -10.81 -0.42 -34.45
N ASN D 340 -12.03 -0.87 -34.73
CA ASN D 340 -12.41 -1.30 -36.06
C ASN D 340 -13.14 -0.18 -36.79
N LEU D 341 -12.73 0.06 -38.03
CA LEU D 341 -13.20 1.20 -38.80
C LEU D 341 -12.95 0.93 -40.27
N GLY D 342 -13.64 1.68 -41.12
CA GLY D 342 -13.64 1.46 -42.55
C GLY D 342 -15.01 1.01 -43.03
N ASN D 343 -15.07 0.68 -44.32
CA ASN D 343 -16.31 0.20 -44.94
C ASN D 343 -16.74 -1.10 -44.30
N ARG D 344 -17.99 -1.15 -43.84
CA ARG D 344 -18.41 -2.17 -42.90
C ARG D 344 -18.61 -3.50 -43.62
N ASP D 345 -17.74 -4.46 -43.32
CA ASP D 345 -17.88 -5.79 -43.89
C ASP D 345 -19.07 -6.50 -43.26
N GLU D 346 -19.95 -7.00 -44.11
CA GLU D 346 -21.19 -7.61 -43.66
C GLU D 346 -21.03 -9.12 -43.52
N VAL D 347 -21.89 -9.69 -42.69
CA VAL D 347 -21.99 -11.14 -42.51
C VAL D 347 -23.40 -11.55 -42.89
N ASN D 348 -23.51 -12.55 -43.77
CA ASN D 348 -24.79 -12.91 -44.36
C ASN D 348 -25.72 -13.54 -43.35
N VAL D 349 -25.18 -14.23 -42.35
CA VAL D 349 -26.00 -14.93 -41.37
C VAL D 349 -26.40 -13.95 -40.28
N ARG D 350 -27.65 -14.01 -39.85
CA ARG D 350 -28.14 -13.19 -38.76
C ARG D 350 -28.87 -14.06 -37.75
N PHE D 351 -29.19 -13.47 -36.60
CA PHE D 351 -30.06 -14.15 -35.66
C PHE D 351 -31.50 -14.09 -36.15
N ALA D 352 -32.28 -15.07 -35.73
CA ALA D 352 -33.65 -15.18 -36.20
C ALA D 352 -34.54 -14.13 -35.54
N LYS D 353 -35.72 -14.00 -36.08
CA LYS D 353 -36.76 -13.24 -35.42
C LYS D 353 -37.41 -14.10 -34.35
N PRO D 354 -37.88 -13.51 -33.25
CA PRO D 354 -38.60 -14.29 -32.25
C PRO D 354 -40.05 -14.50 -32.68
N THR D 355 -40.52 -15.74 -32.52
CA THR D 355 -41.90 -16.07 -32.86
C THR D 355 -42.60 -16.73 -31.68
N ASN E 55 -28.06 -31.38 -10.50
CA ASN E 55 -27.94 -30.70 -9.21
C ASN E 55 -27.15 -31.55 -8.24
N SER E 56 -27.35 -32.87 -8.28
CA SER E 56 -26.77 -33.73 -7.26
C SER E 56 -25.29 -33.97 -7.47
N LYS E 57 -24.83 -33.92 -8.72
CA LYS E 57 -23.44 -34.26 -9.03
C LYS E 57 -22.48 -33.19 -8.50
N ARG E 58 -22.87 -31.92 -8.60
CA ARG E 58 -22.01 -30.86 -8.06
C ARG E 58 -22.01 -30.87 -6.54
N LEU E 59 -23.11 -31.31 -5.91
CA LEU E 59 -23.14 -31.50 -4.46
C LEU E 59 -22.20 -32.63 -4.03
N GLU E 60 -22.19 -33.73 -4.80
CA GLU E 60 -21.29 -34.84 -4.53
C GLU E 60 -19.84 -34.43 -4.68
N SER E 61 -19.51 -33.69 -5.74
CA SER E 61 -18.16 -33.17 -5.91
C SER E 61 -17.80 -32.17 -4.81
N ASP E 62 -18.79 -31.42 -4.30
CA ASP E 62 -18.54 -30.47 -3.23
C ASP E 62 -18.10 -31.17 -1.96
N LEU E 63 -18.86 -32.15 -1.48
CA LEU E 63 -18.41 -32.79 -0.25
C LEU E 63 -17.23 -33.73 -0.46
N GLU E 64 -16.99 -34.20 -1.70
CA GLU E 64 -15.76 -34.93 -2.00
C GLU E 64 -14.53 -34.04 -1.85
N ALA E 65 -14.57 -32.85 -2.44
CA ALA E 65 -13.48 -31.90 -2.28
C ALA E 65 -13.36 -31.42 -0.84
N MET E 66 -14.47 -31.36 -0.11
CA MET E 66 -14.42 -30.95 1.30
C MET E 66 -13.74 -32.00 2.17
N GLY E 67 -13.99 -33.28 1.88
CA GLY E 67 -13.24 -34.33 2.57
C GLY E 67 -11.75 -34.32 2.20
N ASN E 68 -11.44 -33.99 0.95
CA ASN E 68 -10.04 -33.84 0.56
C ASN E 68 -9.36 -32.71 1.33
N LYS E 69 -10.08 -31.61 1.53
CA LYS E 69 -9.54 -30.49 2.29
C LYS E 69 -9.36 -30.85 3.76
N ILE E 70 -10.28 -31.64 4.34
CA ILE E 70 -10.11 -31.95 5.76
C ILE E 70 -8.97 -32.94 5.98
N LYS E 71 -8.71 -33.83 5.01
CA LYS E 71 -7.51 -34.67 5.09
C LYS E 71 -6.25 -33.82 4.92
N GLN E 72 -6.33 -32.77 4.09
CA GLN E 72 -5.20 -31.84 3.96
C GLN E 72 -4.95 -31.09 5.27
N HIS E 73 -6.01 -30.73 5.99
CA HIS E 73 -5.89 -30.13 7.32
C HIS E 73 -5.15 -31.06 8.29
N GLU E 74 -5.54 -32.34 8.30
CA GLU E 74 -4.90 -33.29 9.21
C GLU E 74 -3.43 -33.50 8.89
N ASP E 75 -3.08 -33.54 7.59
CA ASP E 75 -1.67 -33.63 7.20
C ASP E 75 -0.89 -32.41 7.64
N ASN E 76 -1.50 -31.23 7.54
CA ASN E 76 -0.80 -30.00 7.93
C ASN E 76 -0.57 -29.96 9.44
N LEU E 77 -1.55 -30.40 10.22
CA LEU E 77 -1.37 -30.56 11.67
C LEU E 77 -0.19 -31.47 11.98
N LYS E 78 -0.11 -32.61 11.29
CA LYS E 78 0.97 -33.55 11.58
C LYS E 78 2.33 -33.00 11.19
N PHE E 79 2.38 -32.22 10.11
CA PHE E 79 3.63 -31.57 9.73
C PHE E 79 4.09 -30.56 10.77
N LEU E 80 3.16 -29.78 11.31
CA LEU E 80 3.56 -28.78 12.29
C LEU E 80 3.94 -29.42 13.62
N LYS E 81 3.30 -30.53 13.99
CA LYS E 81 3.72 -31.25 15.19
C LYS E 81 5.12 -31.82 15.02
N SER E 82 5.44 -32.28 13.79
CA SER E 82 6.81 -32.68 13.48
C SER E 82 7.80 -31.54 13.67
N GLN E 83 7.45 -30.34 13.18
CA GLN E 83 8.35 -29.20 13.28
C GLN E 83 8.54 -28.77 14.73
N LYS E 84 7.47 -28.79 15.53
CA LYS E 84 7.58 -28.44 16.94
C LYS E 84 8.45 -29.46 17.68
N ASN E 85 8.37 -30.74 17.31
CA ASN E 85 9.19 -31.73 17.98
C ASN E 85 10.66 -31.61 17.59
N LYS E 86 10.95 -31.21 16.34
CA LYS E 86 12.33 -30.93 15.96
C LYS E 86 12.90 -29.74 16.73
N MET E 87 12.07 -28.70 16.93
CA MET E 87 12.49 -27.57 17.75
C MET E 87 12.74 -27.98 19.20
N ASP E 88 11.90 -28.88 19.72
CA ASP E 88 12.10 -29.39 21.08
C ASP E 88 13.41 -30.15 21.21
N GLU E 89 13.74 -30.96 20.21
CA GLU E 89 15.01 -31.70 20.23
C GLU E 89 16.21 -30.76 20.19
N ALA E 90 16.12 -29.71 19.36
CA ALA E 90 17.23 -28.76 19.26
C ALA E 90 17.41 -27.97 20.55
N ILE E 91 16.31 -27.58 21.22
CA ILE E 91 16.48 -26.82 22.44
C ILE E 91 16.91 -27.70 23.61
N VAL E 92 16.54 -28.99 23.62
CA VAL E 92 17.03 -29.88 24.66
C VAL E 92 18.52 -30.12 24.50
N ASP E 93 18.98 -30.28 23.26
CA ASP E 93 20.42 -30.45 23.00
C ASP E 93 21.22 -29.21 23.38
N LEU E 94 20.73 -28.02 23.02
CA LEU E 94 21.47 -26.82 23.38
C LEU E 94 21.36 -26.52 24.88
N GLN E 95 20.27 -26.95 25.53
CA GLN E 95 20.14 -26.71 26.96
C GLN E 95 21.09 -27.59 27.75
N VAL E 96 21.26 -28.85 27.35
CA VAL E 96 22.26 -29.66 28.05
C VAL E 96 23.68 -29.28 27.63
N HIS E 97 23.85 -28.65 26.46
CA HIS E 97 25.14 -28.05 26.12
C HIS E 97 25.46 -26.89 27.06
N MET E 98 24.47 -26.06 27.38
CA MET E 98 24.70 -24.94 28.27
C MET E 98 24.92 -25.41 29.71
N SER E 99 24.12 -26.39 30.15
CA SER E 99 24.27 -26.91 31.52
C SER E 99 25.55 -27.71 31.67
N LYS E 100 26.09 -28.22 30.57
CA LYS E 100 27.43 -28.82 30.58
C LYS E 100 28.49 -27.77 30.87
N LEU E 101 28.27 -26.54 30.42
CA LEU E 101 29.22 -25.46 30.65
C LEU E 101 28.69 -24.54 31.75
N ASP E 120 29.24 -0.43 43.34
CA ASP E 120 28.28 -1.52 43.18
C ASP E 120 26.86 -0.98 43.09
N ILE E 121 26.08 -1.52 42.15
CA ILE E 121 24.76 -0.96 41.89
C ILE E 121 23.73 -1.43 42.91
N ASN E 122 23.93 -2.62 43.50
CA ASN E 122 22.91 -3.16 44.41
C ASN E 122 22.82 -2.34 45.69
N ALA E 123 23.95 -1.81 46.16
CA ALA E 123 23.93 -0.90 47.29
C ALA E 123 23.20 0.40 46.94
N GLN E 124 23.33 0.85 45.69
CA GLN E 124 22.65 2.06 45.26
C GLN E 124 21.15 1.84 45.11
N ILE E 125 20.73 0.63 44.75
CA ILE E 125 19.32 0.30 44.77
C ILE E 125 18.81 0.27 46.21
N LEU E 126 19.61 -0.31 47.11
CA LEU E 126 19.18 -0.51 48.49
C LEU E 126 19.27 0.73 49.36
N ARG E 127 19.93 1.80 48.90
CA ARG E 127 19.82 3.08 49.60
C ARG E 127 18.41 3.62 49.53
N HIS E 128 17.71 3.37 48.42
CA HIS E 128 16.29 3.69 48.30
C HIS E 128 15.50 2.57 48.96
N GLU E 129 15.32 2.70 50.27
CA GLU E 129 14.62 1.67 51.03
C GLU E 129 13.12 1.72 50.75
N ASN E 130 12.55 2.91 50.59
CA ASN E 130 11.12 3.04 50.36
C ASN E 130 10.73 2.66 48.94
N SER E 131 11.68 2.68 48.00
CA SER E 131 11.37 2.37 46.62
C SER E 131 11.19 0.87 46.43
N ALA E 132 10.32 0.52 45.49
CA ALA E 132 10.01 -0.89 45.23
C ALA E 132 11.15 -1.63 44.54
N ALA E 133 12.07 -0.91 43.91
CA ALA E 133 13.24 -1.56 43.33
C ALA E 133 14.17 -2.08 44.42
N GLY E 134 14.30 -1.34 45.54
CA GLY E 134 15.03 -1.85 46.68
C GLY E 134 14.38 -3.06 47.30
N VAL E 135 13.05 -3.10 47.28
CA VAL E 135 12.30 -4.26 47.77
C VAL E 135 12.60 -5.48 46.92
N LEU E 136 12.53 -5.33 45.59
CA LEU E 136 12.80 -6.47 44.72
C LEU E 136 14.26 -6.90 44.77
N SER E 137 15.19 -5.96 44.93
CA SER E 137 16.60 -6.34 45.04
C SER E 137 16.88 -7.05 46.35
N LEU E 138 16.19 -6.66 47.43
CA LEU E 138 16.35 -7.35 48.71
C LEU E 138 15.77 -8.76 48.67
N VAL E 139 14.62 -8.92 48.00
CA VAL E 139 14.03 -10.26 47.89
C VAL E 139 14.85 -11.14 46.98
N GLU E 140 15.50 -10.57 45.96
CA GLU E 140 16.43 -11.35 45.16
C GLU E 140 17.70 -11.71 45.95
N THR E 141 18.07 -10.91 46.96
CA THR E 141 19.17 -11.36 47.81
C THR E 141 18.75 -12.48 48.75
N LEU E 142 17.46 -12.59 49.04
CA LEU E 142 16.96 -13.70 49.87
C LEU E 142 16.46 -14.84 48.99
N LEU E 150 7.57 -15.93 43.63
CA LEU E 150 6.22 -16.30 43.24
C LEU E 150 6.02 -16.11 41.74
N MET E 151 4.79 -15.78 41.35
CA MET E 151 4.53 -15.36 39.98
C MET E 151 4.84 -13.89 39.77
N LEU E 152 5.06 -13.13 40.85
CA LEU E 152 5.35 -11.71 40.74
C LEU E 152 6.74 -11.48 40.18
N THR E 153 7.75 -12.05 40.84
CA THR E 153 9.13 -11.87 40.38
C THR E 153 9.51 -12.80 39.23
N LYS E 154 8.54 -13.53 38.66
CA LYS E 154 8.80 -14.26 37.42
C LYS E 154 8.42 -13.44 36.20
N GLY E 155 7.32 -12.67 36.30
CA GLY E 155 6.90 -11.85 35.18
C GLY E 155 7.76 -10.61 34.99
N VAL E 156 8.38 -10.13 36.07
CA VAL E 156 9.21 -8.94 36.01
C VAL E 156 10.52 -9.25 35.30
N VAL E 157 10.81 -8.50 34.24
CA VAL E 157 12.11 -8.63 33.58
C VAL E 157 13.21 -8.02 34.44
N GLY E 158 12.96 -6.86 35.01
CA GLY E 158 13.98 -6.36 35.92
C GLY E 158 13.78 -4.90 36.29
N VAL E 159 14.91 -4.23 36.52
CA VAL E 159 14.96 -2.83 36.90
C VAL E 159 15.83 -2.11 35.89
N VAL E 160 15.42 -0.89 35.50
CA VAL E 160 16.05 -0.11 34.45
C VAL E 160 17.51 0.19 34.77
N ALA E 161 17.85 0.32 36.05
CA ALA E 161 19.23 0.59 36.42
C ALA E 161 20.12 -0.61 36.19
N LYS E 162 19.56 -1.82 36.24
CA LYS E 162 20.35 -3.02 36.08
C LYS E 162 20.34 -3.57 34.66
N LEU E 163 19.59 -2.95 33.75
CA LEU E 163 19.54 -3.47 32.38
C LEU E 163 20.57 -2.83 31.47
N GLY E 164 20.77 -1.53 31.56
CA GLY E 164 21.69 -0.83 30.69
C GLY E 164 23.06 -0.68 31.32
N LYS E 165 24.08 -0.56 30.48
CA LYS E 165 25.46 -0.41 30.94
C LYS E 165 26.16 0.63 30.09
N VAL E 166 26.92 1.50 30.74
CA VAL E 166 27.64 2.59 30.07
C VAL E 166 29.12 2.47 30.43
N ASN E 167 29.99 2.66 29.43
CA ASN E 167 31.42 2.49 29.61
C ASN E 167 31.99 3.51 30.59
N ASP E 168 31.80 4.79 30.33
CA ASP E 168 32.37 5.81 31.21
C ASP E 168 31.39 6.23 32.29
N GLU E 169 31.94 6.89 33.31
CA GLU E 169 31.19 7.21 34.53
C GLU E 169 30.40 8.50 34.38
N ASN E 170 30.99 9.51 33.73
CA ASN E 170 30.39 10.83 33.63
C ASN E 170 29.10 10.79 32.83
N LEU E 171 29.12 10.12 31.67
CA LEU E 171 27.95 10.02 30.82
C LEU E 171 26.85 9.21 31.49
N SER E 172 27.22 8.21 32.28
CA SER E 172 26.22 7.45 33.04
C SER E 172 25.55 8.32 34.09
N GLN E 173 26.34 9.14 34.78
CA GLN E 173 25.77 10.07 35.75
C GLN E 173 24.82 11.07 35.09
N ILE E 174 25.18 11.54 33.90
CA ILE E 174 24.35 12.56 33.26
C ILE E 174 23.06 11.97 32.72
N LEU E 175 23.12 10.76 32.15
CA LEU E 175 21.89 10.12 31.68
C LEU E 175 20.97 9.76 32.84
N SER E 176 21.55 9.36 33.97
CA SER E 176 20.72 9.11 35.14
C SER E 176 20.10 10.38 35.68
N ASN E 177 20.85 11.50 35.64
CA ASN E 177 20.27 12.79 36.01
C ASN E 177 19.17 13.20 35.05
N TYR E 178 19.30 12.83 33.77
CA TYR E 178 18.27 13.13 32.79
C TYR E 178 17.00 12.36 33.06
N LEU E 179 17.11 11.06 33.33
CA LEU E 179 15.90 10.26 33.50
C LEU E 179 15.23 10.52 34.85
N GLY E 180 15.99 10.81 35.89
CA GLY E 180 15.39 11.00 37.17
C GLY E 180 15.11 9.69 37.88
N THR E 181 15.08 9.78 39.20
CA THR E 181 15.09 8.59 40.04
C THR E 181 13.76 7.85 40.07
N ARG E 182 12.71 8.40 39.47
CA ARG E 182 11.46 7.64 39.44
C ARG E 182 11.44 6.68 38.26
N SER E 183 11.82 7.14 37.07
CA SER E 183 11.92 6.25 35.94
C SER E 183 13.20 5.43 35.96
N MET E 184 14.20 5.83 36.74
CA MET E 184 15.42 5.02 36.82
C MET E 184 15.19 3.76 37.63
N LEU E 185 14.34 3.83 38.65
CA LEU E 185 13.99 2.66 39.46
C LEU E 185 12.71 2.00 39.00
N ALA E 186 12.42 2.03 37.71
CA ALA E 186 11.18 1.50 37.20
C ALA E 186 11.28 -0.02 37.05
N VAL E 187 10.29 -0.73 37.55
CA VAL E 187 10.20 -2.15 37.27
C VAL E 187 9.70 -2.32 35.85
N VAL E 188 10.25 -3.31 35.16
CA VAL E 188 9.86 -3.59 33.79
C VAL E 188 9.49 -5.05 33.67
N CYS E 189 8.30 -5.32 33.17
CA CYS E 189 7.77 -6.67 33.03
C CYS E 189 7.29 -6.86 31.60
N ARG E 190 7.05 -8.12 31.25
CA ARG E 190 6.71 -8.45 29.87
C ARG E 190 5.28 -8.06 29.54
N ASN E 191 4.32 -8.68 30.21
CA ASN E 191 2.92 -8.56 29.87
C ASN E 191 2.22 -7.62 30.83
N TYR E 192 1.11 -7.05 30.36
CA TYR E 192 0.32 -6.15 31.18
C TYR E 192 -0.37 -6.86 32.35
N GLU E 193 -0.59 -8.17 32.23
CA GLU E 193 -1.11 -8.91 33.37
C GLU E 193 -0.14 -8.93 34.54
N SER E 194 1.16 -8.85 34.25
CA SER E 194 2.15 -8.70 35.31
C SER E 194 2.07 -7.33 35.96
N VAL E 195 1.65 -6.29 35.23
CA VAL E 195 1.37 -5.00 35.85
C VAL E 195 0.17 -5.11 36.77
N THR E 196 -0.88 -5.81 36.31
CA THR E 196 -2.08 -5.96 37.13
C THR E 196 -1.82 -6.79 38.38
N ALA E 197 -0.86 -7.71 38.31
CA ALA E 197 -0.56 -8.55 39.46
C ALA E 197 0.20 -7.81 40.55
N LEU E 198 0.86 -6.70 40.23
CA LEU E 198 1.68 -6.03 41.24
C LEU E 198 0.85 -5.24 42.23
N GLU E 199 -0.32 -4.77 41.83
CA GLU E 199 -1.12 -3.93 42.70
C GLU E 199 -2.55 -4.45 42.78
N ALA E 200 -3.25 -4.01 43.82
CA ALA E 200 -4.66 -4.28 44.02
C ALA E 200 -5.35 -3.00 44.46
N TYR E 201 -6.56 -2.78 43.95
CA TYR E 201 -7.32 -1.56 44.23
C TYR E 201 -8.74 -1.94 44.62
N ASP E 202 -9.27 -1.28 45.65
CA ASP E 202 -10.62 -1.54 46.10
C ASP E 202 -11.55 -0.50 45.48
N ASN E 203 -12.79 -0.43 45.95
CA ASN E 203 -13.75 0.54 45.41
C ASN E 203 -13.43 1.95 45.87
N HIS E 204 -12.68 2.10 46.96
CA HIS E 204 -12.22 3.43 47.36
C HIS E 204 -11.07 3.88 46.47
N GLY E 205 -10.40 2.95 45.79
CA GLY E 205 -9.25 3.26 45.00
C GLY E 205 -7.96 3.32 45.77
N ASN E 206 -8.01 3.15 47.09
CA ASN E 206 -6.81 3.24 47.89
C ASN E 206 -5.98 1.97 47.73
N ILE E 207 -4.67 2.12 47.86
CA ILE E 207 -3.73 1.05 47.62
C ILE E 207 -3.77 0.12 48.82
N ASP E 208 -4.31 -1.08 48.63
CA ASP E 208 -4.38 -2.03 49.72
C ASP E 208 -3.01 -2.64 50.00
N ILE E 209 -2.84 -3.08 51.26
CA ILE E 209 -1.67 -3.89 51.61
C ILE E 209 -1.76 -5.24 50.93
N ASN E 210 -2.98 -5.69 50.64
CA ASN E 210 -3.27 -6.92 49.91
C ASN E 210 -2.73 -6.96 48.47
N ALA E 211 -2.20 -5.83 47.99
CA ALA E 211 -1.43 -5.80 46.74
C ALA E 211 -0.19 -6.69 46.85
N GLY E 212 0.31 -7.12 45.70
CA GLY E 212 1.34 -8.15 45.68
C GLY E 212 2.68 -7.66 46.19
N LEU E 213 3.18 -6.56 45.63
CA LEU E 213 4.45 -6.01 46.12
C LEU E 213 4.32 -5.45 47.53
N HIS E 214 3.13 -4.98 47.90
CA HIS E 214 2.97 -4.47 49.26
C HIS E 214 2.86 -5.60 50.27
N CYS E 215 2.19 -6.71 49.92
CA CYS E 215 2.24 -7.92 50.75
C CYS E 215 3.66 -8.43 50.90
N LEU E 216 4.41 -8.47 49.80
CA LEU E 216 5.76 -9.02 49.86
C LEU E 216 6.70 -8.12 50.66
N GLY E 217 6.58 -6.80 50.48
CA GLY E 217 7.41 -5.87 51.24
C GLY E 217 7.06 -5.85 52.71
N SER E 218 5.77 -5.87 53.05
CA SER E 218 5.37 -5.92 54.46
C SER E 218 5.71 -7.26 55.09
N SER E 219 5.70 -8.34 54.30
CA SER E 219 6.02 -9.66 54.83
C SER E 219 7.50 -9.80 55.10
N ILE E 220 8.34 -9.09 54.36
CA ILE E 220 9.78 -9.17 54.61
C ILE E 220 10.32 -7.93 55.33
N GLY E 221 9.56 -6.85 55.40
CA GLY E 221 10.11 -5.68 56.07
C GLY E 221 9.46 -4.35 55.75
N ARG E 222 10.27 -3.42 55.28
CA ARG E 222 9.84 -2.06 54.94
C ARG E 222 8.73 -2.04 53.91
N GLU E 223 7.94 -0.97 53.94
CA GLU E 223 6.80 -0.80 53.04
C GLU E 223 7.15 0.16 51.92
N ILE E 224 6.26 0.23 50.94
CA ILE E 224 6.49 0.99 49.72
C ILE E 224 5.59 2.23 49.81
N GLY E 225 6.17 3.33 50.26
CA GLY E 225 5.42 4.58 50.37
C GLY E 225 5.68 5.53 49.22
N ASP E 226 6.81 5.36 48.54
CA ASP E 226 7.09 6.14 47.36
C ASP E 226 6.32 5.57 46.18
N SER E 227 5.82 6.44 45.32
CA SER E 227 5.24 6.00 44.06
C SER E 227 6.35 5.52 43.14
N PHE E 228 6.13 4.39 42.48
CA PHE E 228 7.15 3.79 41.64
C PHE E 228 6.57 3.48 40.27
N ASP E 229 7.45 3.28 39.31
CA ASP E 229 7.01 3.18 37.94
C ASP E 229 7.01 1.74 37.48
N ALA E 230 6.06 1.42 36.60
CA ALA E 230 5.87 0.07 36.10
C ALA E 230 5.71 0.12 34.60
N ILE E 231 6.70 -0.39 33.88
CA ILE E 231 6.72 -0.42 32.42
C ILE E 231 6.34 -1.82 31.98
N CYS E 232 5.41 -1.94 31.05
CA CYS E 232 5.14 -3.22 30.41
C CYS E 232 5.67 -3.20 28.99
N LEU E 233 6.35 -4.26 28.58
CA LEU E 233 7.04 -4.25 27.30
C LEU E 233 6.11 -4.48 26.13
N GLU E 234 4.88 -4.93 26.36
CA GLU E 234 4.00 -5.15 25.22
C GLU E 234 3.37 -3.86 24.74
N ASN E 235 2.96 -2.99 25.66
CA ASN E 235 2.24 -1.79 25.27
C ASN E 235 3.17 -0.64 24.90
N LEU E 236 4.47 -0.83 24.98
CA LEU E 236 5.40 0.20 24.53
C LEU E 236 5.39 0.30 23.01
N ARG E 237 5.37 1.51 22.52
CA ARG E 237 5.42 1.72 21.08
C ARG E 237 6.85 1.54 20.58
N PRO E 238 7.08 0.46 19.79
CA PRO E 238 8.43 0.12 19.32
C PRO E 238 8.89 1.19 18.33
N TYR E 239 10.20 1.39 18.24
CA TYR E 239 10.68 2.41 17.27
C TYR E 239 10.22 1.92 15.89
N VAL E 240 9.47 2.77 15.18
CA VAL E 240 8.94 2.43 13.83
C VAL E 240 9.98 2.84 12.79
N GLY E 241 11.13 2.17 12.80
CA GLY E 241 12.24 2.54 11.91
C GLY E 241 13.26 1.43 11.78
N GLN E 242 14.22 1.65 10.89
CA GLN E 242 15.30 0.72 10.58
C GLN E 242 16.38 0.64 11.64
N HIS E 243 17.25 -0.34 11.50
CA HIS E 243 18.45 -0.50 12.31
C HIS E 243 19.70 -0.37 11.43
N ILE E 244 20.85 -0.51 12.07
CA ILE E 244 22.10 -0.74 11.35
C ILE E 244 22.31 -2.25 11.29
N ALA E 245 22.44 -2.78 10.08
CA ALA E 245 22.30 -4.22 9.88
C ALA E 245 23.52 -4.98 10.37
N ASP E 246 24.71 -4.58 9.92
CA ASP E 246 25.91 -5.36 10.21
C ASP E 246 26.38 -5.18 11.64
N ASP E 247 26.06 -4.05 12.27
CA ASP E 247 26.66 -3.70 13.55
C ASP E 247 26.06 -4.53 14.67
N LEU E 248 26.93 -4.95 15.59
CA LEU E 248 26.53 -5.71 16.75
C LEU E 248 25.74 -4.81 17.70
N GLN E 249 24.91 -5.44 18.54
CA GLN E 249 24.04 -4.87 19.56
C GLN E 249 22.91 -4.04 18.99
N ARG E 250 22.76 -4.01 17.66
CA ARG E 250 21.62 -3.46 16.95
C ARG E 250 21.44 -1.97 17.27
N ARG E 251 22.49 -1.20 16.98
CA ARG E 251 22.42 0.23 17.21
C ARG E 251 21.50 0.87 16.19
N LEU E 252 20.54 1.65 16.70
CA LEU E 252 19.56 2.31 15.86
C LEU E 252 20.23 3.42 15.06
N ASP E 253 19.94 3.46 13.75
CA ASP E 253 20.34 4.61 12.94
C ASP E 253 19.20 5.61 12.92
N LEU E 254 19.49 6.82 13.36
CA LEU E 254 18.54 7.90 13.27
C LEU E 254 19.16 8.95 12.37
N LEU E 255 18.33 9.85 11.86
CA LEU E 255 18.88 10.93 11.05
C LEU E 255 19.64 11.90 11.93
N LYS E 256 20.89 12.15 11.57
CA LYS E 256 21.73 13.09 12.30
C LYS E 256 21.14 14.49 12.19
N PRO E 257 21.29 15.31 13.21
CA PRO E 257 20.77 16.68 13.12
C PRO E 257 21.54 17.48 12.09
N LYS E 258 20.81 18.35 11.40
CA LYS E 258 21.36 19.07 10.26
C LYS E 258 21.22 20.57 10.46
N LEU E 259 22.30 21.27 10.18
CA LEU E 259 22.29 22.72 10.07
C LEU E 259 21.49 23.12 8.84
N PRO E 260 21.10 24.40 8.72
CA PRO E 260 20.67 24.88 7.39
C PRO E 260 21.78 24.81 6.37
N ASN E 261 23.03 24.94 6.80
CA ASN E 261 24.17 24.63 5.96
C ASN E 261 24.33 23.11 5.83
N GLY E 262 25.22 22.71 4.94
CA GLY E 262 25.41 21.29 4.66
C GLY E 262 26.11 20.51 5.76
N GLU E 263 26.63 21.20 6.77
CA GLU E 263 27.41 20.54 7.81
C GLU E 263 26.53 20.09 8.98
N CYS E 264 27.11 19.24 9.81
CA CYS E 264 26.51 18.80 11.06
C CYS E 264 26.90 19.76 12.19
N PRO E 265 26.14 19.81 13.28
CA PRO E 265 26.58 20.58 14.45
C PRO E 265 27.80 19.95 15.09
N PRO E 266 28.76 20.76 15.56
CA PRO E 266 30.06 20.20 15.94
C PRO E 266 30.05 19.45 17.26
N GLY E 267 29.17 19.82 18.18
CA GLY E 267 29.20 19.20 19.50
C GLY E 267 28.59 17.81 19.51
N PHE E 268 27.99 17.40 18.40
CA PHE E 268 27.22 16.17 18.36
C PHE E 268 28.11 14.94 18.37
N LEU E 269 28.04 14.18 19.45
CA LEU E 269 28.70 12.89 19.56
C LEU E 269 27.78 11.76 19.12
N GLY E 270 26.57 11.71 19.67
CA GLY E 270 25.61 10.68 19.29
C GLY E 270 24.30 10.88 19.99
N PHE E 271 23.30 10.11 19.56
CA PHE E 271 22.06 10.01 20.30
C PHE E 271 22.31 9.21 21.56
N ALA E 272 21.52 9.48 22.58
CA ALA E 272 21.79 8.87 23.89
C ALA E 272 21.37 7.41 23.90
N VAL E 273 20.39 7.04 23.07
CA VAL E 273 19.87 5.69 23.10
C VAL E 273 20.86 4.71 22.47
N ASN E 274 21.76 5.21 21.63
CA ASN E 274 22.81 4.35 21.09
C ASN E 274 23.99 4.23 22.05
N MET E 275 24.05 5.11 23.06
CA MET E 275 25.19 5.10 23.97
C MET E 275 25.13 3.93 24.93
N ILE E 276 23.92 3.45 25.25
CA ILE E 276 23.80 2.35 26.20
C ILE E 276 24.27 1.05 25.59
N GLN E 277 25.25 0.43 26.23
CA GLN E 277 25.69 -0.92 25.88
C GLN E 277 24.85 -1.90 26.69
N ILE E 278 24.34 -2.92 26.02
CA ILE E 278 23.27 -3.76 26.54
C ILE E 278 23.76 -5.20 26.63
N ASP E 279 23.26 -5.92 27.64
CA ASP E 279 23.49 -7.35 27.79
C ASP E 279 23.00 -8.10 26.54
N PRO E 280 23.87 -8.89 25.89
CA PRO E 280 23.43 -9.55 24.65
C PRO E 280 22.40 -10.64 24.81
N ALA E 281 22.03 -10.99 26.04
CA ALA E 281 20.89 -11.90 26.22
C ALA E 281 19.58 -11.19 25.89
N TYR E 282 19.53 -9.88 26.05
CA TYR E 282 18.31 -9.11 25.85
C TYR E 282 18.26 -8.40 24.51
N LEU E 283 19.08 -8.79 23.54
CA LEU E 283 19.09 -8.09 22.26
C LEU E 283 17.89 -8.44 21.41
N LEU E 284 17.43 -9.69 21.44
CA LEU E 284 16.29 -10.03 20.55
C LEU E 284 15.31 -11.03 21.19
N CYS E 285 14.06 -10.98 20.71
CA CYS E 285 12.93 -11.89 21.08
C CYS E 285 12.41 -11.65 22.51
N VAL E 286 12.77 -10.52 23.13
CA VAL E 286 12.26 -10.21 24.50
C VAL E 286 10.75 -10.02 24.44
N THR E 287 10.26 -9.35 23.39
CA THR E 287 8.86 -9.04 23.21
C THR E 287 8.17 -10.24 22.57
N SER E 288 6.84 -10.24 22.57
CA SER E 288 6.10 -11.27 21.85
C SER E 288 6.26 -11.13 20.35
N TYR E 289 6.47 -9.90 19.86
CA TYR E 289 6.69 -9.70 18.43
C TYR E 289 8.14 -9.93 18.03
N GLY E 290 9.01 -10.27 18.96
CA GLY E 290 10.40 -10.42 18.64
C GLY E 290 11.19 -9.14 18.68
N TYR E 291 10.62 -8.08 19.24
CA TYR E 291 11.33 -6.82 19.34
C TYR E 291 12.44 -6.93 20.35
N GLY E 292 13.47 -6.12 20.15
CA GLY E 292 14.58 -6.07 21.08
C GLY E 292 14.22 -5.34 22.36
N LEU E 293 15.23 -5.02 23.12
CA LEU E 293 14.99 -4.20 24.30
C LEU E 293 15.45 -2.77 24.08
N ARG E 294 16.42 -2.55 23.20
CA ARG E 294 16.78 -1.21 22.78
C ARG E 294 15.65 -0.56 22.00
N GLU E 295 14.86 -1.36 21.29
CA GLU E 295 13.72 -0.82 20.56
C GLU E 295 12.61 -0.38 21.51
N THR E 296 12.30 -1.20 22.51
CA THR E 296 11.12 -0.92 23.33
C THR E 296 11.46 -0.03 24.51
N LEU E 297 12.41 -0.46 25.36
CA LEU E 297 12.61 0.24 26.62
C LEU E 297 13.42 1.52 26.44
N PHE E 298 14.60 1.41 25.85
CA PHE E 298 15.48 2.57 25.82
C PHE E 298 15.07 3.60 24.79
N TYR E 299 14.36 3.22 23.73
CA TYR E 299 13.86 4.24 22.83
C TYR E 299 12.70 5.01 23.44
N ASN E 300 11.89 4.34 24.25
CA ASN E 300 10.81 5.05 24.91
C ASN E 300 11.30 5.84 26.10
N LEU E 301 12.50 5.54 26.60
CA LEU E 301 13.08 6.44 27.59
C LEU E 301 13.90 7.54 26.93
N PHE E 302 14.87 7.17 26.11
CA PHE E 302 15.77 8.14 25.48
C PHE E 302 15.34 8.37 24.03
N SER E 303 14.23 9.10 23.88
CA SER E 303 13.61 9.25 22.54
C SER E 303 14.23 10.37 21.72
N ARG E 304 15.12 9.99 20.80
CA ARG E 304 15.74 10.90 19.78
C ARG E 304 16.39 12.13 20.41
N LEU E 305 17.05 12.01 21.57
CA LEU E 305 17.75 13.16 22.12
C LEU E 305 19.24 13.07 21.84
N GLN E 306 19.88 14.23 21.82
CA GLN E 306 21.28 14.35 21.44
C GLN E 306 22.15 14.33 22.69
N VAL E 307 23.44 14.04 22.50
CA VAL E 307 24.43 14.18 23.55
C VAL E 307 25.54 15.08 23.04
N TYR E 308 25.65 16.26 23.62
CA TYR E 308 26.56 17.29 23.16
C TYR E 308 27.73 17.39 24.13
N LYS E 309 28.90 17.72 23.59
CA LYS E 309 30.12 17.64 24.39
C LYS E 309 30.19 18.77 25.41
N THR E 310 30.01 20.01 24.97
CA THR E 310 30.05 21.16 25.86
C THR E 310 28.70 21.87 25.86
N ARG E 311 28.59 22.84 26.76
CA ARG E 311 27.33 23.56 26.92
C ARG E 311 27.08 24.50 25.75
N ALA E 312 28.11 25.25 25.35
CA ALA E 312 27.97 26.23 24.28
C ALA E 312 27.69 25.59 22.94
N ASP E 313 28.10 24.33 22.76
CA ASP E 313 27.67 23.57 21.59
C ASP E 313 26.17 23.32 21.63
N MET E 314 25.62 23.09 22.81
CA MET E 314 24.19 22.79 22.90
C MET E 314 23.36 24.04 22.68
N ILE E 315 23.82 25.18 23.17
CA ILE E 315 23.09 26.41 22.89
C ILE E 315 23.27 26.84 21.44
N SER E 316 24.47 26.64 20.89
CA SER E 316 24.74 27.06 19.51
C SER E 316 23.97 26.24 18.48
N ALA E 317 23.60 25.01 18.82
CA ALA E 317 22.86 24.15 17.90
C ALA E 317 21.40 24.00 18.31
N LEU E 318 20.80 25.06 18.85
CA LEU E 318 19.40 25.00 19.25
C LEU E 318 18.37 24.79 18.13
N PRO E 319 18.46 25.40 16.93
CA PRO E 319 17.44 25.09 15.92
C PRO E 319 17.55 23.70 15.32
N CYS E 320 18.73 23.10 15.43
CA CYS E 320 18.96 21.70 14.95
C CYS E 320 18.27 20.67 15.86
N ILE E 321 18.30 20.87 17.19
CA ILE E 321 17.71 19.90 18.16
C ILE E 321 16.19 19.84 17.97
N SER E 322 15.61 18.64 18.07
CA SER E 322 14.15 18.48 17.87
C SER E 322 13.41 18.00 19.12
N ASP E 323 13.79 16.85 19.67
CA ASP E 323 13.05 16.29 20.84
C ASP E 323 13.70 16.65 22.18
N GLY E 324 15.01 16.42 22.33
CA GLY E 324 15.68 16.72 23.60
C GLY E 324 17.18 16.92 23.41
N ALA E 325 17.85 17.52 24.39
CA ALA E 325 19.31 17.72 24.28
C ALA E 325 19.96 17.53 25.66
N VAL E 326 21.19 17.02 25.68
CA VAL E 326 21.95 16.81 26.91
C VAL E 326 23.40 17.18 26.66
N SER E 327 23.95 18.07 27.49
CA SER E 327 25.35 18.42 27.42
C SER E 327 26.18 17.48 28.28
N LEU E 328 27.34 17.07 27.76
CA LEU E 328 28.25 16.20 28.50
C LEU E 328 28.99 16.96 29.59
N ASP E 329 28.98 18.29 29.56
CA ASP E 329 29.60 19.07 30.62
C ASP E 329 28.63 19.24 31.78
N GLY E 330 27.57 19.99 31.56
CA GLY E 330 26.64 20.31 32.61
C GLY E 330 25.19 19.97 32.37
N GLY E 331 24.40 21.02 32.14
CA GLY E 331 22.96 20.95 32.21
C GLY E 331 22.31 20.34 30.98
N ILE E 332 21.01 20.12 31.12
CA ILE E 332 20.17 19.37 30.18
C ILE E 332 18.94 20.20 29.87
N ILE E 333 18.29 19.88 28.75
CA ILE E 333 17.02 20.50 28.39
C ILE E 333 16.04 19.41 27.96
N ARG E 334 14.80 19.51 28.46
CA ARG E 334 13.83 18.47 28.19
C ARG E 334 13.13 18.67 26.86
N LYS E 335 12.73 19.89 26.56
CA LYS E 335 12.07 20.17 25.28
C LYS E 335 12.80 21.29 24.57
N THR E 336 12.21 21.83 23.52
CA THR E 336 12.91 22.83 22.70
C THR E 336 13.06 24.15 23.45
N GLY E 337 12.06 24.56 24.20
CA GLY E 337 12.11 25.85 24.86
C GLY E 337 12.38 25.78 26.34
N ILE E 338 12.12 24.62 26.93
CA ILE E 338 12.33 24.42 28.36
C ILE E 338 13.81 24.25 28.64
N PHE E 339 14.38 25.18 29.41
CA PHE E 339 15.78 25.15 29.79
C PHE E 339 15.91 24.86 31.28
N ASN E 340 16.82 23.96 31.63
CA ASN E 340 17.23 23.78 33.01
C ASN E 340 18.47 24.61 33.29
N LEU E 341 18.52 25.18 34.50
CA LEU E 341 19.69 25.91 34.99
C LEU E 341 19.61 25.97 36.50
N GLY E 342 20.78 26.11 37.11
CA GLY E 342 20.90 26.01 38.56
C GLY E 342 21.76 24.82 38.95
N ASN E 343 21.89 24.65 40.26
CA ASN E 343 22.74 23.59 40.80
C ASN E 343 22.14 22.22 40.50
N ARG E 344 22.90 21.41 39.77
CA ARG E 344 22.39 20.16 39.24
C ARG E 344 22.18 19.15 40.36
N ASP E 345 20.92 18.79 40.62
CA ASP E 345 20.63 17.75 41.59
C ASP E 345 21.08 16.40 41.07
N GLU E 346 21.95 15.74 41.82
CA GLU E 346 22.54 14.50 41.35
C GLU E 346 21.59 13.33 41.59
N VAL E 347 21.79 12.27 40.81
CA VAL E 347 21.09 11.01 41.00
C VAL E 347 22.12 9.97 41.39
N ASN E 348 21.95 9.40 42.59
CA ASN E 348 22.89 8.43 43.11
C ASN E 348 22.82 7.10 42.37
N VAL E 349 21.63 6.72 41.91
CA VAL E 349 21.49 5.48 41.14
C VAL E 349 22.03 5.72 39.75
N ARG E 350 22.94 4.86 39.31
CA ARG E 350 23.62 5.05 38.05
C ARG E 350 23.50 3.79 37.21
N PHE E 351 23.87 3.91 35.94
CA PHE E 351 24.03 2.72 35.12
C PHE E 351 25.31 2.00 35.50
N ALA E 352 25.28 0.68 35.40
CA ALA E 352 26.43 -0.12 35.76
C ALA E 352 27.54 0.03 34.75
N LYS E 353 28.75 -0.21 35.20
CA LYS E 353 29.83 -0.29 34.25
C LYS E 353 29.91 -1.71 33.69
N PRO E 354 30.39 -1.89 32.46
CA PRO E 354 30.37 -3.23 31.86
C PRO E 354 31.44 -4.13 32.46
N THR E 355 31.27 -5.43 32.19
CA THR E 355 32.13 -6.47 32.72
C THR E 355 33.18 -6.84 31.68
N ALA E 356 34.44 -6.88 32.10
CA ALA E 356 35.54 -7.14 31.18
C ALA E 356 35.82 -8.62 30.95
N SER E 357 34.99 -9.52 31.49
CA SER E 357 35.24 -10.94 31.28
C SER E 357 34.77 -11.38 29.90
N ARG E 358 35.31 -12.51 29.44
CA ARG E 358 35.02 -13.01 28.11
C ARG E 358 34.23 -14.32 28.09
N THR E 359 34.44 -15.21 29.07
CA THR E 359 33.70 -16.47 29.10
C THR E 359 32.22 -16.26 29.38
N MET E 360 31.90 -15.24 30.20
CA MET E 360 30.52 -14.85 30.41
C MET E 360 29.86 -14.38 29.12
N ASP E 361 30.64 -13.76 28.23
CA ASP E 361 30.11 -13.36 26.93
C ASP E 361 29.78 -14.58 26.07
N ASN E 362 30.58 -15.65 26.19
CA ASN E 362 30.29 -16.87 25.44
C ASN E 362 29.04 -17.56 25.98
N TYR E 363 28.90 -17.59 27.30
CA TYR E 363 27.67 -18.10 27.91
C TYR E 363 26.46 -17.26 27.53
N SER E 364 26.63 -15.94 27.42
CA SER E 364 25.50 -15.10 27.06
C SER E 364 25.13 -15.26 25.59
N GLU E 365 26.10 -15.55 24.72
CA GLU E 365 25.77 -15.86 23.34
C GLU E 365 24.99 -17.17 23.24
N ALA E 366 25.37 -18.16 24.05
CA ALA E 366 24.56 -19.37 24.14
C ALA E 366 23.15 -19.06 24.66
N GLU E 367 23.05 -18.11 25.60
CA GLU E 367 21.76 -17.72 26.15
C GLU E 367 20.87 -17.05 25.10
N LYS E 368 21.45 -16.17 24.26
CA LYS E 368 20.62 -15.50 23.26
C LYS E 368 20.23 -16.45 22.14
N LYS E 369 21.08 -17.44 21.84
CA LYS E 369 20.68 -18.48 20.89
C LYS E 369 19.52 -19.29 21.43
N MET E 370 19.56 -19.59 22.73
CA MET E 370 18.45 -20.27 23.39
C MET E 370 17.17 -19.44 23.36
N LYS E 371 17.29 -18.14 23.57
CA LYS E 371 16.10 -17.27 23.60
C LYS E 371 15.47 -17.17 22.21
N GLU E 372 16.30 -17.09 21.16
CA GLU E 372 15.77 -17.07 19.80
C GLU E 372 15.06 -18.37 19.45
N LEU E 373 15.65 -19.51 19.85
CA LEU E 373 14.99 -20.79 19.59
C LEU E 373 13.68 -20.93 20.36
N LYS E 374 13.63 -20.41 21.59
CA LYS E 374 12.38 -20.44 22.34
C LYS E 374 11.31 -19.58 21.70
N TRP E 375 11.71 -18.42 21.17
CA TRP E 375 10.73 -17.55 20.52
C TRP E 375 10.17 -18.17 19.25
N LYS E 376 11.02 -18.79 18.43
CA LYS E 376 10.52 -19.43 17.22
C LYS E 376 9.65 -20.64 17.55
N LYS E 377 9.94 -21.34 18.64
CA LYS E 377 9.06 -22.42 19.08
C LYS E 377 7.69 -21.89 19.49
N GLU E 378 7.65 -20.75 20.17
CA GLU E 378 6.37 -20.15 20.55
C GLU E 378 5.56 -19.75 19.31
N LYS E 379 6.25 -19.23 18.29
CA LYS E 379 5.54 -18.83 17.08
C LYS E 379 4.99 -20.02 16.32
N THR E 380 5.75 -21.13 16.26
CA THR E 380 5.23 -22.33 15.63
C THR E 380 4.07 -22.92 16.42
N LEU E 381 4.06 -22.74 17.74
CA LEU E 381 2.91 -23.18 18.52
C LEU E 381 1.67 -22.34 18.20
N GLU E 382 1.86 -21.04 17.98
CA GLU E 382 0.73 -20.21 17.57
C GLU E 382 0.23 -20.58 16.17
N ASP E 383 1.14 -20.97 15.30
CA ASP E 383 0.74 -21.40 13.96
C ASP E 383 -0.05 -22.71 14.01
N ILE E 384 0.33 -23.60 14.93
CA ILE E 384 -0.47 -24.79 15.24
C ILE E 384 -1.87 -24.40 15.71
N LYS E 385 -1.96 -23.36 16.53
CA LYS E 385 -3.26 -22.92 17.03
C LYS E 385 -4.16 -22.39 15.92
N ARG E 386 -3.57 -21.65 14.97
CA ARG E 386 -4.33 -21.18 13.81
C ARG E 386 -4.85 -22.34 12.98
N GLU E 387 -4.00 -23.33 12.72
CA GLU E 387 -4.45 -24.45 11.91
C GLU E 387 -5.48 -25.32 12.63
N GLN E 388 -5.42 -25.38 13.97
CA GLN E 388 -6.44 -26.08 14.74
C GLN E 388 -7.79 -25.40 14.63
N VAL E 389 -7.80 -24.06 14.65
CA VAL E 389 -9.05 -23.33 14.46
C VAL E 389 -9.63 -23.61 13.07
N LEU E 390 -8.76 -23.69 12.06
CA LEU E 390 -9.19 -24.00 10.70
C LEU E 390 -9.81 -25.40 10.60
N ARG E 391 -9.15 -26.40 11.20
CA ARG E 391 -9.68 -27.77 11.05
C ARG E 391 -10.97 -27.95 11.84
N GLU E 392 -11.13 -27.26 12.97
CA GLU E 392 -12.37 -27.41 13.72
C GLU E 392 -13.54 -26.78 12.97
N HIS E 393 -13.33 -25.61 12.37
CA HIS E 393 -14.38 -25.00 11.58
C HIS E 393 -14.69 -25.83 10.33
N ALA E 394 -13.66 -26.47 9.76
CA ALA E 394 -13.88 -27.30 8.58
C ALA E 394 -14.64 -28.57 8.93
N VAL E 395 -14.39 -29.14 10.11
CA VAL E 395 -15.13 -30.32 10.57
C VAL E 395 -16.61 -29.99 10.79
N PHE E 396 -16.88 -28.83 11.41
CA PHE E 396 -18.27 -28.43 11.63
C PHE E 396 -19.00 -28.18 10.31
N ASN E 397 -18.32 -27.54 9.37
CA ASN E 397 -18.90 -27.31 8.05
C ASN E 397 -19.15 -28.63 7.32
N PHE E 398 -18.22 -29.59 7.46
CA PHE E 398 -18.37 -30.88 6.80
C PHE E 398 -19.53 -31.68 7.37
N GLY E 399 -19.72 -31.62 8.69
CA GLY E 399 -20.85 -32.30 9.30
C GLY E 399 -22.18 -31.72 8.88
N LYS E 400 -22.28 -30.38 8.86
CA LYS E 400 -23.53 -29.76 8.43
C LYS E 400 -23.79 -29.99 6.95
N LYS E 401 -22.74 -30.05 6.13
CA LYS E 401 -22.94 -30.27 4.70
C LYS E 401 -23.35 -31.71 4.41
N LYS E 402 -22.79 -32.66 5.17
CA LYS E 402 -23.22 -34.05 5.03
C LYS E 402 -24.67 -34.21 5.43
N GLU E 403 -25.09 -33.53 6.51
CA GLU E 403 -26.50 -33.57 6.92
C GLU E 403 -27.41 -32.94 5.87
N GLU E 404 -26.96 -31.84 5.24
CA GLU E 404 -27.77 -31.19 4.22
C GLU E 404 -27.90 -32.03 2.96
N PHE E 405 -26.84 -32.74 2.57
CA PHE E 405 -26.92 -33.57 1.37
C PHE E 405 -27.72 -34.83 1.63
N VAL E 406 -27.60 -35.43 2.82
CA VAL E 406 -28.39 -36.63 3.11
C VAL E 406 -29.86 -36.25 3.29
N ARG E 407 -30.16 -35.08 3.84
CA ARG E 407 -31.54 -34.60 3.91
C ARG E 407 -32.11 -34.22 2.54
N CYS E 408 -31.26 -34.10 1.52
CA CYS E 408 -31.71 -33.87 0.15
C CYS E 408 -31.21 -34.99 -0.76
N ASP F 120 -3.38 29.91 51.14
CA ASP F 120 -2.76 30.90 50.27
C ASP F 120 -1.63 30.27 49.48
N ILE F 121 -1.53 30.65 48.20
CA ILE F 121 -0.59 29.98 47.30
C ILE F 121 0.83 30.48 47.50
N ASN F 122 1.02 31.74 47.94
CA ASN F 122 2.36 32.26 48.12
C ASN F 122 3.07 31.61 49.29
N ALA F 123 2.32 31.18 50.32
CA ALA F 123 2.91 30.37 51.38
C ALA F 123 3.38 29.03 50.86
N GLN F 124 2.58 28.42 49.97
CA GLN F 124 2.96 27.15 49.35
C GLN F 124 4.19 27.29 48.46
N ILE F 125 4.36 28.45 47.82
CA ILE F 125 5.59 28.72 47.07
C ILE F 125 6.76 28.87 48.03
N LEU F 126 6.56 29.60 49.13
CA LEU F 126 7.62 29.88 50.09
C LEU F 126 8.00 28.69 50.97
N ARG F 127 7.22 27.62 50.98
CA ARG F 127 7.62 26.43 51.73
C ARG F 127 8.87 25.80 51.15
N HIS F 128 8.99 25.79 49.82
CA HIS F 128 10.14 25.19 49.14
C HIS F 128 11.26 26.22 49.11
N GLU F 129 12.00 26.27 50.22
CA GLU F 129 12.98 27.32 50.42
C GLU F 129 14.20 27.15 49.51
N ASN F 130 14.45 25.94 49.03
CA ASN F 130 15.62 25.76 48.18
C ASN F 130 15.34 26.13 46.73
N SER F 131 14.10 26.51 46.40
CA SER F 131 13.71 26.86 45.06
C SER F 131 14.15 28.28 44.70
N ALA F 132 13.89 28.65 43.44
CA ALA F 132 13.98 30.03 42.99
C ALA F 132 12.62 30.71 42.93
N ALA F 133 11.54 29.94 42.88
CA ALA F 133 10.20 30.53 42.89
C ALA F 133 9.91 31.18 44.24
N GLY F 134 10.39 30.58 45.33
CA GLY F 134 10.31 31.23 46.63
C GLY F 134 11.14 32.48 46.71
N VAL F 135 12.27 32.53 45.98
CA VAL F 135 13.09 33.72 45.93
C VAL F 135 12.37 34.85 45.20
N LEU F 136 11.74 34.54 44.07
CA LEU F 136 10.96 35.56 43.37
C LEU F 136 9.71 35.96 44.15
N SER F 137 9.12 35.03 44.91
CA SER F 137 7.99 35.40 45.76
C SER F 137 8.42 36.31 46.89
N LEU F 138 9.63 36.08 47.44
CA LEU F 138 10.17 36.96 48.47
C LEU F 138 10.50 38.34 47.90
N VAL F 139 10.90 38.40 46.62
CA VAL F 139 11.06 39.70 45.97
C VAL F 139 9.70 40.39 45.80
N GLU F 140 8.68 39.63 45.40
CA GLU F 140 7.37 40.21 45.16
C GLU F 140 6.68 40.67 46.45
N THR F 141 7.03 40.07 47.59
CA THR F 141 6.50 40.56 48.86
C THR F 141 7.22 41.83 49.31
N LEU F 142 8.54 41.85 49.19
CA LEU F 142 9.30 43.03 49.59
C LEU F 142 9.16 44.15 48.57
N LEU F 150 15.52 43.95 39.46
CA LEU F 150 16.24 44.40 38.27
C LEU F 150 15.48 44.01 37.02
N MET F 151 16.22 43.78 35.92
CA MET F 151 15.61 43.31 34.68
C MET F 151 15.22 41.84 34.74
N LEU F 152 15.66 41.12 35.78
CA LEU F 152 15.23 39.74 35.98
C LEU F 152 13.73 39.67 36.18
N THR F 153 13.19 40.41 37.14
CA THR F 153 11.76 40.45 37.34
C THR F 153 11.03 41.30 36.29
N LYS F 154 11.76 41.93 35.37
CA LYS F 154 11.12 42.61 34.25
C LYS F 154 10.91 41.65 33.08
N GLY F 155 11.88 40.78 32.80
CA GLY F 155 11.71 39.82 31.73
C GLY F 155 10.85 38.62 32.10
N VAL F 156 10.89 38.21 33.36
CA VAL F 156 10.17 37.03 33.82
C VAL F 156 8.67 37.31 33.85
N VAL F 157 7.89 36.48 33.15
CA VAL F 157 6.45 36.57 33.24
C VAL F 157 5.97 36.06 34.61
N GLY F 158 6.50 34.94 35.07
CA GLY F 158 6.22 34.54 36.43
C GLY F 158 6.27 33.03 36.60
N VAL F 159 5.72 32.57 37.71
CA VAL F 159 5.77 31.18 38.11
C VAL F 159 4.53 30.47 37.58
N VAL F 160 4.70 29.19 37.22
CA VAL F 160 3.65 28.41 36.56
C VAL F 160 2.43 28.26 37.48
N ALA F 161 2.67 28.00 38.76
CA ALA F 161 1.57 27.83 39.70
C ALA F 161 0.82 29.12 39.96
N LYS F 162 1.42 30.27 39.66
CA LYS F 162 0.71 31.54 39.75
C LYS F 162 -0.15 31.78 38.52
N LEU F 163 0.23 31.22 37.38
CA LEU F 163 -0.42 31.55 36.12
C LEU F 163 -1.68 30.73 35.86
N GLY F 164 -1.84 29.59 36.50
CA GLY F 164 -2.96 28.70 36.24
C GLY F 164 -3.89 28.63 37.43
N LYS F 165 -5.19 28.59 37.16
CA LYS F 165 -6.20 28.47 38.19
C LYS F 165 -7.11 27.31 37.83
N VAL F 166 -7.49 26.52 38.82
CA VAL F 166 -8.33 25.34 38.63
C VAL F 166 -9.54 25.49 39.55
N ASN F 167 -10.72 25.16 39.02
CA ASN F 167 -11.98 25.40 39.74
C ASN F 167 -12.08 24.58 41.02
N ASP F 168 -11.84 23.28 40.94
CA ASP F 168 -11.95 22.43 42.12
C ASP F 168 -10.57 22.12 42.70
N GLU F 169 -10.57 21.28 43.72
CA GLU F 169 -9.36 20.98 44.48
C GLU F 169 -8.70 19.69 44.06
N ASN F 170 -9.49 18.65 43.82
CA ASN F 170 -8.93 17.33 43.51
C ASN F 170 -8.25 17.34 42.15
N LEU F 171 -8.88 17.96 41.16
CA LEU F 171 -8.32 18.01 39.82
C LEU F 171 -7.04 18.85 39.79
N SER F 172 -7.00 19.91 40.60
CA SER F 172 -5.78 20.70 40.74
C SER F 172 -4.68 19.88 41.38
N GLN F 173 -5.03 19.08 42.39
CA GLN F 173 -4.04 18.24 43.05
C GLN F 173 -3.46 17.20 42.09
N ILE F 174 -4.32 16.60 41.25
CA ILE F 174 -3.79 15.55 40.39
C ILE F 174 -3.04 16.12 39.20
N LEU F 175 -3.42 17.30 38.69
CA LEU F 175 -2.58 17.93 37.67
C LEU F 175 -1.24 18.37 38.24
N SER F 176 -1.22 18.79 39.52
CA SER F 176 0.05 19.12 40.13
C SER F 176 0.92 17.88 40.35
N ASN F 177 0.30 16.76 40.70
CA ASN F 177 1.04 15.51 40.80
C ASN F 177 1.53 15.03 39.44
N TYR F 178 0.80 15.37 38.38
CA TYR F 178 1.24 15.04 37.04
C TYR F 178 2.47 15.83 36.65
N LEU F 179 2.45 17.15 36.89
CA LEU F 179 3.59 17.96 36.45
C LEU F 179 4.79 17.81 37.35
N GLY F 180 4.59 17.55 38.64
CA GLY F 180 5.71 17.45 39.56
C GLY F 180 6.14 18.80 40.10
N THR F 181 6.84 18.76 41.24
CA THR F 181 7.24 19.96 41.94
C THR F 181 8.38 20.70 41.26
N ARG F 182 8.95 20.15 40.20
CA ARG F 182 10.02 20.84 39.50
C ARG F 182 9.49 21.67 38.34
N SER F 183 8.55 21.12 37.59
CA SER F 183 7.90 21.91 36.55
C SER F 183 6.77 22.75 37.08
N MET F 184 6.33 22.51 38.31
CA MET F 184 5.30 23.37 38.88
C MET F 184 5.90 24.68 39.38
N LEU F 185 7.14 24.63 39.85
CA LEU F 185 7.83 25.82 40.32
C LEU F 185 8.75 26.42 39.27
N ALA F 186 8.37 26.31 38.00
CA ALA F 186 9.22 26.80 36.93
C ALA F 186 9.03 28.29 36.73
N VAL F 187 10.13 29.00 36.58
CA VAL F 187 10.05 30.40 36.20
C VAL F 187 9.81 30.47 34.70
N VAL F 188 9.06 31.48 34.27
CA VAL F 188 8.63 31.62 32.90
C VAL F 188 9.03 33.01 32.45
N CYS F 189 9.90 33.09 31.46
CA CYS F 189 10.37 34.34 30.90
C CYS F 189 10.07 34.35 29.40
N ARG F 190 10.23 35.52 28.79
CA ARG F 190 9.78 35.67 27.41
C ARG F 190 10.83 35.18 26.42
N ASN F 191 11.98 35.83 26.37
CA ASN F 191 13.00 35.54 25.38
C ASN F 191 14.19 34.84 26.01
N TYR F 192 15.06 34.32 25.15
CA TYR F 192 16.26 33.65 25.62
C TYR F 192 17.27 34.62 26.21
N GLU F 193 17.17 35.91 25.86
CA GLU F 193 18.02 36.92 26.48
C GLU F 193 17.75 37.02 27.98
N SER F 194 16.49 36.81 28.38
CA SER F 194 16.17 36.75 29.80
C SER F 194 16.80 35.53 30.47
N VAL F 195 16.88 34.41 29.75
CA VAL F 195 17.54 33.22 30.27
C VAL F 195 19.03 33.48 30.48
N THR F 196 19.66 34.17 29.53
CA THR F 196 21.05 34.58 29.73
C THR F 196 21.18 35.61 30.84
N ALA F 197 20.11 36.38 31.10
CA ALA F 197 20.15 37.31 32.22
C ALA F 197 20.07 36.58 33.55
N LEU F 198 19.39 35.43 33.61
CA LEU F 198 19.19 34.77 34.90
C LEU F 198 20.49 34.12 35.39
N GLU F 199 21.31 33.60 34.48
CA GLU F 199 22.50 32.86 34.87
C GLU F 199 23.74 33.33 34.12
N ALA F 200 24.89 33.20 34.78
CA ALA F 200 26.17 33.59 34.22
C ALA F 200 27.17 32.46 34.41
N TYR F 201 27.90 32.14 33.34
CA TYR F 201 28.87 31.06 33.33
C TYR F 201 30.25 31.62 33.07
N ASP F 202 31.24 31.14 33.83
CA ASP F 202 32.62 31.53 33.59
C ASP F 202 33.32 30.49 32.70
N ASN F 203 34.64 30.63 32.57
CA ASN F 203 35.40 29.68 31.77
C ASN F 203 35.52 28.33 32.45
N HIS F 204 35.32 28.30 33.77
CA HIS F 204 35.39 27.05 34.52
C HIS F 204 34.20 26.15 34.22
N GLY F 205 33.09 26.74 33.75
CA GLY F 205 31.88 26.00 33.52
C GLY F 205 30.98 25.88 34.72
N ASN F 206 31.40 26.41 35.87
CA ASN F 206 30.63 26.31 37.09
C ASN F 206 29.68 27.48 37.21
N ILE F 207 28.56 27.24 37.89
CA ILE F 207 27.61 28.30 38.22
C ILE F 207 28.10 28.98 39.49
N ASP F 208 28.77 30.12 39.34
CA ASP F 208 29.26 30.84 40.49
C ASP F 208 28.18 31.75 41.06
N ILE F 209 28.56 32.50 42.10
CA ILE F 209 27.63 33.39 42.79
C ILE F 209 27.23 34.54 41.88
N ASN F 210 28.11 34.92 40.96
CA ASN F 210 27.96 36.10 40.11
C ASN F 210 26.81 36.06 39.09
N ALA F 211 26.04 34.97 39.06
CA ALA F 211 24.83 34.92 38.26
C ALA F 211 23.75 35.82 38.85
N GLY F 212 22.67 35.97 38.09
CA GLY F 212 21.58 36.87 38.45
C GLY F 212 20.84 36.52 39.72
N LEU F 213 20.10 35.41 39.71
CA LEU F 213 19.35 35.02 40.89
C LEU F 213 20.25 34.53 42.02
N HIS F 214 21.49 34.14 41.73
CA HIS F 214 22.39 33.76 42.82
C HIS F 214 22.87 34.99 43.59
N CYS F 215 23.27 36.05 42.88
CA CYS F 215 23.53 37.33 43.55
C CYS F 215 22.30 37.88 44.23
N LEU F 216 21.12 37.71 43.62
CA LEU F 216 19.90 38.25 44.20
C LEU F 216 19.52 37.52 45.47
N GLY F 217 19.64 36.19 45.49
CA GLY F 217 19.37 35.43 46.69
C GLY F 217 20.41 35.61 47.77
N SER F 218 21.68 35.78 47.37
CA SER F 218 22.74 36.03 48.34
C SER F 218 22.60 37.43 48.96
N SER F 219 22.06 38.38 48.21
CA SER F 219 21.82 39.71 48.76
C SER F 219 20.59 39.74 49.66
N ILE F 220 19.54 39.02 49.27
CA ILE F 220 18.28 39.13 49.99
C ILE F 220 18.17 38.11 51.13
N GLY F 221 18.63 36.87 50.93
CA GLY F 221 18.24 35.82 51.84
C GLY F 221 18.66 34.41 51.47
N ARG F 222 17.68 33.53 51.37
CA ARG F 222 17.89 32.12 51.03
C ARG F 222 18.60 31.96 49.69
N GLU F 223 19.33 30.85 49.56
CA GLU F 223 20.06 30.52 48.35
C GLU F 223 19.30 29.48 47.53
N ILE F 224 19.85 29.16 46.36
CA ILE F 224 19.23 28.24 45.41
C ILE F 224 20.19 27.07 45.24
N GLY F 225 19.88 25.94 45.85
CA GLY F 225 20.72 24.76 45.75
C GLY F 225 20.11 23.70 44.87
N ASP F 226 18.85 23.86 44.52
CA ASP F 226 18.19 22.96 43.59
C ASP F 226 18.19 23.52 42.19
N SER F 227 18.29 22.63 41.21
CA SER F 227 18.05 23.02 39.83
C SER F 227 16.58 23.35 39.65
N PHE F 228 16.32 24.40 38.90
CA PHE F 228 14.95 24.82 38.65
C PHE F 228 14.79 25.08 37.17
N ASP F 229 13.54 25.13 36.75
CA ASP F 229 13.23 25.09 35.33
C ASP F 229 12.95 26.50 34.82
N ALA F 230 13.55 26.83 33.69
CA ALA F 230 13.42 28.15 33.09
C ALA F 230 12.83 28.01 31.69
N ILE F 231 11.56 28.36 31.56
CA ILE F 231 10.82 28.22 30.32
C ILE F 231 10.91 29.55 29.58
N CYS F 232 11.27 29.51 28.29
CA CYS F 232 11.19 30.70 27.46
C CYS F 232 10.06 30.53 26.47
N LEU F 233 9.20 31.53 26.35
CA LEU F 233 8.01 31.41 25.53
C LEU F 233 8.27 31.63 24.06
N GLU F 234 9.43 32.16 23.69
CA GLU F 234 9.70 32.37 22.28
C GLU F 234 10.07 31.08 21.57
N ASN F 235 10.90 30.25 22.20
CA ASN F 235 11.38 29.05 21.55
C ASN F 235 10.44 27.86 21.70
N LEU F 236 9.32 28.01 22.39
CA LEU F 236 8.40 26.89 22.53
C LEU F 236 7.62 26.64 21.24
N ARG F 237 7.05 25.47 21.17
CA ARG F 237 6.30 25.06 19.99
C ARG F 237 4.83 25.42 20.17
N PRO F 238 4.37 26.44 19.43
CA PRO F 238 3.02 26.97 19.58
C PRO F 238 2.03 25.93 19.08
N TYR F 239 0.84 25.90 19.70
CA TYR F 239 -0.19 24.95 19.23
C TYR F 239 -0.88 25.65 18.05
N VAL F 240 -0.28 25.51 16.85
CA VAL F 240 -0.81 26.15 15.60
C VAL F 240 -1.90 25.25 15.02
N GLY F 241 -3.04 25.22 15.71
CA GLY F 241 -4.23 24.43 15.40
C GLY F 241 -5.46 25.26 15.72
N GLN F 242 -6.60 24.86 15.18
CA GLN F 242 -7.83 25.63 15.35
C GLN F 242 -8.27 25.74 16.80
N HIS F 243 -9.03 26.80 17.09
CA HIS F 243 -9.62 27.09 18.39
C HIS F 243 -11.13 26.96 18.34
N ILE F 244 -11.75 26.87 19.52
CA ILE F 244 -13.19 27.00 19.61
C ILE F 244 -13.54 28.46 19.41
N ALA F 245 -14.58 28.72 18.61
CA ALA F 245 -14.86 30.09 18.19
C ALA F 245 -15.49 30.93 19.28
N ASP F 246 -16.53 30.41 19.92
CA ASP F 246 -17.36 31.23 20.80
C ASP F 246 -16.93 31.23 22.25
N ASP F 247 -16.20 30.21 22.70
CA ASP F 247 -15.89 30.10 24.11
C ASP F 247 -14.81 31.09 24.53
N LEU F 248 -14.94 31.58 25.76
CA LEU F 248 -13.90 32.39 26.37
C LEU F 248 -12.70 31.52 26.72
N GLN F 249 -11.60 32.19 27.04
CA GLN F 249 -10.27 31.64 27.36
C GLN F 249 -9.59 30.99 26.17
N ARG F 250 -10.20 31.02 24.98
CA ARG F 250 -9.68 30.42 23.75
C ARG F 250 -9.32 28.95 23.95
N ARG F 251 -10.34 28.16 24.27
CA ARG F 251 -10.16 26.73 24.45
C ARG F 251 -9.79 26.07 23.13
N LEU F 252 -9.04 24.98 23.23
CA LEU F 252 -8.49 24.35 22.04
C LEU F 252 -9.53 23.46 21.37
N ASP F 253 -9.56 23.51 20.04
CA ASP F 253 -10.44 22.64 19.26
C ASP F 253 -9.66 21.35 18.99
N LEU F 254 -9.76 20.41 19.91
CA LEU F 254 -9.01 19.17 19.82
C LEU F 254 -9.96 18.01 19.62
N LEU F 255 -9.46 16.98 18.95
CA LEU F 255 -10.29 15.85 18.58
C LEU F 255 -10.53 14.93 19.76
N LYS F 256 -11.79 14.60 20.00
CA LYS F 256 -12.18 13.71 21.08
C LYS F 256 -12.29 12.29 20.57
N PRO F 257 -11.81 11.31 21.34
CA PRO F 257 -11.85 9.93 20.87
C PRO F 257 -13.24 9.34 20.96
N LYS F 258 -13.45 8.28 20.18
CA LYS F 258 -14.72 7.56 20.17
C LYS F 258 -14.46 6.07 20.06
N LEU F 259 -15.25 5.29 20.78
CA LEU F 259 -15.21 3.84 20.73
C LEU F 259 -15.80 3.35 19.41
N PRO F 260 -15.57 2.09 19.02
CA PRO F 260 -16.17 1.59 17.77
C PRO F 260 -17.67 1.58 17.72
N ASN F 261 -18.35 1.52 18.87
CA ASN F 261 -19.81 1.48 18.81
C ASN F 261 -20.40 2.86 18.55
N GLY F 262 -20.12 3.82 19.42
CA GLY F 262 -20.85 5.06 19.38
C GLY F 262 -20.01 6.28 19.71
N GLU F 263 -20.44 6.96 20.76
CA GLU F 263 -19.82 8.19 21.23
C GLU F 263 -18.58 7.90 22.06
N CYS F 264 -18.13 8.92 22.80
CA CYS F 264 -16.93 9.03 23.63
C CYS F 264 -16.75 7.85 24.59
N PRO F 265 -15.53 7.61 25.09
CA PRO F 265 -15.34 6.59 26.11
C PRO F 265 -16.12 6.92 27.37
N PRO F 266 -16.48 5.92 28.18
CA PRO F 266 -17.47 6.16 29.25
C PRO F 266 -17.01 7.08 30.36
N GLY F 267 -15.71 7.10 30.67
CA GLY F 267 -15.22 7.98 31.71
C GLY F 267 -14.67 9.30 31.25
N PHE F 268 -14.98 9.75 30.04
CA PHE F 268 -14.27 10.87 29.44
C PHE F 268 -14.76 12.19 30.01
N LEU F 269 -13.92 12.82 30.83
CA LEU F 269 -14.23 14.15 31.33
C LEU F 269 -13.64 15.24 30.46
N GLY F 270 -12.50 15.00 29.83
CA GLY F 270 -12.04 15.92 28.82
C GLY F 270 -10.55 16.19 28.89
N PHE F 271 -10.11 17.15 28.07
CA PHE F 271 -8.69 17.40 27.94
C PHE F 271 -8.21 18.33 29.04
N ALA F 272 -7.00 18.05 29.53
CA ALA F 272 -6.48 18.77 30.68
C ALA F 272 -5.93 20.12 30.34
N VAL F 273 -5.58 20.37 29.07
CA VAL F 273 -5.11 21.69 28.71
C VAL F 273 -6.27 22.68 28.66
N ASN F 274 -7.49 22.20 28.46
CA ASN F 274 -8.66 23.08 28.52
C ASN F 274 -9.27 23.15 29.90
N MET F 275 -8.73 22.42 30.88
CA MET F 275 -9.24 22.54 32.24
C MET F 275 -8.73 23.81 32.92
N ILE F 276 -7.56 24.31 32.47
CA ILE F 276 -6.91 25.42 33.15
C ILE F 276 -7.67 26.71 32.93
N GLN F 277 -8.06 27.35 34.03
CA GLN F 277 -8.72 28.65 34.00
C GLN F 277 -7.63 29.70 34.15
N ILE F 278 -7.56 30.63 33.19
CA ILE F 278 -6.38 31.46 33.07
C ILE F 278 -6.73 32.93 33.34
N ASP F 279 -5.70 33.73 33.63
CA ASP F 279 -5.86 35.16 33.79
C ASP F 279 -6.16 35.79 32.42
N PRO F 280 -7.24 36.59 32.32
CA PRO F 280 -7.59 37.18 31.02
C PRO F 280 -6.63 38.23 30.51
N ALA F 281 -5.63 38.64 31.29
CA ALA F 281 -4.62 39.52 30.76
C ALA F 281 -3.68 38.80 29.81
N TYR F 282 -3.54 37.48 29.97
CA TYR F 282 -2.55 36.72 29.23
C TYR F 282 -3.13 35.94 28.06
N LEU F 283 -4.32 36.30 27.58
CA LEU F 283 -4.93 35.51 26.51
C LEU F 283 -4.36 35.85 25.14
N LEU F 284 -3.83 37.05 24.96
CA LEU F 284 -3.40 37.50 23.64
C LEU F 284 -2.05 38.20 23.72
N CYS F 285 -1.30 38.12 22.61
CA CYS F 285 -0.05 38.89 22.40
C CYS F 285 0.93 38.75 23.57
N VAL F 286 1.05 37.57 24.15
CA VAL F 286 2.04 37.39 25.21
C VAL F 286 3.43 37.21 24.60
N THR F 287 3.53 36.36 23.59
CA THR F 287 4.76 36.26 22.82
C THR F 287 4.73 37.27 21.69
N SER F 288 5.84 37.33 20.94
CA SER F 288 5.98 38.36 19.92
C SER F 288 5.10 38.11 18.70
N TYR F 289 4.73 36.85 18.45
CA TYR F 289 3.91 36.54 17.28
C TYR F 289 2.43 36.71 17.54
N GLY F 290 2.03 37.04 18.75
CA GLY F 290 0.63 37.22 19.05
C GLY F 290 -0.07 35.97 19.54
N TYR F 291 0.66 34.90 19.79
CA TYR F 291 0.08 33.69 20.36
C TYR F 291 -0.26 33.93 21.82
N GLY F 292 -1.23 33.17 22.30
CA GLY F 292 -1.65 33.29 23.68
C GLY F 292 -0.66 32.64 24.63
N LEU F 293 -1.17 32.31 25.81
CA LEU F 293 -0.36 31.57 26.75
C LEU F 293 -0.82 30.13 26.86
N ARG F 294 -2.08 29.86 26.56
CA ARG F 294 -2.55 28.47 26.49
C ARG F 294 -1.95 27.76 25.29
N GLU F 295 -1.74 28.48 24.19
CA GLU F 295 -1.15 27.87 22.99
C GLU F 295 0.30 27.51 23.20
N THR F 296 1.01 28.22 24.09
CA THR F 296 2.44 28.03 24.21
C THR F 296 2.85 27.34 25.49
N LEU F 297 2.45 27.85 26.64
CA LEU F 297 2.92 27.26 27.89
C LEU F 297 2.14 26.00 28.22
N PHE F 298 0.82 26.12 28.39
CA PHE F 298 0.04 25.00 28.86
C PHE F 298 -0.16 23.93 27.81
N TYR F 299 0.02 24.25 26.53
CA TYR F 299 0.07 23.19 25.53
C TYR F 299 1.34 22.39 25.68
N ASN F 300 2.45 23.05 25.98
CA ASN F 300 3.72 22.35 26.10
C ASN F 300 3.92 21.72 27.47
N LEU F 301 3.04 22.01 28.42
CA LEU F 301 3.04 21.25 29.66
C LEU F 301 2.01 20.15 29.65
N PHE F 302 0.81 20.43 29.14
CA PHE F 302 -0.28 19.47 29.07
C PHE F 302 -0.56 19.21 27.60
N SER F 303 0.21 18.32 26.99
CA SER F 303 0.14 18.13 25.55
C SER F 303 -0.84 17.00 25.25
N ARG F 304 -2.13 17.35 25.16
CA ARG F 304 -3.21 16.45 24.75
C ARG F 304 -3.29 15.21 25.62
N LEU F 305 -3.63 15.38 26.89
CA LEU F 305 -3.80 14.24 27.77
C LEU F 305 -5.23 14.22 28.28
N GLN F 306 -5.83 13.03 28.28
CA GLN F 306 -7.22 12.90 28.69
C GLN F 306 -7.34 12.91 30.20
N VAL F 307 -8.49 13.34 30.69
CA VAL F 307 -8.84 13.28 32.09
C VAL F 307 -10.08 12.41 32.23
N TYR F 308 -9.96 11.34 33.01
CA TYR F 308 -10.96 10.30 33.17
C TYR F 308 -11.39 10.21 34.62
N LYS F 309 -12.65 9.82 34.83
CA LYS F 309 -13.21 9.84 36.18
C LYS F 309 -12.72 8.66 37.01
N THR F 310 -12.58 7.50 36.41
CA THR F 310 -12.32 6.27 37.14
C THR F 310 -11.06 5.62 36.58
N ARG F 311 -10.29 4.99 37.48
CA ARG F 311 -9.13 4.20 37.08
C ARG F 311 -9.51 3.08 36.12
N ALA F 312 -10.64 2.41 36.38
CA ALA F 312 -11.10 1.37 35.47
C ALA F 312 -11.58 1.94 34.16
N ASP F 313 -12.16 3.15 34.17
CA ASP F 313 -12.52 3.80 32.93
C ASP F 313 -11.30 4.32 32.19
N MET F 314 -10.18 4.52 32.88
CA MET F 314 -8.97 4.89 32.18
C MET F 314 -8.32 3.67 31.54
N ILE F 315 -8.33 2.53 32.23
CA ILE F 315 -7.75 1.33 31.65
C ILE F 315 -8.62 0.79 30.51
N SER F 316 -9.94 0.91 30.63
CA SER F 316 -10.81 0.37 29.59
C SER F 316 -10.81 1.21 28.32
N ALA F 317 -10.30 2.44 28.37
CA ALA F 317 -10.17 3.27 27.18
C ALA F 317 -8.71 3.49 26.82
N LEU F 318 -7.85 2.55 27.20
CA LEU F 318 -6.44 2.64 26.89
C LEU F 318 -6.08 2.67 25.40
N PRO F 319 -6.76 2.01 24.46
CA PRO F 319 -6.35 2.19 23.05
C PRO F 319 -6.62 3.58 22.49
N CYS F 320 -7.56 4.34 23.06
CA CYS F 320 -7.89 5.63 22.46
C CYS F 320 -6.99 6.75 22.96
N ILE F 321 -6.33 6.59 24.10
CA ILE F 321 -5.53 7.69 24.63
C ILE F 321 -4.21 7.78 23.87
N SER F 322 -3.90 8.99 23.38
CA SER F 322 -2.72 9.19 22.56
C SER F 322 -1.52 9.44 23.45
N ASP F 323 -1.46 10.55 24.17
CA ASP F 323 -0.24 10.90 24.88
C ASP F 323 -0.27 10.43 26.33
N GLY F 324 -1.25 10.89 27.10
CA GLY F 324 -1.31 10.55 28.50
C GLY F 324 -2.74 10.56 28.99
N ALA F 325 -2.92 10.07 30.20
CA ALA F 325 -4.25 10.04 30.78
C ALA F 325 -4.12 10.20 32.28
N VAL F 326 -5.09 10.88 32.87
CA VAL F 326 -5.10 11.21 34.28
C VAL F 326 -6.44 10.79 34.87
N SER F 327 -6.41 9.90 35.84
CA SER F 327 -7.62 9.42 36.47
C SER F 327 -7.96 10.29 37.66
N LEU F 328 -9.23 10.69 37.76
CA LEU F 328 -9.65 11.70 38.70
C LEU F 328 -9.68 11.20 40.14
N ASP F 329 -9.49 9.91 40.38
CA ASP F 329 -9.36 9.43 41.75
C ASP F 329 -7.94 9.06 42.12
N GLY F 330 -7.20 8.42 41.23
CA GLY F 330 -5.91 7.89 41.59
C GLY F 330 -4.79 8.11 40.60
N GLY F 331 -4.19 7.00 40.17
CA GLY F 331 -2.97 7.03 39.40
C GLY F 331 -3.13 7.54 37.99
N ILE F 332 -1.98 7.83 37.38
CA ILE F 332 -1.88 8.45 36.06
C ILE F 332 -0.84 7.70 35.25
N ILE F 333 -0.80 7.99 33.95
CA ILE F 333 0.22 7.45 33.05
C ILE F 333 0.79 8.58 32.22
N ARG F 334 2.12 8.62 32.11
CA ARG F 334 2.75 9.68 31.34
C ARG F 334 2.80 9.34 29.85
N LYS F 335 3.17 8.11 29.53
CA LYS F 335 3.22 7.65 28.15
C LYS F 335 2.34 6.42 27.99
N THR F 336 2.47 5.74 26.85
CA THR F 336 1.57 4.64 26.55
C THR F 336 1.86 3.42 27.41
N GLY F 337 3.11 2.98 27.45
CA GLY F 337 3.41 1.77 28.18
C GLY F 337 3.73 1.99 29.64
N ILE F 338 3.99 3.24 30.00
CA ILE F 338 4.48 3.57 31.33
C ILE F 338 3.30 3.75 32.28
N PHE F 339 3.22 2.90 33.29
CA PHE F 339 2.13 2.94 34.28
C PHE F 339 2.71 3.35 35.62
N ASN F 340 2.16 4.41 36.20
CA ASN F 340 2.53 4.84 37.55
C ASN F 340 1.53 4.30 38.56
N LEU F 341 2.05 3.71 39.63
CA LEU F 341 1.24 3.02 40.62
C LEU F 341 2.02 2.92 41.92
N GLY F 342 1.31 2.64 42.99
CA GLY F 342 1.86 2.65 44.34
C GLY F 342 1.27 3.79 45.16
N ASN F 343 1.80 3.94 46.37
CA ASN F 343 1.35 4.99 47.29
C ASN F 343 1.64 6.35 46.68
N ARG F 344 0.60 7.18 46.62
CA ARG F 344 0.63 8.36 45.77
C ARG F 344 1.50 9.45 46.37
N ASP F 345 2.63 9.72 45.74
CA ASP F 345 3.50 10.80 46.20
C ASP F 345 2.87 12.14 45.89
N GLU F 346 2.77 12.98 46.92
CA GLU F 346 2.08 14.25 46.80
C GLU F 346 3.07 15.37 46.48
N VAL F 347 2.54 16.43 45.90
CA VAL F 347 3.28 17.65 45.62
C VAL F 347 2.60 18.77 46.37
N ASN F 348 3.40 19.53 47.14
CA ASN F 348 2.83 20.52 48.05
C ASN F 348 2.22 21.70 47.30
N VAL F 349 2.75 22.03 46.14
CA VAL F 349 2.27 23.19 45.39
C VAL F 349 1.06 22.77 44.56
N ARG F 350 0.05 23.63 44.53
CA ARG F 350 -1.14 23.39 43.72
C ARG F 350 -1.44 24.63 42.90
N PHE F 351 -2.37 24.48 41.96
CA PHE F 351 -2.88 25.65 41.27
C PHE F 351 -3.84 26.41 42.17
N ALA F 352 -3.95 27.71 41.91
CA ALA F 352 -4.76 28.55 42.76
C ALA F 352 -6.24 28.35 42.51
N LYS F 353 -7.04 28.89 43.38
CA LYS F 353 -8.46 28.98 43.13
C LYS F 353 -8.75 30.18 42.23
N PRO F 354 -9.78 30.12 41.38
CA PRO F 354 -10.13 31.29 40.57
C PRO F 354 -10.94 32.28 41.40
N THR F 355 -10.60 33.56 41.28
CA THR F 355 -11.31 34.61 41.98
C THR F 355 -11.78 35.67 41.01
#